data_6WQG
# 
_entry.id   6WQG 
# 
_audit_conform.dict_name       mmcif_pdbx.dic 
_audit_conform.dict_version    5.380 
_audit_conform.dict_location   http://mmcif.pdb.org/dictionaries/ascii/mmcif_pdbx.dic 
# 
loop_
_database_2.database_id 
_database_2.database_code 
_database_2.pdbx_database_accession 
_database_2.pdbx_DOI 
PDB   6WQG         pdb_00006wqg 10.2210/pdb6wqg/pdb 
WWPDB D_1000248828 ?            ?                   
# 
_pdbx_database_status.status_code                     REL 
_pdbx_database_status.status_code_sf                  REL 
_pdbx_database_status.status_code_mr                  ? 
_pdbx_database_status.entry_id                        6WQG 
_pdbx_database_status.recvd_initial_deposition_date   2020-04-28 
_pdbx_database_status.SG_entry                        N 
_pdbx_database_status.deposit_site                    RCSB 
_pdbx_database_status.process_site                    RCSB 
_pdbx_database_status.status_code_cs                  ? 
_pdbx_database_status.status_code_nmr_data            ? 
_pdbx_database_status.methods_development_category    ? 
_pdbx_database_status.pdb_format_compatible           Y 
# 
loop_
_audit_author.name 
_audit_author.pdbx_ordinal 
_audit_author.identifier_ORCID 
'Simmons, C.R.'      1 0000-0002-2290-6132 
'MacCulloch, T.'     2 0000-0001-5875-3361 
'Stephanopoulos, N.' 3 0000-0001-7859-410X 
'Yan, H.'            4 0000-0001-7397-9852 
# 
_citation.abstract                  ? 
_citation.abstract_id_CAS           ? 
_citation.book_id_ISBN              ? 
_citation.book_publisher            ? 
_citation.book_publisher_city       ? 
_citation.book_title                ? 
_citation.coordinate_linkage        ? 
_citation.country                   UK 
_citation.database_id_Medline       ? 
_citation.details                   ? 
_citation.id                        primary 
_citation.journal_abbrev            'Nat Commun' 
_citation.journal_id_ASTM           ? 
_citation.journal_id_CSD            ? 
_citation.journal_id_ISSN           2041-1723 
_citation.journal_full              ? 
_citation.journal_issue             ? 
_citation.journal_volume            13 
_citation.language                  ? 
_citation.page_first                3112 
_citation.page_last                 3112 
_citation.title                     'The influence of Holliday junction sequence and dynamics on DNA crystal self-assembly.' 
_citation.year                      2022 
_citation.database_id_CSD           ? 
_citation.pdbx_database_id_DOI      10.1038/s41467-022-30779-6 
_citation.pdbx_database_id_PubMed   35662248 
_citation.unpublished_flag          ? 
# 
loop_
_citation_author.citation_id 
_citation_author.name 
_citation_author.ordinal 
_citation_author.identifier_ORCID 
primary 'Simmons, C.R.'      1  ?                   
primary 'MacCulloch, T.'     2  ?                   
primary 'Krepl, M.'          3  0000-0002-9833-4281 
primary 'Matthies, M.'       4  ?                   
primary 'Buchberger, A.'     5  ?                   
primary 'Crawford, I.'       6  ?                   
primary 'Sponer, J.'         7  0000-0001-6558-6186 
primary 'Sulc, P.'           8  0000-0003-1565-6769 
primary 'Stephanopoulos, N.' 9  0000-0001-7859-410X 
primary 'Yan, H.'            10 0000-0001-7397-9852 
# 
_cell.angle_alpha                  90.000 
_cell.angle_alpha_esd              ? 
_cell.angle_beta                   90.000 
_cell.angle_beta_esd               ? 
_cell.angle_gamma                  120.000 
_cell.angle_gamma_esd              ? 
_cell.entry_id                     6WQG 
_cell.details                      ? 
_cell.formula_units_Z              ? 
_cell.length_a                     68.932 
_cell.length_a_esd                 ? 
_cell.length_b                     68.932 
_cell.length_b_esd                 ? 
_cell.length_c                     60.748 
_cell.length_c_esd                 ? 
_cell.volume                       ? 
_cell.volume_esd                   ? 
_cell.Z_PDB                        3 
_cell.reciprocal_angle_alpha       ? 
_cell.reciprocal_angle_beta        ? 
_cell.reciprocal_angle_gamma       ? 
_cell.reciprocal_angle_alpha_esd   ? 
_cell.reciprocal_angle_beta_esd    ? 
_cell.reciprocal_angle_gamma_esd   ? 
_cell.reciprocal_length_a          ? 
_cell.reciprocal_length_b          ? 
_cell.reciprocal_length_c          ? 
_cell.reciprocal_length_a_esd      ? 
_cell.reciprocal_length_b_esd      ? 
_cell.reciprocal_length_c_esd      ? 
_cell.pdbx_unique_axis             ? 
# 
_symmetry.entry_id                         6WQG 
_symmetry.cell_setting                     ? 
_symmetry.Int_Tables_number                145 
_symmetry.space_group_name_Hall            ? 
_symmetry.space_group_name_H-M             'P 32' 
_symmetry.pdbx_full_space_group_name_H-M   ? 
# 
loop_
_entity.id 
_entity.type 
_entity.src_method 
_entity.pdbx_description 
_entity.formula_weight 
_entity.pdbx_number_of_molecules 
_entity.pdbx_ec 
_entity.pdbx_mutation 
_entity.pdbx_fragment 
_entity.details 
1 polymer     syn 
;DNA (5'-D(*GP*AP*GP*CP*AP*GP*AP*CP*GP*TP*GP*AP*CP*TP*CP*CP*AP*CP*TP*CP*A)-3')
;
6417.162 1 ? ? ? ? 
2 polymer     syn 
;DNA (5'-D(P*AP*GP*TP*CP*A)-3')
;
1504.037 1 ? ? ? ? 
3 polymer     syn 
;DNA (5'-D(*TP*CP*TP*GP*AP*GP*TP*GP*G)-3')
;
2786.833 1 ? ? ? ? 
4 polymer     syn 
;DNA (5'-D(P*CP*GP*TP*CP*TP*GP*C)-3')
;
2089.385 1 ? ? ? ? 
5 non-polymer syn 'CACODYLATE ION'                                                                136.989  3 ? ? ? ? 
6 non-polymer syn 'MAGNESIUM ION'                                                                 24.305   1 ? ? ? ? 
# 
loop_
_entity_poly.entity_id 
_entity_poly.type 
_entity_poly.nstd_linkage 
_entity_poly.nstd_monomer 
_entity_poly.pdbx_seq_one_letter_code 
_entity_poly.pdbx_seq_one_letter_code_can 
_entity_poly.pdbx_strand_id 
_entity_poly.pdbx_target_identifier 
1 polydeoxyribonucleotide no no 
;(DG)(DA)(DG)(DC)(DA)(DG)(DA)(DC)(DG)(DT)(DG)(DA)(DC)(DT)(DC)(DC)(DA)(DC)(DT)(DC)
(DA)
;
GAGCAGACGTGACTCCACTCA A ? 
2 polydeoxyribonucleotide no no '(DA)(DG)(DT)(DC)(DA)'                                                                  AGTCA B ? 
3 polydeoxyribonucleotide no no '(DT)(DC)(DT)(DG)(DA)(DG)(DT)(DG)(DG)'                                                  TCTGAGTGG 
C ? 
4 polydeoxyribonucleotide no no '(DC)(DG)(DT)(DC)(DT)(DG)(DC)'                                                          CGTCTGC D 
? 
# 
loop_
_entity_poly_seq.entity_id 
_entity_poly_seq.num 
_entity_poly_seq.mon_id 
_entity_poly_seq.hetero 
1 1  DG n 
1 2  DA n 
1 3  DG n 
1 4  DC n 
1 5  DA n 
1 6  DG n 
1 7  DA n 
1 8  DC n 
1 9  DG n 
1 10 DT n 
1 11 DG n 
1 12 DA n 
1 13 DC n 
1 14 DT n 
1 15 DC n 
1 16 DC n 
1 17 DA n 
1 18 DC n 
1 19 DT n 
1 20 DC n 
1 21 DA n 
2 1  DA n 
2 2  DG n 
2 3  DT n 
2 4  DC n 
2 5  DA n 
3 1  DT n 
3 2  DC n 
3 3  DT n 
3 4  DG n 
3 5  DA n 
3 6  DG n 
3 7  DT n 
3 8  DG n 
3 9  DG n 
4 1  DC n 
4 2  DG n 
4 3  DT n 
4 4  DC n 
4 5  DT n 
4 6  DG n 
4 7  DC n 
# 
loop_
_pdbx_entity_src_syn.entity_id 
_pdbx_entity_src_syn.pdbx_src_id 
_pdbx_entity_src_syn.pdbx_alt_source_flag 
_pdbx_entity_src_syn.pdbx_beg_seq_num 
_pdbx_entity_src_syn.pdbx_end_seq_num 
_pdbx_entity_src_syn.organism_scientific 
_pdbx_entity_src_syn.organism_common_name 
_pdbx_entity_src_syn.ncbi_taxonomy_id 
_pdbx_entity_src_syn.details 
1 1 sample 1 21 'synthetic construct' ? 32630 ? 
2 1 sample 1 5  'synthetic construct' ? 32630 ? 
3 1 sample 1 9  'synthetic construct' ? 32630 ? 
4 1 sample 1 7  'synthetic construct' ? 32630 ? 
# 
loop_
_struct_ref.id 
_struct_ref.db_name 
_struct_ref.db_code 
_struct_ref.pdbx_db_accession 
_struct_ref.pdbx_db_isoform 
_struct_ref.entity_id 
_struct_ref.pdbx_seq_one_letter_code 
_struct_ref.pdbx_align_begin 
1 PDB 6WQG 6WQG ? 1 ? 1 
2 PDB 6WQG 6WQG ? 2 ? 1 
3 PDB 6WQG 6WQG ? 3 ? 1 
4 PDB 6WQG 6WQG ? 4 ? 1 
# 
loop_
_struct_ref_seq.align_id 
_struct_ref_seq.ref_id 
_struct_ref_seq.pdbx_PDB_id_code 
_struct_ref_seq.pdbx_strand_id 
_struct_ref_seq.seq_align_beg 
_struct_ref_seq.pdbx_seq_align_beg_ins_code 
_struct_ref_seq.seq_align_end 
_struct_ref_seq.pdbx_seq_align_end_ins_code 
_struct_ref_seq.pdbx_db_accession 
_struct_ref_seq.db_align_beg 
_struct_ref_seq.pdbx_db_align_beg_ins_code 
_struct_ref_seq.db_align_end 
_struct_ref_seq.pdbx_db_align_end_ins_code 
_struct_ref_seq.pdbx_auth_seq_align_beg 
_struct_ref_seq.pdbx_auth_seq_align_end 
1 1 6WQG A 1 ? 21 ? 6WQG 1  ? 21 ? 1  21 
2 2 6WQG B 1 ? 5  ? 6WQG 1  ? 5  ? 1  5  
3 3 6WQG C 1 ? 9  ? 6WQG 1  ? 9  ? 1  9  
4 4 6WQG D 1 ? 7  ? 6WQG 10 ? 16 ? 10 16 
# 
loop_
_chem_comp.id 
_chem_comp.type 
_chem_comp.mon_nstd_flag 
_chem_comp.name 
_chem_comp.pdbx_synonyms 
_chem_comp.formula 
_chem_comp.formula_weight 
CAC non-polymer   . 'CACODYLATE ION'                     dimethylarsinate 'C2 H6 As O2 -1'  136.989 
DA  'DNA linking' y "2'-DEOXYADENOSINE-5'-MONOPHOSPHATE" ?                'C10 H14 N5 O6 P' 331.222 
DC  'DNA linking' y "2'-DEOXYCYTIDINE-5'-MONOPHOSPHATE"  ?                'C9 H14 N3 O7 P'  307.197 
DG  'DNA linking' y "2'-DEOXYGUANOSINE-5'-MONOPHOSPHATE" ?                'C10 H14 N5 O7 P' 347.221 
DT  'DNA linking' y "THYMIDINE-5'-MONOPHOSPHATE"         ?                'C10 H15 N2 O8 P' 322.208 
MG  non-polymer   . 'MAGNESIUM ION'                      ?                'Mg 2'            24.305  
# 
_exptl.absorpt_coefficient_mu     ? 
_exptl.absorpt_correction_T_max   ? 
_exptl.absorpt_correction_T_min   ? 
_exptl.absorpt_correction_type    ? 
_exptl.absorpt_process_details    ? 
_exptl.entry_id                   6WQG 
_exptl.crystals_number            1 
_exptl.details                    ? 
_exptl.method                     'X-RAY DIFFRACTION' 
_exptl.method_details             ? 
# 
_exptl_crystal.colour                      ? 
_exptl_crystal.density_diffrn              ? 
_exptl_crystal.density_Matthews            6.51 
_exptl_crystal.density_method              ? 
_exptl_crystal.density_percent_sol         81.11 
_exptl_crystal.description                 ? 
_exptl_crystal.F_000                       ? 
_exptl_crystal.id                          1 
_exptl_crystal.preparation                 ? 
_exptl_crystal.size_max                    ? 
_exptl_crystal.size_mid                    ? 
_exptl_crystal.size_min                    ? 
_exptl_crystal.size_rad                    ? 
_exptl_crystal.colour_lustre               ? 
_exptl_crystal.colour_modifier             ? 
_exptl_crystal.colour_primary              ? 
_exptl_crystal.density_meas                ? 
_exptl_crystal.density_meas_esd            ? 
_exptl_crystal.density_meas_gt             ? 
_exptl_crystal.density_meas_lt             ? 
_exptl_crystal.density_meas_temp           ? 
_exptl_crystal.density_meas_temp_esd       ? 
_exptl_crystal.density_meas_temp_gt        ? 
_exptl_crystal.density_meas_temp_lt        ? 
_exptl_crystal.pdbx_crystal_image_url      ? 
_exptl_crystal.pdbx_crystal_image_format   ? 
_exptl_crystal.pdbx_mosaicity              ? 
_exptl_crystal.pdbx_mosaicity_esd          ? 
# 
_exptl_crystal_grow.apparatus       ? 
_exptl_crystal_grow.atmosphere      ? 
_exptl_crystal_grow.crystal_id      1 
_exptl_crystal_grow.details         ? 
_exptl_crystal_grow.method          'VAPOR DIFFUSION, SITTING DROP' 
_exptl_crystal_grow.method_ref      ? 
_exptl_crystal_grow.pH              ? 
_exptl_crystal_grow.pressure        ? 
_exptl_crystal_grow.pressure_esd    ? 
_exptl_crystal_grow.seeding         ? 
_exptl_crystal_grow.seeding_ref     ? 
_exptl_crystal_grow.temp            298 
_exptl_crystal_grow.temp_details    'temperature gradient generated from 60 to 25 C at 0.3 degrees per hour' 
_exptl_crystal_grow.temp_esd        ? 
_exptl_crystal_grow.time            ? 
_exptl_crystal_grow.pdbx_details    
;0.5 mL of 0.05 M Cacodylate pH 7.0, 20 mM MgCl2, 1.0 mM spermine, 1.0 mM CoH18N6, and 15% ethanol was added to the reservoir with 2 uL added to the drop containing 4 uL of DNA stock
;
_exptl_crystal_grow.pdbx_pH_range   ? 
# 
_diffrn.ambient_environment              ? 
_diffrn.ambient_temp                     100 
_diffrn.ambient_temp_details             ? 
_diffrn.ambient_temp_esd                 ? 
_diffrn.crystal_id                       1 
_diffrn.crystal_support                  ? 
_diffrn.crystal_treatment                ? 
_diffrn.details                          ? 
_diffrn.id                               1 
_diffrn.ambient_pressure                 ? 
_diffrn.ambient_pressure_esd             ? 
_diffrn.ambient_pressure_gt              ? 
_diffrn.ambient_pressure_lt              ? 
_diffrn.ambient_temp_gt                  ? 
_diffrn.ambient_temp_lt                  ? 
_diffrn.pdbx_serial_crystal_experiment   N 
# 
_diffrn_detector.details                      ? 
_diffrn_detector.detector                     PIXEL 
_diffrn_detector.diffrn_id                    1 
_diffrn_detector.type                         'DECTRIS PILATUS3 6M' 
_diffrn_detector.area_resol_mean              ? 
_diffrn_detector.dtime                        ? 
_diffrn_detector.pdbx_frames_total            ? 
_diffrn_detector.pdbx_collection_time_total   ? 
_diffrn_detector.pdbx_collection_date         2018-03-15 
_diffrn_detector.pdbx_frequency               ? 
# 
_diffrn_radiation.collimation                      ? 
_diffrn_radiation.diffrn_id                        1 
_diffrn_radiation.filter_edge                      ? 
_diffrn_radiation.inhomogeneity                    ? 
_diffrn_radiation.monochromator                    'double crystal si (111)' 
_diffrn_radiation.polarisn_norm                    ? 
_diffrn_radiation.polarisn_ratio                   ? 
_diffrn_radiation.probe                            ? 
_diffrn_radiation.type                             ? 
_diffrn_radiation.xray_symbol                      ? 
_diffrn_radiation.wavelength_id                    1 
_diffrn_radiation.pdbx_monochromatic_or_laue_m_l   M 
_diffrn_radiation.pdbx_wavelength_list             ? 
_diffrn_radiation.pdbx_wavelength                  ? 
_diffrn_radiation.pdbx_diffrn_protocol             'SINGLE WAVELENGTH' 
_diffrn_radiation.pdbx_analyzer                    ? 
_diffrn_radiation.pdbx_scattering_type             x-ray 
# 
_diffrn_radiation_wavelength.id           1 
_diffrn_radiation_wavelength.wavelength   1.0 
_diffrn_radiation_wavelength.wt           1.0 
# 
_diffrn_source.current                     ? 
_diffrn_source.details                     ? 
_diffrn_source.diffrn_id                   1 
_diffrn_source.power                       ? 
_diffrn_source.size                        ? 
_diffrn_source.source                      SYNCHROTRON 
_diffrn_source.target                      ? 
_diffrn_source.type                        'APS BEAMLINE 19-ID' 
_diffrn_source.voltage                     ? 
_diffrn_source.take-off_angle              ? 
_diffrn_source.pdbx_wavelength_list        1.0 
_diffrn_source.pdbx_wavelength             ? 
_diffrn_source.pdbx_synchrotron_beamline   19-ID 
_diffrn_source.pdbx_synchrotron_site       APS 
# 
_reflns.B_iso_Wilson_estimate            115.360 
_reflns.entry_id                         6WQG 
_reflns.data_reduction_details           ? 
_reflns.data_reduction_method            ? 
_reflns.d_resolution_high                3.000 
_reflns.d_resolution_low                 50.000 
_reflns.details                          ? 
_reflns.limit_h_max                      ? 
_reflns.limit_h_min                      ? 
_reflns.limit_k_max                      ? 
_reflns.limit_k_min                      ? 
_reflns.limit_l_max                      ? 
_reflns.limit_l_min                      ? 
_reflns.number_all                       ? 
_reflns.number_obs                       6381 
_reflns.observed_criterion               ? 
_reflns.observed_criterion_F_max         ? 
_reflns.observed_criterion_F_min         ? 
_reflns.observed_criterion_I_max         ? 
_reflns.observed_criterion_I_min         ? 
_reflns.observed_criterion_sigma_F       ? 
_reflns.observed_criterion_sigma_I       ? 
_reflns.percent_possible_obs             99.100 
_reflns.R_free_details                   ? 
_reflns.Rmerge_F_all                     ? 
_reflns.Rmerge_F_obs                     ? 
_reflns.Friedel_coverage                 ? 
_reflns.number_gt                        ? 
_reflns.threshold_expression             ? 
_reflns.pdbx_redundancy                  10.100 
_reflns.pdbx_Rmerge_I_obs                0.098 
_reflns.pdbx_Rmerge_I_all                ? 
_reflns.pdbx_Rsym_value                  ? 
_reflns.pdbx_netI_over_av_sigmaI         ? 
_reflns.pdbx_netI_over_sigmaI            8.000 
_reflns.pdbx_res_netI_over_av_sigmaI_2   ? 
_reflns.pdbx_res_netI_over_sigmaI_2      ? 
_reflns.pdbx_chi_squared                 5.400 
_reflns.pdbx_scaling_rejects             ? 
_reflns.pdbx_d_res_high_opt              ? 
_reflns.pdbx_d_res_low_opt               ? 
_reflns.pdbx_d_res_opt_method            ? 
_reflns.phase_calculation_details        ? 
_reflns.pdbx_Rrim_I_all                  0.103 
_reflns.pdbx_Rpim_I_all                  0.032 
_reflns.pdbx_d_opt                       ? 
_reflns.pdbx_number_measured_all         64132 
_reflns.pdbx_diffrn_id                   1 
_reflns.pdbx_ordinal                     1 
_reflns.pdbx_CC_half                     1.00 
_reflns.pdbx_CC_star                     ? 
_reflns.pdbx_R_split                     ? 
# 
loop_
_reflns_shell.d_res_high 
_reflns_shell.d_res_low 
_reflns_shell.meanI_over_sigI_all 
_reflns_shell.meanI_over_sigI_obs 
_reflns_shell.number_measured_all 
_reflns_shell.number_measured_obs 
_reflns_shell.number_possible 
_reflns_shell.number_unique_all 
_reflns_shell.number_unique_obs 
_reflns_shell.percent_possible_all 
_reflns_shell.percent_possible_obs 
_reflns_shell.Rmerge_F_all 
_reflns_shell.Rmerge_F_obs 
_reflns_shell.Rmerge_I_all 
_reflns_shell.Rmerge_I_obs 
_reflns_shell.meanI_over_sigI_gt 
_reflns_shell.meanI_over_uI_all 
_reflns_shell.meanI_over_uI_gt 
_reflns_shell.number_measured_gt 
_reflns_shell.number_unique_gt 
_reflns_shell.percent_possible_gt 
_reflns_shell.Rmerge_F_gt 
_reflns_shell.Rmerge_I_gt 
_reflns_shell.pdbx_redundancy 
_reflns_shell.pdbx_Rsym_value 
_reflns_shell.pdbx_chi_squared 
_reflns_shell.pdbx_netI_over_sigmaI_all 
_reflns_shell.pdbx_netI_over_sigmaI_obs 
_reflns_shell.pdbx_Rrim_I_all 
_reflns_shell.pdbx_Rpim_I_all 
_reflns_shell.pdbx_rejects 
_reflns_shell.pdbx_ordinal 
_reflns_shell.pdbx_diffrn_id 
_reflns_shell.pdbx_CC_half 
_reflns_shell.pdbx_CC_star 
_reflns_shell.pdbx_R_split 
3.000 3.050  ? ? ? ? ? ? 283 90.400  ? ? ? ? 0.621 ? ? ? ? ? ? ? ? 8.100  ? 0.460  ? ? 0.659 0.212 ? 1  1 0.938 ? ? 
3.050 3.110  ? ? ? ? ? ? 308 98.100  ? ? ? ? 0.294 ? ? ? ? ? ? ? ? 8.300  ? 0.528  ? ? 0.311 0.100 ? 2  1 0.989 ? ? 
3.110 3.170  ? ? ? ? ? ? 333 99.100  ? ? ? ? 0.235 ? ? ? ? ? ? ? ? 9.000  ? 0.751  ? ? 0.249 0.081 ? 3  1 0.993 ? ? 
3.170 3.230  ? ? ? ? ? ? 289 98.600  ? ? ? ? 0.128 ? ? ? ? ? ? ? ? 8.800  ? 0.852  ? ? 0.136 0.044 ? 4  1 0.995 ? ? 
3.230 3.300  ? ? ? ? ? ? 340 100.000 ? ? ? ? 0.106 ? ? ? ? ? ? ? ? 8.800  ? 0.771  ? ? 0.114 0.041 ? 5  1 0.996 ? ? 
3.300 3.380  ? ? ? ? ? ? 315 99.700  ? ? ? ? 0.127 ? ? ? ? ? ? ? ? 10.400 ? 1.065  ? ? 0.133 0.039 ? 6  1 0.997 ? ? 
3.380 3.460  ? ? ? ? ? ? 315 100.000 ? ? ? ? 0.107 ? ? ? ? ? ? ? ? 10.700 ? 1.120  ? ? 0.112 0.033 ? 7  1 0.997 ? ? 
3.460 3.560  ? ? ? ? ? ? 331 100.000 ? ? ? ? 0.144 ? ? ? ? ? ? ? ? 10.600 ? 0.995  ? ? 0.151 0.045 ? 8  1 0.995 ? ? 
3.560 3.660  ? ? ? ? ? ? 335 100.000 ? ? ? ? 0.145 ? ? ? ? ? ? ? ? 10.600 ? 1.181  ? ? 0.152 0.046 ? 9  1 0.994 ? ? 
3.660 3.780  ? ? ? ? ? ? 316 99.700  ? ? ? ? 0.160 ? ? ? ? ? ? ? ? 10.500 ? 1.682  ? ? 0.168 0.052 ? 10 1 0.993 ? ? 
3.780 3.910  ? ? ? ? ? ? 316 100.000 ? ? ? ? 0.138 ? ? ? ? ? ? ? ? 10.500 ? 2.382  ? ? 0.145 0.045 ? 11 1 0.991 ? ? 
3.910 4.070  ? ? ? ? ? ? 330 98.800  ? ? ? ? 0.149 ? ? ? ? ? ? ? ? 9.500  ? 4.607  ? ? 0.157 0.050 ? 12 1 0.992 ? ? 
4.070 4.260  ? ? ? ? ? ? 312 100.000 ? ? ? ? 0.135 ? ? ? ? ? ? ? ? 10.900 ? 4.198  ? ? 0.141 0.042 ? 13 1 0.992 ? ? 
4.260 4.480  ? ? ? ? ? ? 323 100.000 ? ? ? ? 0.136 ? ? ? ? ? ? ? ? 11.000 ? 4.988  ? ? 0.142 0.042 ? 14 1 0.989 ? ? 
4.480 4.760  ? ? ? ? ? ? 330 100.000 ? ? ? ? 0.126 ? ? ? ? ? ? ? ? 10.700 ? 4.557  ? ? 0.132 0.040 ? 15 1 0.988 ? ? 
4.760 5.130  ? ? ? ? ? ? 323 100.000 ? ? ? ? 0.126 ? ? ? ? ? ? ? ? 10.600 ? 6.161  ? ? 0.132 0.040 ? 16 1 0.991 ? ? 
5.130 5.640  ? ? ? ? ? ? 318 98.800  ? ? ? ? 0.116 ? ? ? ? ? ? ? ? 10.200 ? 12.485 ? ? 0.122 0.038 ? 17 1 0.993 ? ? 
5.640 6.460  ? ? ? ? ? ? 313 100.000 ? ? ? ? 0.114 ? ? ? ? ? ? ? ? 10.900 ? 12.340 ? ? 0.119 0.036 ? 18 1 0.978 ? ? 
6.460 8.130  ? ? ? ? ? ? 327 99.400  ? ? ? ? 0.086 ? ? ? ? ? ? ? ? 10.100 ? 12.998 ? ? 0.091 0.029 ? 19 1 0.996 ? ? 
8.130 50.000 ? ? ? ? ? ? 324 98.800  ? ? ? ? 0.078 ? ? ? ? ? ? ? ? 10.600 ? 28.680 ? ? 0.082 0.027 ? 20 1 0.998 ? ? 
# 
_refine.aniso_B[1][1]                            ? 
_refine.aniso_B[1][2]                            ? 
_refine.aniso_B[1][3]                            ? 
_refine.aniso_B[2][2]                            ? 
_refine.aniso_B[2][3]                            ? 
_refine.aniso_B[3][3]                            ? 
_refine.B_iso_max                                192.700 
_refine.B_iso_mean                               121.2336 
_refine.B_iso_min                                61.590 
_refine.correlation_coeff_Fo_to_Fc               ? 
_refine.correlation_coeff_Fo_to_Fc_free          ? 
_refine.details                                  ? 
_refine.diff_density_max                         ? 
_refine.diff_density_max_esd                     ? 
_refine.diff_density_min                         ? 
_refine.diff_density_min_esd                     ? 
_refine.diff_density_rms                         ? 
_refine.diff_density_rms_esd                     ? 
_refine.entry_id                                 6WQG 
_refine.pdbx_refine_id                           'X-RAY DIFFRACTION' 
_refine.ls_abs_structure_details                 ? 
_refine.ls_abs_structure_Flack                   ? 
_refine.ls_abs_structure_Flack_esd               ? 
_refine.ls_abs_structure_Rogers                  ? 
_refine.ls_abs_structure_Rogers_esd              ? 
_refine.ls_d_res_high                            3.0030 
_refine.ls_d_res_low                             34.4660 
_refine.ls_extinction_coef                       ? 
_refine.ls_extinction_coef_esd                   ? 
_refine.ls_extinction_expression                 ? 
_refine.ls_extinction_method                     ? 
_refine.ls_goodness_of_fit_all                   ? 
_refine.ls_goodness_of_fit_all_esd               ? 
_refine.ls_goodness_of_fit_obs                   ? 
_refine.ls_goodness_of_fit_obs_esd               ? 
_refine.ls_hydrogen_treatment                    ? 
_refine.ls_matrix_type                           ? 
_refine.ls_number_constraints                    ? 
_refine.ls_number_parameters                     ? 
_refine.ls_number_reflns_all                     ? 
_refine.ls_number_reflns_obs                     6163 
_refine.ls_number_reflns_R_free                  609 
_refine.ls_number_reflns_R_work                  ? 
_refine.ls_number_restraints                     ? 
_refine.ls_percent_reflns_obs                    95.9200 
_refine.ls_percent_reflns_R_free                 9.8800 
_refine.ls_R_factor_all                          ? 
_refine.ls_R_factor_obs                          0.2347 
_refine.ls_R_factor_R_free                       0.2505 
_refine.ls_R_factor_R_free_error                 ? 
_refine.ls_R_factor_R_free_error_details         ? 
_refine.ls_R_factor_R_work                       0.2330 
_refine.ls_R_Fsqd_factor_obs                     ? 
_refine.ls_R_I_factor_obs                        ? 
_refine.ls_redundancy_reflns_all                 ? 
_refine.ls_redundancy_reflns_obs                 ? 
_refine.ls_restrained_S_all                      ? 
_refine.ls_restrained_S_obs                      ? 
_refine.ls_shift_over_esd_max                    ? 
_refine.ls_shift_over_esd_mean                   ? 
_refine.ls_structure_factor_coef                 ? 
_refine.ls_weighting_details                     ? 
_refine.ls_weighting_scheme                      ? 
_refine.ls_wR_factor_all                         ? 
_refine.ls_wR_factor_obs                         ? 
_refine.ls_wR_factor_R_free                      ? 
_refine.ls_wR_factor_R_work                      ? 
_refine.occupancy_max                            ? 
_refine.occupancy_min                            ? 
_refine.solvent_model_details                    ? 
_refine.solvent_model_param_bsol                 ? 
_refine.solvent_model_param_ksol                 ? 
_refine.pdbx_R_complete                          ? 
_refine.ls_R_factor_gt                           ? 
_refine.ls_goodness_of_fit_gt                    ? 
_refine.ls_goodness_of_fit_ref                   ? 
_refine.ls_shift_over_su_max                     ? 
_refine.ls_shift_over_su_max_lt                  ? 
_refine.ls_shift_over_su_mean                    ? 
_refine.ls_shift_over_su_mean_lt                 ? 
_refine.pdbx_ls_sigma_I                          ? 
_refine.pdbx_ls_sigma_F                          2.030 
_refine.pdbx_ls_sigma_Fsqd                       ? 
_refine.pdbx_data_cutoff_high_absF               ? 
_refine.pdbx_data_cutoff_high_rms_absF           ? 
_refine.pdbx_data_cutoff_low_absF                ? 
_refine.pdbx_isotropic_thermal_model             ? 
_refine.pdbx_ls_cross_valid_method               THROUGHOUT 
_refine.pdbx_method_to_determine_struct          'MOLECULAR REPLACEMENT' 
_refine.pdbx_starting_model                      5KEK 
_refine.pdbx_stereochemistry_target_values       ? 
_refine.pdbx_R_Free_selection_details            ? 
_refine.pdbx_stereochem_target_val_spec_case     ? 
_refine.pdbx_overall_ESU_R                       ? 
_refine.pdbx_overall_ESU_R_Free                  ? 
_refine.pdbx_solvent_vdw_probe_radii             1.1100 
_refine.pdbx_solvent_ion_probe_radii             ? 
_refine.pdbx_solvent_shrinkage_radii             0.9000 
_refine.pdbx_real_space_R                        ? 
_refine.pdbx_density_correlation                 ? 
_refine.pdbx_pd_number_of_powder_patterns        ? 
_refine.pdbx_pd_number_of_points                 ? 
_refine.pdbx_pd_meas_number_of_points            ? 
_refine.pdbx_pd_proc_ls_prof_R_factor            ? 
_refine.pdbx_pd_proc_ls_prof_wR_factor           ? 
_refine.pdbx_pd_Marquardt_correlation_coeff      ? 
_refine.pdbx_pd_Fsqrd_R_factor                   ? 
_refine.pdbx_pd_ls_matrix_band_width             ? 
_refine.pdbx_overall_phase_error                 38.3900 
_refine.pdbx_overall_SU_R_free_Cruickshank_DPI   ? 
_refine.pdbx_overall_SU_R_free_Blow_DPI          ? 
_refine.pdbx_overall_SU_R_Blow_DPI               ? 
_refine.pdbx_TLS_residual_ADP_flag               ? 
_refine.pdbx_diffrn_id                           1 
_refine.overall_SU_B                             ? 
_refine.overall_SU_ML                            0.4400 
_refine.overall_SU_R_Cruickshank_DPI             ? 
_refine.overall_SU_R_free                        ? 
_refine.overall_FOM_free_R_set                   ? 
_refine.overall_FOM_work_R_set                   ? 
_refine.pdbx_average_fsc_overall                 ? 
_refine.pdbx_average_fsc_work                    ? 
_refine.pdbx_average_fsc_free                    ? 
# 
_refine_hist.pdbx_refine_id                   'X-RAY DIFFRACTION' 
_refine_hist.cycle_id                         final 
_refine_hist.details                          ? 
_refine_hist.d_res_high                       3.0030 
_refine_hist.d_res_low                        34.4660 
_refine_hist.number_atoms_solvent             0 
_refine_hist.number_atoms_total               859 
_refine_hist.number_reflns_all                ? 
_refine_hist.number_reflns_obs                ? 
_refine_hist.number_reflns_R_free             ? 
_refine_hist.number_reflns_R_work             ? 
_refine_hist.R_factor_all                     ? 
_refine_hist.R_factor_obs                     ? 
_refine_hist.R_factor_R_free                  ? 
_refine_hist.R_factor_R_work                  ? 
_refine_hist.pdbx_number_residues_total       42 
_refine_hist.pdbx_B_iso_mean_ligand           126.41 
_refine_hist.pdbx_B_iso_mean_solvent          ? 
_refine_hist.pdbx_number_atoms_protein        0 
_refine_hist.pdbx_number_atoms_nucleic_acid   855 
_refine_hist.pdbx_number_atoms_ligand         4 
_refine_hist.pdbx_number_atoms_lipid          ? 
_refine_hist.pdbx_number_atoms_carb           ? 
_refine_hist.pdbx_pseudo_atom_details         ? 
# 
loop_
_refine_ls_restr.pdbx_refine_id 
_refine_ls_restr.criterion 
_refine_ls_restr.dev_ideal 
_refine_ls_restr.dev_ideal_target 
_refine_ls_restr.number 
_refine_ls_restr.rejects 
_refine_ls_restr.type 
_refine_ls_restr.weight 
_refine_ls_restr.pdbx_restraint_function 
'X-RAY DIFFRACTION' ? 0.006  ? 956  ? f_bond_d           ? ? 
'X-RAY DIFFRACTION' ? 0.820  ? 1467 ? f_angle_d          ? ? 
'X-RAY DIFFRACTION' ? 0.044  ? 166  ? f_chiral_restr     ? ? 
'X-RAY DIFFRACTION' ? 0.005  ? 42   ? f_plane_restr      ? ? 
'X-RAY DIFFRACTION' ? 36.651 ? 406  ? f_dihedral_angle_d ? ? 
# 
loop_
_refine_ls_shell.pdbx_refine_id 
_refine_ls_shell.d_res_high 
_refine_ls_shell.d_res_low 
_refine_ls_shell.number_reflns_all 
_refine_ls_shell.number_reflns_obs 
_refine_ls_shell.number_reflns_R_free 
_refine_ls_shell.number_reflns_R_work 
_refine_ls_shell.percent_reflns_obs 
_refine_ls_shell.percent_reflns_R_free 
_refine_ls_shell.R_factor_all 
_refine_ls_shell.R_factor_obs 
_refine_ls_shell.R_factor_R_free 
_refine_ls_shell.R_factor_R_free_error 
_refine_ls_shell.R_factor_R_work 
_refine_ls_shell.redundancy_reflns_all 
_refine_ls_shell.redundancy_reflns_obs 
_refine_ls_shell.wR_factor_all 
_refine_ls_shell.wR_factor_obs 
_refine_ls_shell.wR_factor_R_free 
_refine_ls_shell.wR_factor_R_work 
_refine_ls_shell.pdbx_R_complete 
_refine_ls_shell.pdbx_total_number_of_bins_used 
_refine_ls_shell.pdbx_phase_error 
_refine_ls_shell.pdbx_fsc_work 
_refine_ls_shell.pdbx_fsc_free 
'X-RAY DIFFRACTION' 3.0034 3.3055 . . 147 1288 90.0000  . . . 0.3654 0.0000 0.3353 . . . . . . . . . . . 
'X-RAY DIFFRACTION' 3.3055 3.7833 . . 149 1390 96.0000  . . . 0.3976 0.0000 0.3005 . . . . . . . . . . . 
'X-RAY DIFFRACTION' 3.7833 4.7645 . . 155 1448 100.0000 . . . 0.2995 0.0000 0.2913 . . . . . . . . . . . 
'X-RAY DIFFRACTION' 4.7645 34.466 . . 158 1428 99.0000  . . . 0.2019 0.0000 0.1857 . . . . . . . . . . . 
# 
_struct.entry_id                     6WQG 
_struct.title                        
'Self-assembly of a 3D DNA crystal lattice (4x5 duplex version) containing the J3 immobile Holliday junction' 
_struct.pdbx_model_details           ? 
_struct.pdbx_formula_weight          ? 
_struct.pdbx_formula_weight_method   ? 
_struct.pdbx_model_type_details      ? 
_struct.pdbx_CASP_flag               N 
# 
_struct_keywords.entry_id        6WQG 
_struct_keywords.text            
'Structural DNA nanotechnology, immobile Holliday junctions, 3D DNA self-assembly, designer DNA crystals, DNA' 
_struct_keywords.pdbx_keywords   DNA 
# 
loop_
_struct_asym.id 
_struct_asym.pdbx_blank_PDB_chainid_flag 
_struct_asym.pdbx_modified 
_struct_asym.entity_id 
_struct_asym.details 
A N N 1 ? 
B N N 2 ? 
C N N 3 ? 
D N N 4 ? 
E N N 5 ? 
F N N 5 ? 
G N N 6 ? 
H N N 5 ? 
# 
loop_
_struct_conn.id 
_struct_conn.conn_type_id 
_struct_conn.pdbx_leaving_atom_flag 
_struct_conn.pdbx_PDB_id 
_struct_conn.ptnr1_label_asym_id 
_struct_conn.ptnr1_label_comp_id 
_struct_conn.ptnr1_label_seq_id 
_struct_conn.ptnr1_label_atom_id 
_struct_conn.pdbx_ptnr1_label_alt_id 
_struct_conn.pdbx_ptnr1_PDB_ins_code 
_struct_conn.pdbx_ptnr1_standard_comp_id 
_struct_conn.ptnr1_symmetry 
_struct_conn.ptnr2_label_asym_id 
_struct_conn.ptnr2_label_comp_id 
_struct_conn.ptnr2_label_seq_id 
_struct_conn.ptnr2_label_atom_id 
_struct_conn.pdbx_ptnr2_label_alt_id 
_struct_conn.pdbx_ptnr2_PDB_ins_code 
_struct_conn.ptnr1_auth_asym_id 
_struct_conn.ptnr1_auth_comp_id 
_struct_conn.ptnr1_auth_seq_id 
_struct_conn.ptnr2_auth_asym_id 
_struct_conn.ptnr2_auth_comp_id 
_struct_conn.ptnr2_auth_seq_id 
_struct_conn.ptnr2_symmetry 
_struct_conn.pdbx_ptnr3_label_atom_id 
_struct_conn.pdbx_ptnr3_label_seq_id 
_struct_conn.pdbx_ptnr3_label_comp_id 
_struct_conn.pdbx_ptnr3_label_asym_id 
_struct_conn.pdbx_ptnr3_label_alt_id 
_struct_conn.pdbx_ptnr3_PDB_ins_code 
_struct_conn.details 
_struct_conn.pdbx_dist_value 
_struct_conn.pdbx_value_order 
_struct_conn.pdbx_role 
hydrog1  hydrog ? ? A DG 3  N1 ? ? ? 1_555 D DC 7 N3 ? ? A DG 3  D DC 16 1_555 ? ? ? ? ? ? WATSON-CRICK    ? ? ? 
hydrog2  hydrog ? ? A DG 3  N2 ? ? ? 1_555 D DC 7 O2 ? ? A DG 3  D DC 16 1_555 ? ? ? ? ? ? WATSON-CRICK    ? ? ? 
hydrog3  hydrog ? ? A DG 3  O6 ? ? ? 1_555 D DC 7 N4 ? ? A DG 3  D DC 16 1_555 ? ? ? ? ? ? WATSON-CRICK    ? ? ? 
hydrog4  hydrog ? ? A DC 4  N4 ? ? ? 1_555 D DT 5 O4 ? ? A DC 4  D DT 14 1_555 ? ? ? ? ? ? 'DC-DT MISPAIR' ? ? ? 
hydrog5  hydrog ? ? A DC 4  O2 ? ? ? 1_555 D DG 6 N2 ? ? A DC 4  D DG 15 1_555 ? ? ? ? ? ? 'DC-DG PAIR'    ? ? ? 
hydrog6  hydrog ? ? A DA 5  N1 ? ? ? 1_555 D DT 5 N3 ? ? A DA 5  D DT 14 1_555 ? ? ? ? ? ? 'DA-DT PAIR'    ? ? ? 
hydrog7  hydrog ? ? A DG 6  N1 ? ? ? 1_555 D DC 4 N3 ? ? A DG 6  D DC 13 1_555 ? ? ? ? ? ? WATSON-CRICK    ? ? ? 
hydrog8  hydrog ? ? A DG 6  N2 ? ? ? 1_555 D DC 4 O2 ? ? A DG 6  D DC 13 1_555 ? ? ? ? ? ? WATSON-CRICK    ? ? ? 
hydrog9  hydrog ? ? A DG 6  O6 ? ? ? 1_555 D DC 4 N4 ? ? A DG 6  D DC 13 1_555 ? ? ? ? ? ? WATSON-CRICK    ? ? ? 
hydrog10 hydrog ? ? A DA 7  N1 ? ? ? 1_555 D DT 3 N3 ? ? A DA 7  D DT 12 1_555 ? ? ? ? ? ? WATSON-CRICK    ? ? ? 
hydrog11 hydrog ? ? A DA 7  N6 ? ? ? 1_555 D DT 3 O4 ? ? A DA 7  D DT 12 1_555 ? ? ? ? ? ? WATSON-CRICK    ? ? ? 
hydrog12 hydrog ? ? A DC 8  N3 ? ? ? 1_555 D DG 2 N1 ? ? A DC 8  D DG 11 1_555 ? ? ? ? ? ? WATSON-CRICK    ? ? ? 
hydrog13 hydrog ? ? A DC 8  N4 ? ? ? 1_555 D DG 2 O6 ? ? A DC 8  D DG 11 1_555 ? ? ? ? ? ? WATSON-CRICK    ? ? ? 
hydrog14 hydrog ? ? A DC 8  O2 ? ? ? 1_555 D DG 2 N2 ? ? A DC 8  D DG 11 1_555 ? ? ? ? ? ? WATSON-CRICK    ? ? ? 
hydrog15 hydrog ? ? A DG 9  N1 ? ? ? 1_555 D DC 1 N3 ? ? A DG 9  D DC 10 1_555 ? ? ? ? ? ? WATSON-CRICK    ? ? ? 
hydrog16 hydrog ? ? A DG 9  N2 ? ? ? 1_555 D DC 1 O2 ? ? A DG 9  D DC 10 1_555 ? ? ? ? ? ? WATSON-CRICK    ? ? ? 
hydrog17 hydrog ? ? A DG 9  O6 ? ? ? 1_555 D DC 1 N4 ? ? A DG 9  D DC 10 1_555 ? ? ? ? ? ? WATSON-CRICK    ? ? ? 
hydrog18 hydrog ? ? A DT 10 N3 ? ? ? 1_555 B DA 5 N1 ? ? A DT 10 B DA 5  1_555 ? ? ? ? ? ? WATSON-CRICK    ? ? ? 
hydrog19 hydrog ? ? A DT 10 O4 ? ? ? 1_555 B DA 5 N6 ? ? A DT 10 B DA 5  1_555 ? ? ? ? ? ? WATSON-CRICK    ? ? ? 
hydrog20 hydrog ? ? A DG 11 N1 ? ? ? 1_555 B DC 4 N3 ? ? A DG 11 B DC 4  1_555 ? ? ? ? ? ? WATSON-CRICK    ? ? ? 
hydrog21 hydrog ? ? A DG 11 N2 ? ? ? 1_555 B DC 4 O2 ? ? A DG 11 B DC 4  1_555 ? ? ? ? ? ? WATSON-CRICK    ? ? ? 
hydrog22 hydrog ? ? A DG 11 O6 ? ? ? 1_555 B DC 4 N4 ? ? A DG 11 B DC 4  1_555 ? ? ? ? ? ? WATSON-CRICK    ? ? ? 
hydrog23 hydrog ? ? A DA 12 N1 ? ? ? 1_555 B DT 3 N3 ? ? A DA 12 B DT 3  1_555 ? ? ? ? ? ? WATSON-CRICK    ? ? ? 
hydrog24 hydrog ? ? A DA 12 N6 ? ? ? 1_555 B DT 3 O4 ? ? A DA 12 B DT 3  1_555 ? ? ? ? ? ? WATSON-CRICK    ? ? ? 
hydrog25 hydrog ? ? A DC 13 N3 ? ? ? 1_555 B DG 2 N1 ? ? A DC 13 B DG 2  1_555 ? ? ? ? ? ? WATSON-CRICK    ? ? ? 
hydrog26 hydrog ? ? A DC 13 N4 ? ? ? 1_555 B DG 2 O6 ? ? A DC 13 B DG 2  1_555 ? ? ? ? ? ? WATSON-CRICK    ? ? ? 
hydrog27 hydrog ? ? A DC 13 O2 ? ? ? 1_555 B DG 2 N2 ? ? A DC 13 B DG 2  1_555 ? ? ? ? ? ? WATSON-CRICK    ? ? ? 
hydrog28 hydrog ? ? A DT 14 N3 ? ? ? 1_555 B DA 1 N1 ? ? A DT 14 B DA 1  1_555 ? ? ? ? ? ? WATSON-CRICK    ? ? ? 
hydrog29 hydrog ? ? A DT 14 O4 ? ? ? 1_555 B DA 1 N6 ? ? A DT 14 B DA 1  1_555 ? ? ? ? ? ? WATSON-CRICK    ? ? ? 
hydrog30 hydrog ? ? A DC 15 N3 ? ? ? 1_555 C DG 9 N1 ? ? A DC 15 C DG 9  1_555 ? ? ? ? ? ? WATSON-CRICK    ? ? ? 
hydrog31 hydrog ? ? A DC 15 N4 ? ? ? 1_555 C DG 9 O6 ? ? A DC 15 C DG 9  1_555 ? ? ? ? ? ? WATSON-CRICK    ? ? ? 
hydrog32 hydrog ? ? A DC 15 O2 ? ? ? 1_555 C DG 9 N2 ? ? A DC 15 C DG 9  1_555 ? ? ? ? ? ? WATSON-CRICK    ? ? ? 
hydrog33 hydrog ? ? A DC 16 N3 ? ? ? 1_555 C DG 8 N1 ? ? A DC 16 C DG 8  1_555 ? ? ? ? ? ? WATSON-CRICK    ? ? ? 
hydrog34 hydrog ? ? A DC 16 N4 ? ? ? 1_555 C DG 8 O6 ? ? A DC 16 C DG 8  1_555 ? ? ? ? ? ? WATSON-CRICK    ? ? ? 
hydrog35 hydrog ? ? A DC 16 O2 ? ? ? 1_555 C DG 8 N2 ? ? A DC 16 C DG 8  1_555 ? ? ? ? ? ? WATSON-CRICK    ? ? ? 
hydrog36 hydrog ? ? A DA 17 N1 ? ? ? 1_555 C DT 7 N3 ? ? A DA 17 C DT 7  1_555 ? ? ? ? ? ? WATSON-CRICK    ? ? ? 
hydrog37 hydrog ? ? A DA 17 N6 ? ? ? 1_555 C DT 7 O4 ? ? A DA 17 C DT 7  1_555 ? ? ? ? ? ? WATSON-CRICK    ? ? ? 
hydrog38 hydrog ? ? A DC 18 N3 ? ? ? 1_555 C DG 6 N1 ? ? A DC 18 C DG 6  1_555 ? ? ? ? ? ? WATSON-CRICK    ? ? ? 
hydrog39 hydrog ? ? A DC 18 N4 ? ? ? 1_555 C DG 6 O6 ? ? A DC 18 C DG 6  1_555 ? ? ? ? ? ? WATSON-CRICK    ? ? ? 
hydrog40 hydrog ? ? A DC 18 O2 ? ? ? 1_555 C DG 6 N2 ? ? A DC 18 C DG 6  1_555 ? ? ? ? ? ? WATSON-CRICK    ? ? ? 
hydrog41 hydrog ? ? A DT 19 N3 ? ? ? 1_555 C DA 5 N1 ? ? A DT 19 C DA 5  1_555 ? ? ? ? ? ? WATSON-CRICK    ? ? ? 
hydrog42 hydrog ? ? A DT 19 O4 ? ? ? 1_555 C DA 5 N6 ? ? A DT 19 C DA 5  1_555 ? ? ? ? ? ? WATSON-CRICK    ? ? ? 
hydrog43 hydrog ? ? A DA 21 N3 ? ? ? 1_555 C DG 4 N2 ? ? A DA 21 C DG 4  1_555 ? ? ? ? ? ? 'DA-DG MISPAIR' ? ? ? 
# 
_struct_conn_type.id          hydrog 
_struct_conn_type.criteria    ? 
_struct_conn_type.reference   ? 
# 
_struct_site.id                   AC1 
_struct_site.pdbx_evidence_code   Software 
_struct_site.pdbx_auth_asym_id    B 
_struct_site.pdbx_auth_comp_id    CAC 
_struct_site.pdbx_auth_seq_id     102 
_struct_site.pdbx_auth_ins_code   ? 
_struct_site.pdbx_num_residues    1 
_struct_site.details              'binding site for residue CAC B 102' 
# 
_struct_site_gen.id                   1 
_struct_site_gen.site_id              AC1 
_struct_site_gen.pdbx_num_res         1 
_struct_site_gen.label_comp_id        DG 
_struct_site_gen.label_asym_id        B 
_struct_site_gen.label_seq_id         2 
_struct_site_gen.pdbx_auth_ins_code   ? 
_struct_site_gen.auth_comp_id         DG 
_struct_site_gen.auth_asym_id         B 
_struct_site_gen.auth_seq_id          2 
_struct_site_gen.label_atom_id        . 
_struct_site_gen.label_alt_id         ? 
_struct_site_gen.symmetry             1_555 
_struct_site_gen.details              ? 
# 
_atom_sites.entry_id                    6WQG 
_atom_sites.Cartn_transf_matrix[1][1]   ? 
_atom_sites.Cartn_transf_matrix[1][2]   ? 
_atom_sites.Cartn_transf_matrix[1][3]   ? 
_atom_sites.Cartn_transf_matrix[2][1]   ? 
_atom_sites.Cartn_transf_matrix[2][2]   ? 
_atom_sites.Cartn_transf_matrix[2][3]   ? 
_atom_sites.Cartn_transf_matrix[3][1]   ? 
_atom_sites.Cartn_transf_matrix[3][2]   ? 
_atom_sites.Cartn_transf_matrix[3][3]   ? 
_atom_sites.Cartn_transf_vector[1]      ? 
_atom_sites.Cartn_transf_vector[2]      ? 
_atom_sites.Cartn_transf_vector[3]      ? 
_atom_sites.fract_transf_matrix[1][1]   -0.01598524 
_atom_sites.fract_transf_matrix[1][2]   0.00497630 
_atom_sites.fract_transf_matrix[1][3]   0.00056481 
_atom_sites.fract_transf_matrix[2][1]   -0.01226100 
_atom_sites.fract_transf_matrix[2][2]   -0.01133867 
_atom_sites.fract_transf_matrix[2][3]   0.00130326 
_atom_sites.fract_transf_matrix[3][1]   0.00087312 
_atom_sites.fract_transf_matrix[3][2]   0.00094210 
_atom_sites.fract_transf_matrix[3][3]   0.01641081 
_atom_sites.fract_transf_vector[1]      2.251003 
_atom_sites.fract_transf_vector[2]      1.616032 
_atom_sites.fract_transf_vector[3]      1.334598 
_atom_sites.solution_primary            ? 
_atom_sites.solution_secondary          ? 
_atom_sites.solution_hydrogens          ? 
_atom_sites.special_details             ? 
# 
loop_
_atom_type.symbol 
AS 
C  
MG 
N  
O  
P  
# 
loop_
_atom_site.group_PDB 
_atom_site.id 
_atom_site.type_symbol 
_atom_site.label_atom_id 
_atom_site.label_alt_id 
_atom_site.label_comp_id 
_atom_site.label_asym_id 
_atom_site.label_entity_id 
_atom_site.label_seq_id 
_atom_site.pdbx_PDB_ins_code 
_atom_site.Cartn_x 
_atom_site.Cartn_y 
_atom_site.Cartn_z 
_atom_site.occupancy 
_atom_site.B_iso_or_equiv 
_atom_site.pdbx_formal_charge 
_atom_site.auth_seq_id 
_atom_site.auth_comp_id 
_atom_site.auth_asym_id 
_atom_site.auth_atom_id 
_atom_site.pdbx_PDB_model_num 
ATOM   1   O  "O5'" . DG  A 1 1  ? 5.208   34.659  1.709   1.00 154.99 ? 1   DG  A "O5'" 1 
ATOM   2   C  "C5'" . DG  A 1 1  ? 3.976   35.253  1.303   1.00 153.10 ? 1   DG  A "C5'" 1 
ATOM   3   C  "C4'" . DG  A 1 1  ? 4.120   35.906  -0.059  1.00 154.20 ? 1   DG  A "C4'" 1 
ATOM   4   O  "O4'" . DG  A 1 1  ? 5.303   36.738  -0.057  1.00 154.38 ? 1   DG  A "O4'" 1 
ATOM   5   C  "C3'" . DG  A 1 1  ? 4.280   34.929  -1.219  1.00 159.07 ? 1   DG  A "C3'" 1 
ATOM   6   O  "O3'" . DG  A 1 1  ? 3.012   34.721  -1.841  1.00 161.69 ? 1   DG  A "O3'" 1 
ATOM   7   C  "C2'" . DG  A 1 1  ? 5.249   35.638  -2.164  1.00 155.14 ? 1   DG  A "C2'" 1 
ATOM   8   C  "C1'" . DG  A 1 1  ? 6.065   36.527  -1.227  1.00 152.69 ? 1   DG  A "C1'" 1 
ATOM   9   N  N9    . DG  A 1 1  ? 7.369   35.984  -0.841  1.00 151.43 ? 1   DG  A N9    1 
ATOM   10  C  C8    . DG  A 1 1  ? 7.831   35.777  0.439   1.00 150.03 ? 1   DG  A C8    1 
ATOM   11  N  N7    . DG  A 1 1  ? 9.042   35.296  0.484   1.00 150.57 ? 1   DG  A N7    1 
ATOM   12  C  C5    . DG  A 1 1  ? 9.417   35.188  -0.851  1.00 151.62 ? 1   DG  A C5    1 
ATOM   13  C  C6    . DG  A 1 1  ? 10.629  34.727  -1.423  1.00 154.78 ? 1   DG  A C6    1 
ATOM   14  O  O6    . DG  A 1 1  ? 11.645  34.313  -0.849  1.00 154.67 ? 1   DG  A O6    1 
ATOM   15  N  N1    . DG  A 1 1  ? 10.589  34.780  -2.816  1.00 162.02 ? 1   DG  A N1    1 
ATOM   16  C  C2    . DG  A 1 1  ? 9.517   35.221  -3.558  1.00 156.35 ? 1   DG  A C2    1 
ATOM   17  N  N2    . DG  A 1 1  ? 9.665   35.195  -4.891  1.00 158.93 ? 1   DG  A N2    1 
ATOM   18  N  N3    . DG  A 1 1  ? 8.380   35.654  -3.033  1.00 154.22 ? 1   DG  A N3    1 
ATOM   19  C  C4    . DG  A 1 1  ? 8.399   35.610  -1.676  1.00 152.31 ? 1   DG  A C4    1 
ATOM   20  P  P     . DA  A 1 2  ? 2.779   33.485  -2.843  1.00 179.24 ? 2   DA  A P     1 
ATOM   21  O  OP1   . DA  A 1 2  ? 1.321   33.380  -3.078  1.00 168.24 ? 2   DA  A OP1   1 
ATOM   22  O  OP2   . DA  A 1 2  ? 3.519   32.316  -2.323  1.00 159.36 ? 2   DA  A OP2   1 
ATOM   23  O  "O5'" . DA  A 1 2  ? 3.479   33.948  -4.202  1.00 157.41 ? 2   DA  A "O5'" 1 
ATOM   24  C  "C5'" . DA  A 1 2  ? 3.310   33.180  -5.376  1.00 153.55 ? 2   DA  A "C5'" 1 
ATOM   25  C  "C4'" . DA  A 1 2  ? 4.637   32.980  -6.076  1.00 153.52 ? 2   DA  A "C4'" 1 
ATOM   26  O  "O4'" . DA  A 1 2  ? 5.723   33.309  -5.165  1.00 151.41 ? 2   DA  A "O4'" 1 
ATOM   27  C  "C3'" . DA  A 1 2  ? 4.900   31.552  -6.539  1.00 151.07 ? 2   DA  A "C3'" 1 
ATOM   28  O  "O3'" . DA  A 1 2  ? 5.625   31.566  -7.755  1.00 148.71 ? 2   DA  A "O3'" 1 
ATOM   29  C  "C2'" . DA  A 1 2  ? 5.735   30.988  -5.398  1.00 152.27 ? 2   DA  A "C2'" 1 
ATOM   30  C  "C1'" . DA  A 1 2  ? 6.580   32.196  -5.028  1.00 152.32 ? 2   DA  A "C1'" 1 
ATOM   31  N  N9    . DA  A 1 2  ? 7.084   32.151  -3.660  1.00 152.74 ? 2   DA  A N9    1 
ATOM   32  C  C8    . DA  A 1 2  ? 6.409   32.500  -2.522  1.00 153.80 ? 2   DA  A C8    1 
ATOM   33  N  N7    . DA  A 1 2  ? 7.107   32.353  -1.420  1.00 155.39 ? 2   DA  A N7    1 
ATOM   34  C  C5    . DA  A 1 2  ? 8.328   31.866  -1.864  1.00 154.75 ? 2   DA  A C5    1 
ATOM   35  C  C6    . DA  A 1 2  ? 9.506   31.505  -1.178  1.00 153.54 ? 2   DA  A C6    1 
ATOM   36  N  N6    . DA  A 1 2  ? 9.643   31.582  0.148   1.00 152.55 ? 2   DA  A N6    1 
ATOM   37  N  N1    . DA  A 1 2  ? 10.545  31.057  -1.919  1.00 152.78 ? 2   DA  A N1    1 
ATOM   38  C  C2    . DA  A 1 2  ? 10.403  30.982  -3.249  1.00 153.97 ? 2   DA  A C2    1 
ATOM   39  N  N3    . DA  A 1 2  ? 9.345   31.295  -4.002  1.00 155.98 ? 2   DA  A N3    1 
ATOM   40  C  C4    . DA  A 1 2  ? 8.328   31.736  -3.237  1.00 153.63 ? 2   DA  A C4    1 
ATOM   41  P  P     . DG  A 1 3  ? 5.813   30.211  -8.596  1.00 155.61 ? 3   DG  A P     1 
ATOM   42  O  OP1   . DG  A 1 3  ? 6.366   30.570  -9.922  1.00 148.92 ? 3   DG  A OP1   1 
ATOM   43  O  OP2   . DG  A 1 3  ? 4.548   29.447  -8.500  1.00 156.92 ? 3   DG  A OP2   1 
ATOM   44  O  "O5'" . DG  A 1 3  ? 6.931   29.409  -7.787  1.00 150.53 ? 3   DG  A "O5'" 1 
ATOM   45  C  "C5'" . DG  A 1 3  ? 8.225   29.961  -7.637  1.00 148.83 ? 3   DG  A "C5'" 1 
ATOM   46  C  "C4'" . DG  A 1 3  ? 9.292   28.937  -7.972  1.00 153.78 ? 3   DG  A "C4'" 1 
ATOM   47  O  "O4'" . DG  A 1 3  ? 10.058  28.631  -6.786  1.00 150.45 ? 3   DG  A "O4'" 1 
ATOM   48  C  "C3'" . DG  A 1 3  ? 8.775   27.599  -8.450  1.00 157.34 ? 3   DG  A "C3'" 1 
ATOM   49  O  "O3'" . DG  A 1 3  ? 9.790   26.950  -9.191  1.00 162.17 ? 3   DG  A "O3'" 1 
ATOM   50  C  "C2'" . DG  A 1 3  ? 8.501   26.880  -7.131  1.00 154.11 ? 3   DG  A "C2'" 1 
ATOM   51  C  "C1'" . DG  A 1 3  ? 9.649   27.383  -6.257  1.00 150.35 ? 3   DG  A "C1'" 1 
ATOM   52  N  N9    . DG  A 1 3  ? 9.280   27.591  -4.861  1.00 147.93 ? 3   DG  A N9    1 
ATOM   53  C  C8    . DG  A 1 3  ? 8.106   28.127  -4.381  1.00 147.76 ? 3   DG  A C8    1 
ATOM   54  N  N7    . DG  A 1 3  ? 8.064   28.197  -3.077  1.00 148.33 ? 3   DG  A N7    1 
ATOM   55  C  C5    . DG  A 1 3  ? 9.291   27.682  -2.670  1.00 147.07 ? 3   DG  A C5    1 
ATOM   56  C  C6    . DG  A 1 3  ? 9.820   27.504  -1.370  1.00 148.11 ? 3   DG  A C6    1 
ATOM   57  O  O6    . DG  A 1 3  ? 9.294   27.778  -0.282  1.00 148.57 ? 3   DG  A O6    1 
ATOM   58  N  N1    . DG  A 1 3  ? 11.099  26.950  -1.404  1.00 146.34 ? 3   DG  A N1    1 
ATOM   59  C  C2    . DG  A 1 3  ? 11.778  26.610  -2.552  1.00 146.60 ? 3   DG  A C2    1 
ATOM   60  N  N2    . DG  A 1 3  ? 13.002  26.084  -2.394  1.00 147.30 ? 3   DG  A N2    1 
ATOM   61  N  N3    . DG  A 1 3  ? 11.293  26.770  -3.774  1.00 145.04 ? 3   DG  A N3    1 
ATOM   62  C  C4    . DG  A 1 3  ? 10.050  27.309  -3.757  1.00 146.78 ? 3   DG  A C4    1 
ATOM   63  P  P     . DC  A 1 4  ? 9.407   25.940  -10.377 1.00 175.62 ? 4   DC  A P     1 
ATOM   64  O  OP1   . DC  A 1 4  ? 10.006  26.457  -11.628 1.00 172.38 ? 4   DC  A OP1   1 
ATOM   65  O  OP2   . DC  A 1 4  ? 7.948   25.697  -10.295 1.00 170.32 ? 4   DC  A OP2   1 
ATOM   66  O  "O5'" . DC  A 1 4  ? 10.158  24.592  -9.966  1.00 169.33 ? 4   DC  A "O5'" 1 
ATOM   67  C  "C5'" . DC  A 1 4  ? 10.034  24.109  -8.646  1.00 166.13 ? 4   DC  A "C5'" 1 
ATOM   68  C  "C4'" . DC  A 1 4  ? 11.375  23.673  -8.095  1.00 174.47 ? 4   DC  A "C4'" 1 
ATOM   69  O  "O4'" . DC  A 1 4  ? 11.494  24.128  -6.724  1.00 161.33 ? 4   DC  A "O4'" 1 
ATOM   70  C  "C3'" . DC  A 1 4  ? 11.546  22.172  -8.011  1.00 176.96 ? 4   DC  A "C3'" 1 
ATOM   71  O  "O3'" . DC  A 1 4  ? 12.924  21.832  -7.937  1.00 192.70 ? 4   DC  A "O3'" 1 
ATOM   72  C  "C2'" . DC  A 1 4  ? 10.822  21.862  -6.712  1.00 157.54 ? 4   DC  A "C2'" 1 
ATOM   73  C  "C1'" . DC  A 1 4  ? 11.205  23.057  -5.842  1.00 153.61 ? 4   DC  A "C1'" 1 
ATOM   74  N  N1    . DC  A 1 4  ? 10.122  23.495  -4.926  1.00 143.97 ? 4   DC  A N1    1 
ATOM   75  C  C2    . DC  A 1 4  ? 10.358  23.548  -3.549  1.00 140.77 ? 4   DC  A C2    1 
ATOM   76  O  O2    . DC  A 1 4  ? 11.471  23.225  -3.117  1.00 140.23 ? 4   DC  A O2    1 
ATOM   77  N  N3    . DC  A 1 4  ? 9.359   23.955  -2.728  1.00 137.81 ? 4   DC  A N3    1 
ATOM   78  C  C4    . DC  A 1 4  ? 8.174   24.296  -3.237  1.00 139.45 ? 4   DC  A C4    1 
ATOM   79  N  N4    . DC  A 1 4  ? 7.219   24.689  -2.390  1.00 140.58 ? 4   DC  A N4    1 
ATOM   80  C  C5    . DC  A 1 4  ? 7.916   24.248  -4.639  1.00 142.75 ? 4   DC  A C5    1 
ATOM   81  C  C6    . DC  A 1 4  ? 8.908   23.845  -5.436  1.00 145.51 ? 4   DC  A C6    1 
ATOM   82  P  P     . DA  A 1 5  ? 13.415  20.379  -8.420  1.00 183.96 ? 5   DA  A P     1 
ATOM   83  O  OP1   . DA  A 1 5  ? 14.712  20.541  -9.114  1.00 181.51 ? 5   DA  A OP1   1 
ATOM   84  O  OP2   . DA  A 1 5  ? 12.277  19.735  -9.114  1.00 182.51 ? 5   DA  A OP2   1 
ATOM   85  O  "O5'" . DA  A 1 5  ? 13.673  19.587  -7.057  1.00 166.39 ? 5   DA  A "O5'" 1 
ATOM   86  C  "C5'" . DA  A 1 5  ? 14.833  19.866  -6.293  1.00 161.79 ? 5   DA  A "C5'" 1 
ATOM   87  C  "C4'" . DA  A 1 5  ? 14.805  19.117  -4.975  1.00 157.53 ? 5   DA  A "C4'" 1 
ATOM   88  O  "O4'" . DA  A 1 5  ? 13.730  19.629  -4.147  1.00 150.29 ? 5   DA  A "O4'" 1 
ATOM   89  C  "C3'" . DA  A 1 5  ? 14.582  17.611  -5.092  1.00 156.34 ? 5   DA  A "C3'" 1 
ATOM   90  O  "O3'" . DA  A 1 5  ? 15.443  16.922  -4.197  1.00 160.38 ? 5   DA  A "O3'" 1 
ATOM   91  C  "C2'" . DA  A 1 5  ? 13.112  17.431  -4.717  1.00 148.51 ? 5   DA  A "C2'" 1 
ATOM   92  C  "C1'" . DA  A 1 5  ? 12.872  18.584  -3.748  1.00 144.91 ? 5   DA  A "C1'" 1 
ATOM   93  N  N9    . DA  A 1 5  ? 11.504  19.090  -3.788  1.00 141.20 ? 5   DA  A N9    1 
ATOM   94  C  C8    . DA  A 1 5  ? 10.733  19.263  -4.900  1.00 143.42 ? 5   DA  A C8    1 
ATOM   95  N  N7    . DA  A 1 5  ? 9.539   19.745  -4.652  1.00 137.64 ? 5   DA  A N7    1 
ATOM   96  C  C5    . DA  A 1 5  ? 9.518   19.892  -3.278  1.00 130.22 ? 5   DA  A C5    1 
ATOM   97  C  C6    . DA  A 1 5  ? 8.529   20.356  -2.393  1.00 130.06 ? 5   DA  A C6    1 
ATOM   98  N  N6    . DA  A 1 5  ? 7.320   20.771  -2.792  1.00 131.29 ? 5   DA  A N6    1 
ATOM   99  N  N1    . DA  A 1 5  ? 8.826   20.378  -1.078  1.00 129.24 ? 5   DA  A N1    1 
ATOM   100 C  C2    . DA  A 1 5  ? 10.037  19.962  -0.685  1.00 129.50 ? 5   DA  A C2    1 
ATOM   101 N  N3    . DA  A 1 5  ? 11.049  19.503  -1.423  1.00 129.64 ? 5   DA  A N3    1 
ATOM   102 C  C4    . DA  A 1 5  ? 10.722  19.497  -2.726  1.00 133.02 ? 5   DA  A C4    1 
ATOM   103 P  P     . DG  A 1 6  ? 15.645  15.334  -4.330  1.00 165.45 ? 6   DG  A P     1 
ATOM   104 O  OP1   . DG  A 1 6  ? 17.033  15.023  -3.917  1.00 156.71 ? 6   DG  A OP1   1 
ATOM   105 O  OP2   . DG  A 1 6  ? 15.184  14.942  -5.681  1.00 160.84 ? 6   DG  A OP2   1 
ATOM   106 O  "O5'" . DG  A 1 6  ? 14.635  14.731  -3.242  1.00 150.60 ? 6   DG  A "O5'" 1 
ATOM   107 C  "C5'" . DG  A 1 6  ? 15.134  14.291  -1.986  1.00 143.44 ? 6   DG  A "C5'" 1 
ATOM   108 C  "C4'" . DG  A 1 6  ? 14.223  14.722  -0.850  1.00 140.02 ? 6   DG  A "C4'" 1 
ATOM   109 O  "O4'" . DG  A 1 6  ? 13.225  15.629  -1.336  1.00 139.60 ? 6   DG  A "O4'" 1 
ATOM   110 C  "C3'" . DG  A 1 6  ? 13.432  13.596  -0.195  1.00 139.43 ? 6   DG  A "C3'" 1 
ATOM   111 O  "O3'" . DG  A 1 6  ? 14.116  13.142  0.965   1.00 147.89 ? 6   DG  A "O3'" 1 
ATOM   112 C  "C2'" . DG  A 1 6  ? 12.079  14.240  0.166   1.00 131.43 ? 6   DG  A "C2'" 1 
ATOM   113 C  "C1'" . DG  A 1 6  ? 12.183  15.658  -0.393  1.00 133.28 ? 6   DG  A "C1'" 1 
ATOM   114 N  N9    . DG  A 1 6  ? 10.966  16.130  -1.054  1.00 129.55 ? 6   DG  A N9    1 
ATOM   115 C  C8    . DG  A 1 6  ? 10.750  16.224  -2.407  1.00 129.44 ? 6   DG  A C8    1 
ATOM   116 N  N7    . DG  A 1 6  ? 9.573   16.688  -2.717  1.00 125.29 ? 6   DG  A N7    1 
ATOM   117 C  C5    . DG  A 1 6  ? 8.963   16.923  -1.490  1.00 122.20 ? 6   DG  A C5    1 
ATOM   118 C  C6    . DG  A 1 6  ? 7.675   17.430  -1.200  1.00 119.72 ? 6   DG  A C6    1 
ATOM   119 O  O6    . DG  A 1 6  ? 6.793   17.785  -1.991  1.00 117.54 ? 6   DG  A O6    1 
ATOM   120 N  N1    . DG  A 1 6  ? 7.452   17.521  0.170   1.00 119.14 ? 6   DG  A N1    1 
ATOM   121 C  C2    . DG  A 1 6  ? 8.357   17.162  1.142   1.00 121.98 ? 6   DG  A C2    1 
ATOM   122 N  N2    . DG  A 1 6  ? 7.954   17.312  2.415   1.00 127.00 ? 6   DG  A N2    1 
ATOM   123 N  N3    . DG  A 1 6  ? 9.570   16.677  0.882   1.00 122.19 ? 6   DG  A N3    1 
ATOM   124 C  C4    . DG  A 1 6  ? 9.806   16.589  -0.454  1.00 123.81 ? 6   DG  A C4    1 
ATOM   125 P  P     . DA  A 1 7  ? 13.743  11.728  1.633   1.00 150.75 ? 7   DA  A P     1 
ATOM   126 O  OP1   . DA  A 1 7  ? 14.868  11.359  2.527   1.00 147.41 ? 7   DA  A OP1   1 
ATOM   127 O  OP2   . DA  A 1 7  ? 13.334  10.807  0.548   1.00 146.86 ? 7   DA  A OP2   1 
ATOM   128 O  "O5'" . DA  A 1 7  ? 12.457  12.053  2.533   1.00 140.04 ? 7   DA  A "O5'" 1 
ATOM   129 C  "C5'" . DA  A 1 7  ? 12.511  13.107  3.485   1.00 135.87 ? 7   DA  A "C5'" 1 
ATOM   130 C  "C4'" . DA  A 1 7  ? 11.173  13.286  4.176   1.00 138.17 ? 7   DA  A "C4'" 1 
ATOM   131 O  "O4'" . DA  A 1 7  ? 10.282  14.067  3.341   1.00 133.10 ? 7   DA  A "O4'" 1 
ATOM   132 C  "C3'" . DA  A 1 7  ? 10.441  11.988  4.506   1.00 134.81 ? 7   DA  A "C3'" 1 
ATOM   133 O  "O3'" . DA  A 1 7  ? 10.087  11.977  5.872   1.00 136.68 ? 7   DA  A "O3'" 1 
ATOM   134 C  "C2'" . DA  A 1 7  ? 9.204   12.009  3.600   1.00 127.62 ? 7   DA  A "C2'" 1 
ATOM   135 C  "C1'" . DA  A 1 7  ? 8.994   13.496  3.350   1.00 128.01 ? 7   DA  A "C1'" 1 
ATOM   136 N  N9    . DA  A 1 7  ? 8.377   13.774  2.058   1.00 120.66 ? 7   DA  A N9    1 
ATOM   137 C  C8    . DA  A 1 7  ? 8.946   13.585  0.834   1.00 117.74 ? 7   DA  A C8    1 
ATOM   138 N  N7    . DA  A 1 7  ? 8.176   13.918  -0.169  1.00 112.67 ? 7   DA  A N7    1 
ATOM   139 C  C5    . DA  A 1 7  ? 7.015   14.355  0.435   1.00 110.74 ? 7   DA  A C5    1 
ATOM   140 C  C6    . DA  A 1 7  ? 5.811   14.843  -0.097  1.00 109.21 ? 7   DA  A C6    1 
ATOM   141 N  N6    . DA  A 1 7  ? 5.598   14.967  -1.405  1.00 110.57 ? 7   DA  A N6    1 
ATOM   142 N  N1    . DA  A 1 7  ? 4.834   15.198  0.768   1.00 107.39 ? 7   DA  A N1    1 
ATOM   143 C  C2    . DA  A 1 7  ? 5.064   15.071  2.085   1.00 111.72 ? 7   DA  A C2    1 
ATOM   144 N  N3    . DA  A 1 7  ? 6.165   14.622  2.706   1.00 112.03 ? 7   DA  A N3    1 
ATOM   145 C  C4    . DA  A 1 7  ? 7.114   14.278  1.811   1.00 114.35 ? 7   DA  A C4    1 
ATOM   146 P  P     . DC  A 1 8  ? 9.423   10.667  6.516   1.00 144.49 ? 8   DC  A P     1 
ATOM   147 O  OP1   . DC  A 1 8  ? 9.667   10.698  7.977   1.00 142.85 ? 8   DC  A OP1   1 
ATOM   148 O  OP2   . DC  A 1 8  ? 9.886   9.508   5.714   1.00 147.46 ? 8   DC  A OP2   1 
ATOM   149 O  "O5'" . DC  A 1 8  ? 7.860   10.878  6.268   1.00 135.02 ? 8   DC  A "O5'" 1 
ATOM   150 C  "C5'" . DC  A 1 8  ? 7.238   12.064  6.712   1.00 128.32 ? 8   DC  A "C5'" 1 
ATOM   151 C  "C4'" . DC  A 1 8  ? 5.798   12.116  6.250   1.00 127.67 ? 8   DC  A "C4'" 1 
ATOM   152 O  "O4'" . DC  A 1 8  ? 5.748   12.402  4.835   1.00 129.61 ? 8   DC  A "O4'" 1 
ATOM   153 C  "C3'" . DC  A 1 8  ? 5.008   10.816  6.448   1.00 130.46 ? 8   DC  A "C3'" 1 
ATOM   154 O  "O3'" . DC  A 1 8  ? 3.871   11.072  7.251   1.00 128.89 ? 8   DC  A "O3'" 1 
ATOM   155 C  "C2'" . DC  A 1 8  ? 4.614   10.399  5.023   1.00 124.65 ? 8   DC  A "C2'" 1 
ATOM   156 C  "C1'" . DC  A 1 8  ? 4.644   11.727  4.298   1.00 130.12 ? 8   DC  A "C1'" 1 
ATOM   157 N  N1    . DC  A 1 8  ? 4.829   11.616  2.833   1.00 113.90 ? 8   DC  A N1    1 
ATOM   158 C  C2    . DC  A 1 8  ? 3.769   11.961  1.983   1.00 107.37 ? 8   DC  A C2    1 
ATOM   159 O  O2    . DC  A 1 8  ? 2.700   12.341  2.482   1.00 106.41 ? 8   DC  A O2    1 
ATOM   160 N  N3    . DC  A 1 8  ? 3.951   11.868  0.646   1.00 98.16  ? 8   DC  A N3    1 
ATOM   161 C  C4    . DC  A 1 8  ? 5.122   11.457  0.159   1.00 101.76 ? 8   DC  A C4    1 
ATOM   162 N  N4    . DC  A 1 8  ? 5.257   11.381  -1.169  1.00 98.55  ? 8   DC  A N4    1 
ATOM   163 C  C5    . DC  A 1 8  ? 6.213   11.105  1.014   1.00 106.16 ? 8   DC  A C5    1 
ATOM   164 C  C6    . DC  A 1 8  ? 6.022   11.201  2.330   1.00 105.52 ? 8   DC  A C6    1 
ATOM   165 P  P     . DG  A 1 9  ? 2.798   9.908   7.518   1.00 137.51 ? 9   DG  A P     1 
ATOM   166 O  OP1   . DG  A 1 9  ? 2.273   10.093  8.891   1.00 133.90 ? 9   DG  A OP1   1 
ATOM   167 O  OP2   . DG  A 1 9  ? 3.419   8.619   7.139   1.00 131.27 ? 9   DG  A OP2   1 
ATOM   168 O  "O5'" . DG  A 1 9  ? 1.612   10.247  6.502   1.00 123.48 ? 9   DG  A "O5'" 1 
ATOM   169 C  "C5'" . DG  A 1 9  ? 0.826   11.407  6.721   1.00 120.92 ? 9   DG  A "C5'" 1 
ATOM   170 C  "C4'" . DG  A 1 9  ? -0.420  11.407  5.855   1.00 119.83 ? 9   DG  A "C4'" 1 
ATOM   171 O  "O4'" . DG  A 1 9  ? -0.056  11.498  4.456   1.00 118.35 ? 9   DG  A "O4'" 1 
ATOM   172 C  "C3'" . DG  A 1 9  ? -1.313  10.182  5.996   1.00 122.34 ? 9   DG  A "C3'" 1 
ATOM   173 O  "O3'" . DG  A 1 9  ? -2.646  10.611  6.143   1.00 131.76 ? 9   DG  A "O3'" 1 
ATOM   174 C  "C2'" . DG  A 1 9  ? -1.099  9.417   4.683   1.00 117.61 ? 9   DG  A "C2'" 1 
ATOM   175 C  "C1'" . DG  A 1 9  ? -0.762  10.534  3.704   1.00 110.80 ? 9   DG  A "C1'" 1 
ATOM   176 N  N9    . DG  A 1 9  ? 0.109   10.132  2.593   1.00 103.09 ? 9   DG  A N9    1 
ATOM   177 C  C8    . DG  A 1 9  ? 1.417   9.720   2.687   1.00 100.83 ? 9   DG  A C8    1 
ATOM   178 N  N7    . DG  A 1 9  ? 1.970   9.457   1.537   1.00 93.73  ? 9   DG  A N7    1 
ATOM   179 C  C5    . DG  A 1 9  ? 0.970   9.724   0.608   1.00 89.23  ? 9   DG  A C5    1 
ATOM   180 C  C6    . DG  A 1 9  ? 0.998   9.620   -0.806  1.00 79.57  ? 9   DG  A C6    1 
ATOM   181 O  O6    . DG  A 1 9  ? 1.932   9.264   -1.535  1.00 81.05  ? 9   DG  A O6    1 
ATOM   182 N  N1    . DG  A 1 9  ? -0.219  9.985   -1.366  1.00 82.58  ? 9   DG  A N1    1 
ATOM   183 C  C2    . DG  A 1 9  ? -1.326  10.396  -0.656  1.00 89.83  ? 9   DG  A C2    1 
ATOM   184 N  N2    . DG  A 1 9  ? -2.412  10.706  -1.372  1.00 90.37  ? 9   DG  A N2    1 
ATOM   185 N  N3    . DG  A 1 9  ? -1.365  10.498  0.672   1.00 94.15  ? 9   DG  A N3    1 
ATOM   186 C  C4    . DG  A 1 9  ? -0.179  10.149  1.238   1.00 92.73  ? 9   DG  A C4    1 
ATOM   187 P  P     . DT  A 1 10 ? -3.824  9.552   6.380   1.00 154.61 ? 10  DT  A P     1 
ATOM   188 O  OP1   . DT  A 1 10 ? -4.933  10.267  7.054   1.00 141.49 ? 10  DT  A OP1   1 
ATOM   189 O  OP2   . DT  A 1 10 ? -3.239  8.343   7.000   1.00 154.38 ? 10  DT  A OP2   1 
ATOM   190 O  "O5'" . DT  A 1 10 ? -4.283  9.184   4.899   1.00 123.86 ? 10  DT  A "O5'" 1 
ATOM   191 C  "C5'" . DT  A 1 10 ? -4.614  10.214  3.994   1.00 113.11 ? 10  DT  A "C5'" 1 
ATOM   192 C  "C4'" . DT  A 1 10 ? -5.632  9.714   2.999   1.00 115.18 ? 10  DT  A "C4'" 1 
ATOM   193 O  "O4'" . DT  A 1 10 ? -4.992  9.508   1.714   1.00 115.77 ? 10  DT  A "O4'" 1 
ATOM   194 C  "C3'" . DT  A 1 10 ? -6.283  8.393   3.382   1.00 119.18 ? 10  DT  A "C3'" 1 
ATOM   195 O  "O3'" . DT  A 1 10 ? -7.671  8.446   3.117   1.00 116.64 ? 10  DT  A "O3'" 1 
ATOM   196 C  "C2'" . DT  A 1 10 ? -5.564  7.357   2.512   1.00 110.38 ? 10  DT  A "C2'" 1 
ATOM   197 C  "C1'" . DT  A 1 10 ? -5.124  8.163   1.296   1.00 106.07 ? 10  DT  A "C1'" 1 
ATOM   198 N  N1    . DT  A 1 10 ? -3.805  7.718   0.758   1.00 94.61  ? 10  DT  A N1    1 
ATOM   199 C  C2    . DT  A 1 10 ? -3.630  7.577   -0.603  1.00 90.92  ? 10  DT  A C2    1 
ATOM   200 O  O2    . DT  A 1 10 ? -4.509  7.793   -1.418  1.00 92.61  ? 10  DT  A O2    1 
ATOM   201 N  N3    . DT  A 1 10 ? -2.381  7.160   -0.977  1.00 79.23  ? 10  DT  A N3    1 
ATOM   202 C  C4    . DT  A 1 10 ? -1.313  6.887   -0.150  1.00 82.81  ? 10  DT  A C4    1 
ATOM   203 O  O4    . DT  A 1 10 ? -0.227  6.521   -0.579  1.00 77.03  ? 10  DT  A O4    1 
ATOM   204 C  C5    . DT  A 1 10 ? -1.561  7.059   1.257   1.00 90.65  ? 10  DT  A C5    1 
ATOM   205 C  C7    . DT  A 1 10 ? -0.474  6.788   2.249   1.00 88.32  ? 10  DT  A C7    1 
ATOM   206 C  C6    . DT  A 1 10 ? -2.782  7.461   1.639   1.00 93.16  ? 10  DT  A C6    1 
ATOM   207 P  P     . DG  A 1 11 ? -8.600  7.173   3.416   1.00 127.64 ? 11  DG  A P     1 
ATOM   208 O  OP1   . DG  A 1 11 ? -9.869  7.676   3.982   1.00 130.23 ? 11  DG  A OP1   1 
ATOM   209 O  OP2   . DG  A 1 11 ? -7.809  6.173   4.172   1.00 134.64 ? 11  DG  A OP2   1 
ATOM   210 O  "O5'" . DG  A 1 11 ? -8.919  6.608   1.958   1.00 116.39 ? 11  DG  A "O5'" 1 
ATOM   211 C  "C5'" . DG  A 1 11 ? -9.499  7.468   1.002   1.00 108.27 ? 11  DG  A "C5'" 1 
ATOM   212 C  "C4'" . DG  A 1 11 ? -9.626  6.781   -0.340  1.00 117.40 ? 11  DG  A "C4'" 1 
ATOM   213 O  "O4'" . DG  A 1 11 ? -8.311  6.556   -0.906  1.00 118.31 ? 11  DG  A "O4'" 1 
ATOM   214 C  "C3'" . DG  A 1 11 ? -10.316 5.425   -0.317  1.00 113.05 ? 11  DG  A "C3'" 1 
ATOM   215 O  "O3'" . DG  A 1 11 ? -11.132 5.309   -1.468  1.00 116.83 ? 11  DG  A "O3'" 1 
ATOM   216 C  "C2'" . DG  A 1 11 ? -9.146  4.437   -0.343  1.00 109.93 ? 11  DG  A "C2'" 1 
ATOM   217 C  "C1'" . DG  A 1 11 ? -8.130  5.184   -1.194  1.00 107.66 ? 11  DG  A "C1'" 1 
ATOM   218 N  N9    . DG  A 1 11 ? -6.743  4.850   -0.886  1.00 95.31  ? 11  DG  A N9    1 
ATOM   219 C  C8    . DG  A 1 11 ? -6.169  4.794   0.358   1.00 93.22  ? 11  DG  A C8    1 
ATOM   220 N  N7    . DG  A 1 11 ? -4.899  4.497   0.329   1.00 91.57  ? 11  DG  A N7    1 
ATOM   221 C  C5    . DG  A 1 11 ? -4.609  4.361   -1.021  1.00 83.62  ? 11  DG  A C5    1 
ATOM   222 C  C6    . DG  A 1 11 ? -3.387  4.050   -1.662  1.00 84.65  ? 11  DG  A C6    1 
ATOM   223 O  O6    . DG  A 1 11 ? -2.290  3.818   -1.144  1.00 94.18  ? 11  DG  A O6    1 
ATOM   224 N  N1    . DG  A 1 11 ? -3.522  4.012   -3.046  1.00 78.44  ? 11  DG  A N1    1 
ATOM   225 C  C2    . DG  A 1 11 ? -4.690  4.243   -3.722  1.00 84.09  ? 11  DG  A C2    1 
ATOM   226 N  N2    . DG  A 1 11 ? -4.633  4.159   -5.061  1.00 84.46  ? 11  DG  A N2    1 
ATOM   227 N  N3    . DG  A 1 11 ? -5.846  4.538   -3.131  1.00 91.72  ? 11  DG  A N3    1 
ATOM   228 C  C4    . DG  A 1 11 ? -5.729  4.579   -1.783  1.00 89.31  ? 11  DG  A C4    1 
ATOM   229 P  P     . DA  A 1 12 ? -12.079 4.032   -1.680  1.00 126.69 ? 12  DA  A P     1 
ATOM   230 O  OP1   . DA  A 1 12 ? -13.336 4.530   -2.276  1.00 119.44 ? 12  DA  A OP1   1 
ATOM   231 O  OP2   . DA  A 1 12 ? -12.123 3.248   -0.423  1.00 120.08 ? 12  DA  A OP2   1 
ATOM   232 O  "O5'" . DA  A 1 12 ? -11.292 3.169   -2.773  1.00 118.85 ? 12  DA  A "O5'" 1 
ATOM   233 C  "C5'" . DA  A 1 12 ? -10.922 3.764   -4.015  1.00 108.97 ? 12  DA  A "C5'" 1 
ATOM   234 C  "C4'" . DA  A 1 12 ? -10.036 2.827   -4.813  1.00 106.85 ? 12  DA  A "C4'" 1 
ATOM   235 O  "O4'" . DA  A 1 12 ? -8.690  2.837   -4.257  1.00 111.46 ? 12  DA  A "O4'" 1 
ATOM   236 C  "C3'" . DA  A 1 12 ? -10.483 1.359   -4.809  1.00 98.36  ? 12  DA  A "C3'" 1 
ATOM   237 O  "O3'" . DA  A 1 12 ? -10.370 0.810   -6.104  1.00 97.63  ? 12  DA  A "O3'" 1 
ATOM   238 C  "C2'" . DA  A 1 12 ? -9.496  0.702   -3.850  1.00 94.19  ? 12  DA  A "C2'" 1 
ATOM   239 C  "C1'" . DA  A 1 12 ? -8.244  1.508   -4.130  1.00 98.61  ? 12  DA  A "C1'" 1 
ATOM   240 N  N9    . DA  A 1 12 ? -7.265  1.427   -3.055  1.00 92.80  ? 12  DA  A N9    1 
ATOM   241 C  C8    . DA  A 1 12 ? -7.496  1.593   -1.717  1.00 92.39  ? 12  DA  A C8    1 
ATOM   242 N  N7    . DA  A 1 12 ? -6.423  1.439   -0.971  1.00 87.60  ? 12  DA  A N7    1 
ATOM   243 C  C5    . DA  A 1 12 ? -5.424  1.149   -1.891  1.00 82.27  ? 12  DA  A C5    1 
ATOM   244 C  C6    . DA  A 1 12 ? -4.056  0.881   -1.734  1.00 78.09  ? 12  DA  A C6    1 
ATOM   245 N  N6    . DA  A 1 12 ? -3.447  0.867   -0.556  1.00 79.73  ? 12  DA  A N6    1 
ATOM   246 N  N1    . DA  A 1 12 ? -3.338  0.628   -2.852  1.00 77.31  ? 12  DA  A N1    1 
ATOM   247 C  C2    . DA  A 1 12 ? -3.959  0.645   -4.038  1.00 79.23  ? 12  DA  A C2    1 
ATOM   248 N  N3    . DA  A 1 12 ? -5.244  0.883   -4.305  1.00 82.26  ? 12  DA  A N3    1 
ATOM   249 C  C4    . DA  A 1 12 ? -5.928  1.138   -3.176  1.00 86.12  ? 12  DA  A C4    1 
ATOM   250 P  P     . DC  A 1 13 ? -11.114 -0.570  -6.464  1.00 118.10 ? 13  DC  A P     1 
ATOM   251 O  OP1   . DC  A 1 13 ? -10.900 -0.840  -7.907  1.00 107.82 ? 13  DC  A OP1   1 
ATOM   252 O  OP2   . DC  A 1 13 ? -12.492 -0.481  -5.923  1.00 113.26 ? 13  DC  A OP2   1 
ATOM   253 O  "O5'" . DC  A 1 13 ? -10.338 -1.670  -5.606  1.00 102.61 ? 13  DC  A "O5'" 1 
ATOM   254 C  "C5'" . DC  A 1 13 ? -9.755  -2.788  -6.243  1.00 105.35 ? 13  DC  A "C5'" 1 
ATOM   255 C  "C4'" . DC  A 1 13 ? -8.276  -2.550  -6.470  1.00 105.08 ? 13  DC  A "C4'" 1 
ATOM   256 O  "O4'" . DC  A 1 13 ? -7.754  -1.753  -5.393  1.00 98.48  ? 13  DC  A "O4'" 1 
ATOM   257 C  "C3'" . DC  A 1 13 ? -7.417  -3.799  -6.465  1.00 106.25 ? 13  DC  A "C3'" 1 
ATOM   258 O  "O3'" . DC  A 1 13 ? -7.376  -4.376  -7.758  1.00 113.28 ? 13  DC  A "O3'" 1 
ATOM   259 C  "C2'" . DC  A 1 13 ? -6.046  -3.265  -6.068  1.00 96.53  ? 13  DC  A "C2'" 1 
ATOM   260 C  "C1'" . DC  A 1 13 ? -6.369  -2.008  -5.259  1.00 89.85  ? 13  DC  A "C1'" 1 
ATOM   261 N  N1    . DC  A 1 13 ? -6.056  -2.100  -3.804  1.00 77.95  ? 13  DC  A N1    1 
ATOM   262 C  C2    . DC  A 1 13 ? -4.776  -2.480  -3.361  1.00 79.29  ? 13  DC  A C2    1 
ATOM   263 O  O2    . DC  A 1 13 ? -3.897  -2.769  -4.179  1.00 83.56  ? 13  DC  A O2    1 
ATOM   264 N  N3    . DC  A 1 13 ? -4.538  -2.528  -2.025  1.00 78.61  ? 13  DC  A N3    1 
ATOM   265 C  C4    . DC  A 1 13 ? -5.498  -2.211  -1.164  1.00 75.83  ? 13  DC  A C4    1 
ATOM   266 N  N4    . DC  A 1 13 ? -5.211  -2.275  0.139   1.00 79.29  ? 13  DC  A N4    1 
ATOM   267 C  C5    . DC  A 1 13 ? -6.790  -1.808  -1.593  1.00 83.37  ? 13  DC  A C5    1 
ATOM   268 C  C6    . DC  A 1 13 ? -7.023  -1.773  -2.909  1.00 84.38  ? 13  DC  A C6    1 
ATOM   269 P  P     . DT  A 1 14 ? -7.250  -5.970  -7.912  1.00 130.45 ? 14  DT  A P     1 
ATOM   270 O  OP1   . DT  A 1 14 ? -8.326  -6.408  -8.832  1.00 134.36 ? 14  DT  A OP1   1 
ATOM   271 O  OP2   . DT  A 1 14 ? -7.164  -6.542  -6.552  1.00 118.21 ? 14  DT  A OP2   1 
ATOM   272 O  "O5'" . DT  A 1 14 ? -5.830  -6.196  -8.620  1.00 123.57 ? 14  DT  A "O5'" 1 
ATOM   273 C  "C5'" . DT  A 1 14 ? -4.861  -5.163  -8.634  1.00 112.49 ? 14  DT  A "C5'" 1 
ATOM   274 C  "C4'" . DT  A 1 14 ? -3.536  -5.659  -8.081  1.00 112.03 ? 14  DT  A "C4'" 1 
ATOM   275 O  "O4'" . DT  A 1 14 ? -3.407  -5.286  -6.679  1.00 106.84 ? 14  DT  A "O4'" 1 
ATOM   276 C  "C3'" . DT  A 1 14 ? -3.331  -7.173  -8.127  1.00 106.23 ? 14  DT  A "C3'" 1 
ATOM   277 O  "O3'" . DT  A 1 14 ? -1.985  -7.444  -8.474  1.00 115.06 ? 14  DT  A "O3'" 1 
ATOM   278 C  "C2'" . DT  A 1 14 ? -3.624  -7.592  -6.688  1.00 102.30 ? 14  DT  A "C2'" 1 
ATOM   279 C  "C1'" . DT  A 1 14 ? -3.024  -6.422  -5.935  1.00 99.74  ? 14  DT  A "C1'" 1 
ATOM   280 N  N1    . DT  A 1 14 ? -3.534  -6.268  -4.549  1.00 85.51  ? 14  DT  A N1    1 
ATOM   281 C  C2    . DT  A 1 14 ? -2.673  -6.435  -3.488  1.00 87.86  ? 14  DT  A C2    1 
ATOM   282 O  O2    . DT  A 1 14 ? -1.501  -6.737  -3.621  1.00 98.90  ? 14  DT  A O2    1 
ATOM   283 N  N3    . DT  A 1 14 ? -3.252  -6.265  -2.255  1.00 83.59  ? 14  DT  A N3    1 
ATOM   284 C  C4    . DT  A 1 14 ? -4.569  -5.933  -1.991  1.00 85.72  ? 14  DT  A C4    1 
ATOM   285 O  O4    . DT  A 1 14 ? -4.997  -5.796  -0.849  1.00 81.83  ? 14  DT  A O4    1 
ATOM   286 C  C5    . DT  A 1 14 ? -5.400  -5.762  -3.155  1.00 83.43  ? 14  DT  A C5    1 
ATOM   287 C  C7    . DT  A 1 14 ? -6.841  -5.396  -2.998  1.00 95.68  ? 14  DT  A C7    1 
ATOM   288 C  C6    . DT  A 1 14 ? -4.851  -5.932  -4.356  1.00 89.08  ? 14  DT  A C6    1 
ATOM   289 P  P     . DC  A 1 15 ? -1.553  -8.887  -9.033  1.00 112.72 ? 15  DC  A P     1 
ATOM   290 O  OP1   . DC  A 1 15 ? -0.992  -8.668  -10.384 1.00 114.64 ? 15  DC  A OP1   1 
ATOM   291 O  OP2   . DC  A 1 15 ? -2.688  -9.820  -8.848  1.00 111.68 ? 15  DC  A OP2   1 
ATOM   292 O  "O5'" . DC  A 1 15 ? -0.353  -9.328  -8.062  1.00 104.58 ? 15  DC  A "O5'" 1 
ATOM   293 C  "C5'" . DC  A 1 15 ? -0.483  -9.169  -6.655  1.00 101.54 ? 15  DC  A "C5'" 1 
ATOM   294 C  "C4'" . DC  A 1 15 ? 0.744   -9.693  -5.934  1.00 105.58 ? 15  DC  A "C4'" 1 
ATOM   295 O  "O4'" . DC  A 1 15 ? 0.653   -9.368  -4.527  1.00 106.34 ? 15  DC  A "O4'" 1 
ATOM   296 C  "C3'" . DC  A 1 15 ? 0.910   -11.197 -5.959  1.00 113.58 ? 15  DC  A "C3'" 1 
ATOM   297 O  "O3'" . DC  A 1 15 ? 2.263   -11.521 -5.703  1.00 117.07 ? 15  DC  A "O3'" 1 
ATOM   298 C  "C2'" . DC  A 1 15 ? 0.004   -11.630 -4.809  1.00 107.67 ? 15  DC  A "C2'" 1 
ATOM   299 C  "C1'" . DC  A 1 15 ? 0.213   -10.503 -3.795  1.00 103.85 ? 15  DC  A "C1'" 1 
ATOM   300 N  N1    . DC  A 1 15 ? -1.024  -10.115 -3.057  1.00 94.43  ? 15  DC  A N1    1 
ATOM   301 C  C2    . DC  A 1 15 ? -1.000  -10.004 -1.662  1.00 90.32  ? 15  DC  A C2    1 
ATOM   302 O  O2    . DC  A 1 15 ? 0.049   -10.255 -1.056  1.00 91.38  ? 15  DC  A O2    1 
ATOM   303 N  N3    . DC  A 1 15 ? -2.130  -9.630  -1.010  1.00 85.46  ? 15  DC  A N3    1 
ATOM   304 C  C4    . DC  A 1 15 ? -3.246  -9.371  -1.704  1.00 89.97  ? 15  DC  A C4    1 
ATOM   305 N  N4    . DC  A 1 15 ? -4.342  -9.007  -1.023  1.00 87.97  ? 15  DC  A N4    1 
ATOM   306 C  C5    . DC  A 1 15 ? -3.286  -9.476  -3.126  1.00 93.03  ? 15  DC  A C5    1 
ATOM   307 C  C6    . DC  A 1 15 ? -2.163  -9.838  -3.754  1.00 93.92  ? 15  DC  A C6    1 
ATOM   308 P  P     . DC  A 1 16 ? 2.824   -12.984 -6.049  1.00 122.87 ? 16  DC  A P     1 
ATOM   309 O  OP1   . DC  A 1 16 ? 4.276   -12.846 -6.314  1.00 117.83 ? 16  DC  A OP1   1 
ATOM   310 O  OP2   . DC  A 1 16 ? 1.930   -13.579 -7.074  1.00 113.48 ? 16  DC  A OP2   1 
ATOM   311 O  "O5'" . DC  A 1 16 ? 2.636   -13.784 -4.682  1.00 114.40 ? 16  DC  A "O5'" 1 
ATOM   312 C  "C5'" . DC  A 1 16 ? 3.223   -13.289 -3.494  1.00 106.10 ? 16  DC  A "C5'" 1 
ATOM   313 C  "C4'" . DC  A 1 16 ? 2.942   -14.218 -2.334  1.00 115.33 ? 16  DC  A "C4'" 1 
ATOM   314 O  "O4'" . DC  A 1 16 ? 1.792   -13.738 -1.585  1.00 115.18 ? 16  DC  A "O4'" 1 
ATOM   315 C  "C3'" . DC  A 1 16 ? 2.594   -15.653 -2.721  1.00 110.05 ? 16  DC  A "C3'" 1 
ATOM   316 O  "O3'" . DC  A 1 16 ? 3.022   -16.511 -1.693  1.00 109.81 ? 16  DC  A "O3'" 1 
ATOM   317 C  "C2'" . DC  A 1 16 ? 1.074   -15.597 -2.764  1.00 104.46 ? 16  DC  A "C2'" 1 
ATOM   318 C  "C1'" . DC  A 1 16 ? 0.837   -14.772 -1.519  1.00 103.72 ? 16  DC  A "C1'" 1 
ATOM   319 N  N1    . DC  A 1 16 ? -0.498  -14.176 -1.422  1.00 100.33 ? 16  DC  A N1    1 
ATOM   320 C  C2    . DC  A 1 16 ? -0.999  -13.850 -0.165  1.00 103.46 ? 16  DC  A C2    1 
ATOM   321 O  O2    . DC  A 1 16 ? -0.300  -14.076 0.833   1.00 105.29 ? 16  DC  A O2    1 
ATOM   322 N  N3    . DC  A 1 16 ? -2.233  -13.288 -0.068  1.00 101.58 ? 16  DC  A N3    1 
ATOM   323 C  C4    . DC  A 1 16 ? -2.949  -13.060 -1.179  1.00 102.92 ? 16  DC  A C4    1 
ATOM   324 N  N4    . DC  A 1 16 ? -4.160  -12.503 -1.043  1.00 102.44 ? 16  DC  A N4    1 
ATOM   325 C  C5    . DC  A 1 16 ? -2.449  -13.388 -2.475  1.00 95.59  ? 16  DC  A C5    1 
ATOM   326 C  C6    . DC  A 1 16 ? -1.229  -13.939 -2.549  1.00 99.37  ? 16  DC  A C6    1 
ATOM   327 P  P     . DA  A 1 17 ? 4.351   -17.389 -1.860  1.00 124.37 ? 17  DA  A P     1 
ATOM   328 O  OP1   . DA  A 1 17 ? 5.446   -16.479 -2.264  1.00 122.01 ? 17  DA  A OP1   1 
ATOM   329 O  OP2   . DA  A 1 17 ? 4.010   -18.546 -2.716  1.00 135.53 ? 17  DA  A OP2   1 
ATOM   330 O  "O5'" . DA  A 1 17 ? 4.629   -17.928 -0.375  1.00 117.60 ? 17  DA  A "O5'" 1 
ATOM   331 C  "C5'" . DA  A 1 17 ? 5.287   -17.101 0.571   1.00 109.40 ? 17  DA  A "C5'" 1 
ATOM   332 C  "C4'" . DA  A 1 17 ? 4.695   -17.264 1.963   1.00 109.95 ? 17  DA  A "C4'" 1 
ATOM   333 O  "O4'" . DA  A 1 17 ? 3.313   -16.837 1.977   1.00 116.55 ? 17  DA  A "O4'" 1 
ATOM   334 C  "C3'" . DA  A 1 17 ? 4.692   -18.674 2.527   1.00 107.69 ? 17  DA  A "C3'" 1 
ATOM   335 O  "O3'" . DA  A 1 17 ? 4.873   -18.588 3.934   1.00 107.04 ? 17  DA  A "O3'" 1 
ATOM   336 C  "C2'" . DA  A 1 17 ? 3.297   -19.184 2.153   1.00 110.34 ? 17  DA  A "C2'" 1 
ATOM   337 C  "C1'" . DA  A 1 17 ? 2.458   -17.923 2.290   1.00 112.48 ? 17  DA  A "C1'" 1 
ATOM   338 N  N9    . DA  A 1 17 ? 1.345   -17.829 1.364   1.00 109.55 ? 17  DA  A N9    1 
ATOM   339 C  C8    . DA  A 1 17 ? 1.354   -18.136 0.031   1.00 109.02 ? 17  DA  A C8    1 
ATOM   340 N  N7    . DA  A 1 17 ? 0.218   -17.891 -0.576  1.00 106.54 ? 17  DA  A N7    1 
ATOM   341 C  C5    . DA  A 1 17 ? -0.585  -17.363 0.423   1.00 104.43 ? 17  DA  A C5    1 
ATOM   342 C  C6    . DA  A 1 17 ? -1.916  -16.901 0.421   1.00 104.82 ? 17  DA  A C6    1 
ATOM   343 N  N6    . DA  A 1 17 ? -2.690  -16.902 -0.666  1.00 102.56 ? 17  DA  A N6    1 
ATOM   344 N  N1    . DA  A 1 17 ? -2.419  -16.437 1.588   1.00 102.88 ? 17  DA  A N1    1 
ATOM   345 C  C2    . DA  A 1 17 ? -1.634  -16.442 2.674   1.00 104.44 ? 17  DA  A C2    1 
ATOM   346 N  N3    . DA  A 1 17 ? -0.368  -16.854 2.796   1.00 104.77 ? 17  DA  A N3    1 
ATOM   347 C  C4    . DA  A 1 17 ? 0.100   -17.306 1.618   1.00 106.60 ? 17  DA  A C4    1 
ATOM   348 P  P     . DC  A 1 18 ? 4.718   -19.878 4.874   1.00 117.88 ? 18  DC  A P     1 
ATOM   349 O  OP1   . DC  A 1 18 ? 5.455   -19.600 6.129   1.00 108.26 ? 18  DC  A OP1   1 
ATOM   350 O  OP2   . DC  A 1 18 ? 5.052   -21.067 4.059   1.00 122.02 ? 18  DC  A OP2   1 
ATOM   351 O  "O5'" . DC  A 1 18 ? 3.155   -19.914 5.208   1.00 113.05 ? 18  DC  A "O5'" 1 
ATOM   352 C  "C5'" . DC  A 1 18 ? 2.649   -20.886 6.104   1.00 116.36 ? 18  DC  A "C5'" 1 
ATOM   353 C  "C4'" . DC  A 1 18 ? 1.225   -20.557 6.498   1.00 116.12 ? 18  DC  A "C4'" 1 
ATOM   354 O  "O4'" . DC  A 1 18 ? 0.636   -19.710 5.498   1.00 112.68 ? 18  DC  A "O4'" 1 
ATOM   355 C  "C3'" . DC  A 1 18 ? 0.290   -21.750 6.570   1.00 121.47 ? 18  DC  A "C3'" 1 
ATOM   356 O  "O3'" . DC  A 1 18 ? 0.401   -22.422 7.848   1.00 121.74 ? 18  DC  A "O3'" 1 
ATOM   357 C  "C2'" . DC  A 1 18 ? -1.082  -21.116 6.357   1.00 118.71 ? 18  DC  A "C2'" 1 
ATOM   358 C  "C1'" . DC  A 1 18 ? -0.771  -19.873 5.521   1.00 117.75 ? 18  DC  A "C1'" 1 
ATOM   359 N  N1    . DC  A 1 18 ? -1.268  -19.923 4.111   1.00 113.97 ? 18  DC  A N1    1 
ATOM   360 C  C2    . DC  A 1 18 ? -2.542  -19.419 3.806   1.00 111.03 ? 18  DC  A C2    1 
ATOM   361 O  O2    . DC  A 1 18 ? -3.239  -18.967 4.720   1.00 112.54 ? 18  DC  A O2    1 
ATOM   362 N  N3    . DC  A 1 18 ? -2.965  -19.447 2.520   1.00 109.98 ? 18  DC  A N3    1 
ATOM   363 C  C4    . DC  A 1 18 ? -2.175  -19.942 1.566   1.00 112.63 ? 18  DC  A C4    1 
ATOM   364 N  N4    . DC  A 1 18 ? -2.631  -19.950 0.309   1.00 116.98 ? 18  DC  A N4    1 
ATOM   365 C  C5    . DC  A 1 18 ? -0.872  -20.448 1.858   1.00 109.66 ? 18  DC  A C5    1 
ATOM   366 C  C6    . DC  A 1 18 ? -0.462  -20.413 3.127   1.00 108.95 ? 18  DC  A C6    1 
ATOM   367 P  P     . DT  A 1 19 ? -0.217  -21.800 9.204   1.00 135.63 ? 19  DT  A P     1 
ATOM   368 O  OP1   . DT  A 1 19 ? 0.071   -20.354 9.277   1.00 126.39 ? 19  DT  A OP1   1 
ATOM   369 O  OP2   . DT  A 1 19 ? 0.245   -22.683 10.299  1.00 132.25 ? 19  DT  A OP2   1 
ATOM   370 O  "O5'" . DT  A 1 19 ? -1.804  -21.997 9.076   1.00 129.80 ? 19  DT  A "O5'" 1 
ATOM   371 C  "C5'" . DT  A 1 19 ? -2.680  -20.944 9.486   1.00 125.36 ? 19  DT  A "C5'" 1 
ATOM   372 C  "C4'" . DT  A 1 19 ? -4.133  -21.290 9.211   1.00 125.28 ? 19  DT  A "C4'" 1 
ATOM   373 O  "O4'" . DT  A 1 19 ? -4.418  -21.152 7.793   1.00 120.88 ? 19  DT  A "O4'" 1 
ATOM   374 C  "C3'" . DT  A 1 19 ? -4.547  -22.710 9.587   1.00 130.45 ? 19  DT  A "C3'" 1 
ATOM   375 O  "O3'" . DT  A 1 19 ? -5.865  -22.699 10.087  1.00 132.86 ? 19  DT  A "O3'" 1 
ATOM   376 C  "C2'" . DT  A 1 19 ? -4.482  -23.433 8.246   1.00 134.06 ? 19  DT  A "C2'" 1 
ATOM   377 C  "C1'" . DT  A 1 19 ? -5.000  -22.348 7.318   1.00 130.29 ? 19  DT  A "C1'" 1 
ATOM   378 N  N1    . DT  A 1 19 ? -4.599  -22.519 5.894   1.00 123.24 ? 19  DT  A N1    1 
ATOM   379 C  C2    . DT  A 1 19 ? -5.401  -22.000 4.903   1.00 121.74 ? 19  DT  A C2    1 
ATOM   380 O  O2    . DT  A 1 19 ? -6.443  -21.412 5.133   1.00 118.52 ? 19  DT  A O2    1 
ATOM   381 N  N3    . DT  A 1 19 ? -4.934  -22.194 3.627   1.00 122.03 ? 19  DT  A N3    1 
ATOM   382 C  C4    . DT  A 1 19 ? -3.771  -22.842 3.255   1.00 122.29 ? 19  DT  A C4    1 
ATOM   383 O  O4    . DT  A 1 19 ? -3.433  -22.964 2.081   1.00 122.00 ? 19  DT  A O4    1 
ATOM   384 C  C5    . DT  A 1 19 ? -2.980  -23.362 4.343   1.00 122.08 ? 19  DT  A C5    1 
ATOM   385 C  C7    . DT  A 1 19 ? -1.699  -24.083 4.059   1.00 116.90 ? 19  DT  A C7    1 
ATOM   386 C  C6    . DT  A 1 19 ? -3.430  -23.185 5.595   1.00 121.27 ? 19  DT  A C6    1 
ATOM   387 P  P     . DC  A 1 20 ? -6.132  -22.582 11.664  1.00 140.12 ? 20  DC  A P     1 
ATOM   388 O  OP1   . DC  A 1 20 ? -5.621  -21.273 12.113  1.00 138.32 ? 20  DC  A OP1   1 
ATOM   389 O  OP2   . DC  A 1 20 ? -5.627  -23.818 12.303  1.00 144.21 ? 20  DC  A OP2   1 
ATOM   390 O  "O5'" . DC  A 1 20 ? -7.729  -22.574 11.773  1.00 150.55 ? 20  DC  A "O5'" 1 
ATOM   391 C  "C5'" . DC  A 1 20 ? -8.522  -22.134 10.665  1.00 151.98 ? 20  DC  A "C5'" 1 
ATOM   392 C  "C4'" . DC  A 1 20 ? -9.282  -23.298 10.045  1.00 151.80 ? 20  DC  A "C4'" 1 
ATOM   393 O  "O4'" . DC  A 1 20 ? -8.855  -23.481 8.686   1.00 144.99 ? 20  DC  A "O4'" 1 
ATOM   394 C  "C3'" . DC  A 1 20 ? -9.050  -24.644 10.716  1.00 150.15 ? 20  DC  A "C3'" 1 
ATOM   395 O  "O3'" . DC  A 1 20 ? -10.032 -24.859 11.755  1.00 156.77 ? 20  DC  A "O3'" 1 
ATOM   396 C  "C2'" . DC  A 1 20 ? -9.153  -25.668 9.575   1.00 143.28 ? 20  DC  A "C2'" 1 
ATOM   397 C  "C1'" . DC  A 1 20 ? -9.064  -24.824 8.300   1.00 141.91 ? 20  DC  A "C1'" 1 
ATOM   398 N  N1    . DC  A 1 20 ? -7.950  -25.219 7.404   1.00 137.76 ? 20  DC  A N1    1 
ATOM   399 C  C2    . DC  A 1 20 ? -7.894  -24.693 6.111   1.00 136.40 ? 20  DC  A C2    1 
ATOM   400 O  O2    . DC  A 1 20 ? -8.781  -23.914 5.741   1.00 132.58 ? 20  DC  A O2    1 
ATOM   401 N  N3    . DC  A 1 20 ? -6.869  -25.054 5.300   1.00 136.82 ? 20  DC  A N3    1 
ATOM   402 C  C4    . DC  A 1 20 ? -5.933  -25.899 5.740   1.00 133.31 ? 20  DC  A C4    1 
ATOM   403 N  N4    . DC  A 1 20 ? -4.941  -26.224 4.905   1.00 128.30 ? 20  DC  A N4    1 
ATOM   404 C  C5    . DC  A 1 20 ? -5.974  -26.445 7.057   1.00 132.93 ? 20  DC  A C5    1 
ATOM   405 C  C6    . DC  A 1 20 ? -6.991  -26.082 7.847   1.00 134.66 ? 20  DC  A C6    1 
ATOM   406 P  P     . DA  A 1 21 ? -11.467 -25.538 11.469  1.00 158.62 ? 21  DA  A P     1 
ATOM   407 O  OP1   . DA  A 1 21 ? -12.326 -25.160 12.615  1.00 157.33 ? 21  DA  A OP1   1 
ATOM   408 O  OP2   . DA  A 1 21 ? -11.290 -26.982 11.176  1.00 156.36 ? 21  DA  A OP2   1 
ATOM   409 O  "O5'" . DA  A 1 21 ? -12.031 -24.793 10.169  1.00 147.06 ? 21  DA  A "O5'" 1 
ATOM   410 C  "C5'" . DA  A 1 21 ? -13.387 -24.990 9.774   1.00 145.78 ? 21  DA  A "C5'" 1 
ATOM   411 C  "C4'" . DA  A 1 21 ? -13.487 -25.215 8.276   1.00 145.22 ? 21  DA  A "C4'" 1 
ATOM   412 O  "O4'" . DA  A 1 21 ? -12.194 -25.629 7.765   1.00 147.22 ? 21  DA  A "O4'" 1 
ATOM   413 C  "C3'" . DA  A 1 21 ? -14.477 -26.305 7.847   1.00 142.40 ? 21  DA  A "C3'" 1 
ATOM   414 O  "O3'" . DA  A 1 21 ? -15.194 -25.883 6.694   1.00 138.47 ? 21  DA  A "O3'" 1 
ATOM   415 C  "C2'" . DA  A 1 21 ? -13.565 -27.485 7.528   1.00 144.91 ? 21  DA  A "C2'" 1 
ATOM   416 C  "C1'" . DA  A 1 21 ? -12.364 -26.766 6.953   1.00 142.19 ? 21  DA  A "C1'" 1 
ATOM   417 N  N9    . DA  A 1 21 ? -11.140 -27.547 6.982   1.00 141.44 ? 21  DA  A N9    1 
ATOM   418 C  C8    . DA  A 1 21 ? -10.708 -28.372 7.990   1.00 141.63 ? 21  DA  A C8    1 
ATOM   419 N  N7    . DA  A 1 21 ? -9.559  -28.953 7.742   1.00 141.73 ? 21  DA  A N7    1 
ATOM   420 C  C5    . DA  A 1 21 ? -9.210  -28.472 6.483   1.00 141.15 ? 21  DA  A C5    1 
ATOM   421 C  C6    . DA  A 1 21 ? -8.097  -28.715 5.665   1.00 143.15 ? 21  DA  A C6    1 
ATOM   422 N  N6    . DA  A 1 21 ? -7.094  -29.526 5.998   1.00 143.03 ? 21  DA  A N6    1 
ATOM   423 N  N1    . DA  A 1 21 ? -8.056  -28.075 4.470   1.00 147.32 ? 21  DA  A N1    1 
ATOM   424 C  C2    . DA  A 1 21 ? -9.066  -27.262 4.139   1.00 148.19 ? 21  DA  A C2    1 
ATOM   425 N  N3    . DA  A 1 21 ? -10.164 -26.962 4.832   1.00 143.43 ? 21  DA  A N3    1 
ATOM   426 C  C4    . DA  A 1 21 ? -10.173 -27.612 6.015   1.00 141.44 ? 21  DA  A C4    1 
ATOM   427 P  P     . DA  B 2 1  ? 1.926   -3.250  7.429   1.00 92.31  ? 1   DA  B P     1 
ATOM   428 O  OP1   . DA  B 2 1  ? 3.029   -3.214  8.403   1.00 84.44  ? 1   DA  B OP1   1 
ATOM   429 O  OP2   . DA  B 2 1  ? 0.615   -2.722  7.844   1.00 86.01  ? 1   DA  B OP2   1 
ATOM   430 O  "O5'" . DA  B 2 1  ? 1.798   -4.788  7.058   1.00 82.86  ? 1   DA  B "O5'" 1 
ATOM   431 C  "C5'" . DA  B 2 1  ? 2.970   -5.601  7.050   1.00 81.96  ? 1   DA  B "C5'" 1 
ATOM   432 C  "C4'" . DA  B 2 1  ? 3.189   -6.199  5.677   1.00 71.28  ? 1   DA  B "C4'" 1 
ATOM   433 O  "O4'" . DA  B 2 1  ? 1.959   -6.792  5.230   1.00 77.00  ? 1   DA  B "O4'" 1 
ATOM   434 C  "C3'" . DA  B 2 1  ? 3.523   -5.191  4.605   1.00 72.11  ? 1   DA  B "C3'" 1 
ATOM   435 O  "O3'" . DA  B 2 1  ? 4.909   -4.996  4.545   1.00 76.99  ? 1   DA  B "O3'" 1 
ATOM   436 C  "C2'" . DA  B 2 1  ? 3.027   -5.868  3.338   1.00 72.93  ? 1   DA  B "C2'" 1 
ATOM   437 C  "C1'" . DA  B 2 1  ? 1.872   -6.712  3.825   1.00 68.34  ? 1   DA  B "C1'" 1 
ATOM   438 N  N9    . DA  B 2 1  ? 0.565   -6.179  3.480   1.00 67.86  ? 1   DA  B N9    1 
ATOM   439 C  C8    . DA  B 2 1  ? -0.364  -5.663  4.336   1.00 77.75  ? 1   DA  B C8    1 
ATOM   440 N  N7    . DA  B 2 1  ? -1.466  -5.274  3.746   1.00 61.59  ? 1   DA  B N7    1 
ATOM   441 C  C5    . DA  B 2 1  ? -1.245  -5.555  2.414   1.00 65.75  ? 1   DA  B C5    1 
ATOM   442 C  C6    . DA  B 2 1  ? -2.037  -5.380  1.264   1.00 69.82  ? 1   DA  B C6    1 
ATOM   443 N  N6    . DA  B 2 1  ? -3.263  -4.852  1.299   1.00 70.18  ? 1   DA  B N6    1 
ATOM   444 N  N1    . DA  B 2 1  ? -1.527  -5.774  0.079   1.00 74.16  ? 1   DA  B N1    1 
ATOM   445 C  C2    . DA  B 2 1  ? -0.293  -6.309  0.059   1.00 84.69  ? 1   DA  B C2    1 
ATOM   446 N  N3    . DA  B 2 1  ? 0.554   -6.514  1.075   1.00 71.94  ? 1   DA  B N3    1 
ATOM   447 C  C4    . DA  B 2 1  ? 0.013   -6.113  2.232   1.00 67.77  ? 1   DA  B C4    1 
ATOM   448 P  P     . DG  B 2 2  ? 5.494   -3.602  4.003   1.00 95.07  ? 2   DG  B P     1 
ATOM   449 O  OP1   . DG  B 2 2  ? 6.966   -3.643  4.191   1.00 89.77  ? 2   DG  B OP1   1 
ATOM   450 O  OP2   . DG  B 2 2  ? 4.683   -2.520  4.626   1.00 82.85  ? 2   DG  B OP2   1 
ATOM   451 O  "O5'" . DG  B 2 2  ? 5.124   -3.605  2.443   1.00 74.04  ? 2   DG  B "O5'" 1 
ATOM   452 C  "C5'" . DG  B 2 2  ? 5.807   -4.452  1.539   1.00 79.28  ? 2   DG  B "C5'" 1 
ATOM   453 C  "C4'" . DG  B 2 2  ? 5.023   -4.541  0.256   1.00 87.83  ? 2   DG  B "C4'" 1 
ATOM   454 O  "O4'" . DG  B 2 2  ? 3.646   -4.691  0.607   1.00 83.40  ? 2   DG  B "O4'" 1 
ATOM   455 C  "C3'" . DG  B 2 2  ? 5.057   -3.280  -0.601  1.00 88.90  ? 2   DG  B "C3'" 1 
ATOM   456 O  "O3'" . DG  B 2 2  ? 6.079   -3.372  -1.579  1.00 96.99  ? 2   DG  B "O3'" 1 
ATOM   457 C  "C2'" . DG  B 2 2  ? 3.679   -3.244  -1.263  1.00 83.90  ? 2   DG  B "C2'" 1 
ATOM   458 C  "C1'" . DG  B 2 2  ? 2.839   -4.192  -0.419  1.00 80.55  ? 2   DG  B "C1'" 1 
ATOM   459 N  N9    . DG  B 2 2  ? 1.694   -3.557  0.177   1.00 68.81  ? 2   DG  B N9    1 
ATOM   460 C  C8    . DG  B 2 2  ? 1.543   -3.175  1.481   1.00 66.21  ? 2   DG  B C8    1 
ATOM   461 N  N7    . DG  B 2 2  ? 0.377   -2.635  1.721   1.00 65.37  ? 2   DG  B N7    1 
ATOM   462 C  C5    . DG  B 2 2  ? -0.272  -2.661  0.507   1.00 63.17  ? 2   DG  B C5    1 
ATOM   463 C  C6    . DG  B 2 2  ? -1.552  -2.209  0.128   1.00 70.10  ? 2   DG  B C6    1 
ATOM   464 O  O6    . DG  B 2 2  ? -2.421  -1.680  0.838   1.00 69.69  ? 2   DG  B O6    1 
ATOM   465 N  N1    . DG  B 2 2  ? -1.818  -2.441  -1.221  1.00 75.83  ? 2   DG  B N1    1 
ATOM   466 C  C2    . DG  B 2 2  ? -0.942  -3.018  -2.101  1.00 75.59  ? 2   DG  B C2    1 
ATOM   467 N  N2    . DG  B 2 2  ? -1.369  -3.146  -3.370  1.00 79.28  ? 2   DG  B N2    1 
ATOM   468 N  N3    . DG  B 2 2  ? 0.272   -3.439  -1.769  1.00 71.83  ? 2   DG  B N3    1 
ATOM   469 C  C4    . DG  B 2 2  ? 0.534   -3.227  -0.458  1.00 67.98  ? 2   DG  B C4    1 
ATOM   470 P  P     . DT  B 2 3  ? 6.414   -2.095  -2.498  1.00 111.94 ? 3   DT  B P     1 
ATOM   471 O  OP1   . DT  B 2 3  ? 7.647   -2.412  -3.252  1.00 123.69 ? 3   DT  B OP1   1 
ATOM   472 O  OP2   . DT  B 2 3  ? 6.345   -0.895  -1.631  1.00 107.21 ? 3   DT  B OP2   1 
ATOM   473 O  "O5'" . DT  B 2 3  ? 5.183   -1.995  -3.525  1.00 96.70  ? 3   DT  B "O5'" 1 
ATOM   474 C  "C5'" . DT  B 2 3  ? 5.134   -2.831  -4.668  1.00 86.51  ? 3   DT  B "C5'" 1 
ATOM   475 C  "C4'" . DT  B 2 3  ? 3.966   -2.452  -5.555  1.00 87.02  ? 3   DT  B "C4'" 1 
ATOM   476 O  "O4'" . DT  B 2 3  ? 2.778   -2.299  -4.739  1.00 80.68  ? 3   DT  B "O4'" 1 
ATOM   477 C  "C3'" . DT  B 2 3  ? 4.137   -1.138  -6.324  1.00 90.43  ? 3   DT  B "C3'" 1 
ATOM   478 O  "O3'" . DT  B 2 3  ? 3.757   -1.323  -7.688  1.00 86.65  ? 3   DT  B "O3'" 1 
ATOM   479 C  "C2'" . DT  B 2 3  ? 3.199   -0.172  -5.595  1.00 86.28  ? 3   DT  B "C2'" 1 
ATOM   480 C  "C1'" . DT  B 2 3  ? 2.115   -1.117  -5.094  1.00 79.59  ? 3   DT  B "C1'" 1 
ATOM   481 N  N1    . DT  B 2 3  ? 1.373   -0.613  -3.888  1.00 77.22  ? 3   DT  B N1    1 
ATOM   482 C  C2    . DT  B 2 3  ? 0.049   -0.253  -4.019  1.00 77.54  ? 3   DT  B C2    1 
ATOM   483 O  O2    . DT  B 2 3  ? -0.561  -0.311  -5.074  1.00 76.69  ? 3   DT  B O2    1 
ATOM   484 N  N3    . DT  B 2 3  ? -0.535  0.195   -2.857  1.00 73.52  ? 3   DT  B N3    1 
ATOM   485 C  C4    . DT  B 2 3  ? 0.059   0.309   -1.613  1.00 78.74  ? 3   DT  B C4    1 
ATOM   486 O  O4    . DT  B 2 3  ? -0.551  0.723   -0.626  1.00 83.69  ? 3   DT  B O4    1 
ATOM   487 C  C5    . DT  B 2 3  ? 1.441   -0.092  -1.551  1.00 71.49  ? 3   DT  B C5    1 
ATOM   488 C  C7    . DT  B 2 3  ? 2.188   -0.011  -0.247  1.00 71.34  ? 3   DT  B C7    1 
ATOM   489 C  C6    . DT  B 2 3  ? 2.027   -0.528  -2.677  1.00 72.71  ? 3   DT  B C6    1 
ATOM   490 P  P     . DC  B 2 4  ? 4.115   -0.212  -8.796  1.00 101.21 ? 4   DC  B P     1 
ATOM   491 O  OP1   . DC  B 2 4  ? 4.316   -0.888  -10.095 1.00 99.78  ? 4   DC  B OP1   1 
ATOM   492 O  OP2   . DC  B 2 4  ? 5.160   0.674   -8.232  1.00 99.04  ? 4   DC  B OP2   1 
ATOM   493 O  "O5'" . DC  B 2 4  ? 2.771   0.628   -8.931  1.00 85.03  ? 4   DC  B "O5'" 1 
ATOM   494 C  "C5'" . DC  B 2 4  ? 1.547   -0.016  -8.741  1.00 84.77  ? 4   DC  B "C5'" 1 
ATOM   495 C  "C4'" . DC  B 2 4  ? 0.417   0.759   -9.383  1.00 85.34  ? 4   DC  B "C4'" 1 
ATOM   496 O  "O4'" . DC  B 2 4  ? -0.504  1.194   -8.361  1.00 82.03  ? 4   DC  B "O4'" 1 
ATOM   497 C  "C3'" . DC  B 2 4  ? 0.814   2.020   -10.130 1.00 87.35  ? 4   DC  B "C3'" 1 
ATOM   498 O  "O3'" . DC  B 2 4  ? -0.130  2.250   -11.182 1.00 84.57  ? 4   DC  B "O3'" 1 
ATOM   499 C  "C2'" . DC  B 2 4  ? 0.738   3.093   -9.035  1.00 82.55  ? 4   DC  B "C2'" 1 
ATOM   500 C  "C1'" . DC  B 2 4  ? -0.424  2.599   -8.177  1.00 78.03  ? 4   DC  B "C1'" 1 
ATOM   501 N  N1    . DC  B 2 4  ? -0.253  2.820   -6.724  1.00 67.81  ? 4   DC  B N1    1 
ATOM   502 C  C2    . DC  B 2 4  ? -1.354  3.245   -5.942  1.00 75.62  ? 4   DC  B C2    1 
ATOM   503 O  O2    . DC  B 2 4  ? -2.439  3.471   -6.499  1.00 76.41  ? 4   DC  B O2    1 
ATOM   504 N  N3    . DC  B 2 4  ? -1.184  3.405   -4.611  1.00 70.04  ? 4   DC  B N3    1 
ATOM   505 C  C4    . DC  B 2 4  ? -0.008  3.136   -4.060  1.00 71.48  ? 4   DC  B C4    1 
ATOM   506 N  N4    . DC  B 2 4  ? 0.123   3.303   -2.745  1.00 73.34  ? 4   DC  B N4    1 
ATOM   507 C  C5    . DC  B 2 4  ? 1.105   2.690   -4.835  1.00 71.56  ? 4   DC  B C5    1 
ATOM   508 C  C6    . DC  B 2 4  ? 0.932   2.535   -6.146  1.00 66.93  ? 4   DC  B C6    1 
ATOM   509 P  P     . DA  B 2 5  ? 0.014   3.525   -12.148 1.00 87.06  ? 5   DA  B P     1 
ATOM   510 O  OP1   . DA  B 2 5  ? -0.677  3.248   -13.434 1.00 82.47  ? 5   DA  B OP1   1 
ATOM   511 O  OP2   . DA  B 2 5  ? 1.442   3.913   -12.141 1.00 86.64  ? 5   DA  B OP2   1 
ATOM   512 O  "O5'" . DA  B 2 5  ? -0.785  4.662   -11.371 1.00 80.79  ? 5   DA  B "O5'" 1 
ATOM   513 C  "C5'" . DA  B 2 5  ? -2.177  4.606   -11.301 1.00 80.47  ? 5   DA  B "C5'" 1 
ATOM   514 C  "C4'" . DA  B 2 5  ? -2.714  5.809   -10.557 1.00 86.30  ? 5   DA  B "C4'" 1 
ATOM   515 O  "O4'" . DA  B 2 5  ? -2.351  5.728   -9.153  1.00 87.01  ? 5   DA  B "O4'" 1 
ATOM   516 C  "C3'" . DA  B 2 5  ? -2.179  7.169   -11.029 1.00 83.09  ? 5   DA  B "C3'" 1 
ATOM   517 O  "O3'" . DA  B 2 5  ? -3.210  8.131   -10.934 1.00 75.95  ? 5   DA  B "O3'" 1 
ATOM   518 C  "C2'" . DA  B 2 5  ? -1.108  7.459   -9.993  1.00 84.22  ? 5   DA  B "C2'" 1 
ATOM   519 C  "C1'" . DA  B 2 5  ? -1.855  6.984   -8.771  1.00 79.18  ? 5   DA  B "C1'" 1 
ATOM   520 N  N9    . DA  B 2 5  ? -1.050  6.829   -7.593  1.00 71.54  ? 5   DA  B N9    1 
ATOM   521 C  C8    . DA  B 2 5  ? 0.271   6.464   -7.530  1.00 76.59  ? 5   DA  B C8    1 
ATOM   522 N  N7    . DA  B 2 5  ? 0.742   6.397   -6.306  1.00 69.63  ? 5   DA  B N7    1 
ATOM   523 C  C5    . DA  B 2 5  ? -0.349  6.734   -5.521  1.00 70.31  ? 5   DA  B C5    1 
ATOM   524 C  C6    . DA  B 2 5  ? -0.504  6.843   -4.141  1.00 72.25  ? 5   DA  B C6    1 
ATOM   525 N  N6    . DA  B 2 5  ? 0.473   6.615   -3.277  1.00 75.27  ? 5   DA  B N6    1 
ATOM   526 N  N1    . DA  B 2 5  ? -1.722  7.205   -3.679  1.00 78.42  ? 5   DA  B N1    1 
ATOM   527 C  C2    . DA  B 2 5  ? -2.709  7.433   -4.553  1.00 81.81  ? 5   DA  B C2    1 
ATOM   528 N  N3    . DA  B 2 5  ? -2.678  7.360   -5.884  1.00 76.40  ? 5   DA  B N3    1 
ATOM   529 C  C4    . DA  B 2 5  ? -1.449  7.000   -6.304  1.00 73.66  ? 5   DA  B C4    1 
ATOM   530 O  "O5'" . DT  C 3 1  ? -1.639  -37.034 5.643   1.00 147.00 ? 1   DT  C "O5'" 1 
ATOM   531 C  "C5'" . DT  C 3 1  ? -0.644  -37.687 4.866   1.00 144.48 ? 1   DT  C "C5'" 1 
ATOM   532 C  "C4'" . DT  C 3 1  ? -1.206  -38.090 3.517   1.00 145.22 ? 1   DT  C "C4'" 1 
ATOM   533 O  "O4'" . DT  C 3 1  ? -2.638  -38.310 3.642   1.00 148.34 ? 1   DT  C "O4'" 1 
ATOM   534 C  "C3'" . DT  C 3 1  ? -1.052  -37.048 2.414   1.00 142.76 ? 1   DT  C "C3'" 1 
ATOM   535 O  "O3'" . DT  C 3 1  ? -0.941  -37.701 1.169   1.00 147.51 ? 1   DT  C "O3'" 1 
ATOM   536 C  "C2'" . DT  C 3 1  ? -2.363  -36.284 2.513   1.00 147.97 ? 1   DT  C "C2'" 1 
ATOM   537 C  "C1'" . DT  C 3 1  ? -3.324  -37.427 2.778   1.00 148.25 ? 1   DT  C "C1'" 1 
ATOM   538 N  N1    . DT  C 3 1  ? -4.586  -37.007 3.432   1.00 146.71 ? 1   DT  C N1    1 
ATOM   539 C  C2    . DT  C 3 1  ? -5.692  -36.777 2.656   1.00 150.44 ? 1   DT  C C2    1 
ATOM   540 O  O2    . DT  C 3 1  ? -5.691  -36.896 1.445   1.00 151.36 ? 1   DT  C O2    1 
ATOM   541 N  N3    . DT  C 3 1  ? -6.810  -36.398 3.351   1.00 150.83 ? 1   DT  C N3    1 
ATOM   542 C  C4    . DT  C 3 1  ? -6.926  -36.231 4.718   1.00 150.29 ? 1   DT  C C4    1 
ATOM   543 O  O4    . DT  C 3 1  ? -7.977  -35.886 5.253   1.00 149.98 ? 1   DT  C O4    1 
ATOM   544 C  C5    . DT  C 3 1  ? -5.724  -36.491 5.474   1.00 147.31 ? 1   DT  C C5    1 
ATOM   545 C  C7    . DT  C 3 1  ? -5.723  -36.343 6.964   1.00 146.67 ? 1   DT  C C7    1 
ATOM   546 C  C6    . DT  C 3 1  ? -4.626  -36.864 4.801   1.00 145.86 ? 1   DT  C C6    1 
ATOM   547 P  P     . DC  C 3 2  ? -0.349  -36.929 -0.108  1.00 164.72 ? 2   DC  C P     1 
ATOM   548 O  OP1   . DC  C 3 2  ? -0.512  -37.826 -1.277  1.00 176.65 ? 2   DC  C OP1   1 
ATOM   549 O  OP2   . DC  C 3 2  ? 0.998   -36.426 0.254   1.00 160.83 ? 2   DC  C OP2   1 
ATOM   550 O  "O5'" . DC  C 3 2  ? -1.327  -35.678 -0.287  1.00 159.63 ? 2   DC  C "O5'" 1 
ATOM   551 C  "C5'" . DC  C 3 2  ? -1.171  -34.808 -1.393  1.00 161.78 ? 2   DC  C "C5'" 1 
ATOM   552 C  "C4'" . DC  C 3 2  ? -2.433  -34.784 -2.234  1.00 163.27 ? 2   DC  C "C4'" 1 
ATOM   553 O  "O4'" . DC  C 3 2  ? -3.581  -35.042 -1.389  1.00 158.19 ? 2   DC  C "O4'" 1 
ATOM   554 C  "C3'" . DC  C 3 2  ? -2.700  -33.462 -2.945  1.00 162.82 ? 2   DC  C "C3'" 1 
ATOM   555 O  "O3'" . DC  C 3 2  ? -3.093  -33.690 -4.285  1.00 167.28 ? 2   DC  C "O3'" 1 
ATOM   556 C  "C2'" . DC  C 3 2  ? -3.821  -32.825 -2.131  1.00 160.12 ? 2   DC  C "C2'" 1 
ATOM   557 C  "C1'" . DC  C 3 2  ? -4.545  -34.031 -1.554  1.00 159.21 ? 2   DC  C "C1'" 1 
ATOM   558 N  N1    . DC  C 3 2  ? -5.154  -33.758 -0.230  1.00 161.32 ? 2   DC  C N1    1 
ATOM   559 C  C2    . DC  C 3 2  ? -6.509  -33.433 -0.149  1.00 166.19 ? 2   DC  C C2    1 
ATOM   560 O  O2    . DC  C 3 2  ? -7.178  -33.386 -1.190  1.00 188.76 ? 2   DC  C O2    1 
ATOM   561 N  N3    . DC  C 3 2  ? -7.053  -33.179 1.068   1.00 161.55 ? 2   DC  C N3    1 
ATOM   562 C  C4    . DC  C 3 2  ? -6.294  -33.240 2.164   1.00 155.13 ? 2   DC  C C4    1 
ATOM   563 N  N4    . DC  C 3 2  ? -6.875  -32.982 3.340   1.00 152.68 ? 2   DC  C N4    1 
ATOM   564 C  C5    . DC  C 3 2  ? -4.906  -33.568 2.101   1.00 152.54 ? 2   DC  C C5    1 
ATOM   565 C  C6    . DC  C 3 2  ? -4.383  -33.816 0.896   1.00 156.14 ? 2   DC  C C6    1 
ATOM   566 P  P     . DT  C 3 3  ? -2.872  -32.541 -5.385  1.00 183.10 ? 3   DT  C P     1 
ATOM   567 O  OP1   . DT  C 3 3  ? -2.966  -33.163 -6.727  1.00 186.44 ? 3   DT  C OP1   1 
ATOM   568 O  OP2   . DT  C 3 3  ? -1.654  -31.790 -5.000  1.00 182.70 ? 3   DT  C OP2   1 
ATOM   569 O  "O5'" . DT  C 3 3  ? -4.128  -31.572 -5.178  1.00 175.48 ? 3   DT  C "O5'" 1 
ATOM   570 C  "C5'" . DT  C 3 3  ? -5.433  -32.049 -5.448  1.00 168.93 ? 3   DT  C "C5'" 1 
ATOM   571 C  "C4'" . DT  C 3 3  ? -6.486  -31.044 -5.017  1.00 167.37 ? 3   DT  C "C4'" 1 
ATOM   572 O  "O4'" . DT  C 3 3  ? -6.643  -31.074 -3.587  1.00 163.53 ? 3   DT  C "O4'" 1 
ATOM   573 C  "C3'" . DT  C 3 3  ? -6.199  -29.583 -5.381  1.00 167.11 ? 3   DT  C "C3'" 1 
ATOM   574 O  "O3'" . DT  C 3 3  ? -7.119  -29.175 -6.421  1.00 170.22 ? 3   DT  C "O3'" 1 
ATOM   575 C  "C2'" . DT  C 3 3  ? -6.381  -28.812 -4.052  1.00 163.75 ? 3   DT  C "C2'" 1 
ATOM   576 C  "C1'" . DT  C 3 3  ? -7.106  -29.820 -3.173  1.00 163.27 ? 3   DT  C "C1'" 1 
ATOM   577 N  N1    . DT  C 3 3  ? -6.834  -29.694 -1.707  1.00 159.20 ? 3   DT  C N1    1 
ATOM   578 C  C2    . DT  C 3 3  ? -7.867  -29.373 -0.857  1.00 157.38 ? 3   DT  C C2    1 
ATOM   579 O  O2    . DT  C 3 3  ? -9.001  -29.146 -1.242  1.00 159.99 ? 3   DT  C O2    1 
ATOM   580 N  N3    . DT  C 3 3  ? -7.525  -29.315 0.470   1.00 154.75 ? 3   DT  C N3    1 
ATOM   581 C  C4    . DT  C 3 3  ? -6.279  -29.551 1.020   1.00 156.16 ? 3   DT  C C4    1 
ATOM   582 O  O4    . DT  C 3 3  ? -6.070  -29.473 2.227   1.00 153.01 ? 3   DT  C O4    1 
ATOM   583 C  C5    . DT  C 3 3  ? -5.240  -29.895 0.077   1.00 156.37 ? 3   DT  C C5    1 
ATOM   584 C  C7    . DT  C 3 3  ? -3.847  -30.175 0.558   1.00 150.49 ? 3   DT  C C7    1 
ATOM   585 C  C6    . DT  C 3 3  ? -5.566  -29.956 -1.225  1.00 158.02 ? 3   DT  C C6    1 
ATOM   586 P  P     . DG  C 3 4  ? -7.819  -27.725 -6.462  1.00 176.54 ? 4   DG  C P     1 
ATOM   587 O  OP1   . DG  C 3 4  ? -8.364  -27.595 -7.831  1.00 177.16 ? 4   DG  C OP1   1 
ATOM   588 O  OP2   . DG  C 3 4  ? -6.892  -26.677 -5.975  1.00 190.08 ? 4   DG  C OP2   1 
ATOM   589 O  "O5'" . DG  C 3 4  ? -9.073  -27.865 -5.474  1.00 166.09 ? 4   DG  C "O5'" 1 
ATOM   590 C  "C5'" . DG  C 3 4  ? -10.259 -27.089 -5.701  1.00 168.31 ? 4   DG  C "C5'" 1 
ATOM   591 C  "C4'" . DG  C 3 4  ? -10.188 -25.774 -4.948  1.00 167.25 ? 4   DG  C "C4'" 1 
ATOM   592 O  "O4'" . DG  C 3 4  ? -9.493  -26.005 -3.707  1.00 162.97 ? 4   DG  C "O4'" 1 
ATOM   593 C  "C3'" . DG  C 3 4  ? -9.398  -24.668 -5.664  1.00 164.65 ? 4   DG  C "C3'" 1 
ATOM   594 O  "O3'" . DG  C 3 4  ? -10.262 -23.642 -6.248  1.00 162.03 ? 4   DG  C "O3'" 1 
ATOM   595 C  "C2'" . DG  C 3 4  ? -8.444  -24.099 -4.604  1.00 160.60 ? 4   DG  C "C2'" 1 
ATOM   596 C  "C1'" . DG  C 3 4  ? -8.845  -24.828 -3.323  1.00 156.61 ? 4   DG  C "C1'" 1 
ATOM   597 N  N9    . DG  C 3 4  ? -7.712  -25.161 -2.476  1.00 151.33 ? 4   DG  C N9    1 
ATOM   598 C  C8    . DG  C 3 4  ? -6.434  -25.473 -2.880  1.00 152.72 ? 4   DG  C C8    1 
ATOM   599 N  N7    . DG  C 3 4  ? -5.618  -25.705 -1.889  1.00 149.04 ? 4   DG  C N7    1 
ATOM   600 C  C5    . DG  C 3 4  ? -6.407  -25.526 -0.756  1.00 145.57 ? 4   DG  C C5    1 
ATOM   601 C  C6    . DG  C 3 4  ? -6.069  -25.644 0.610   1.00 141.09 ? 4   DG  C C6    1 
ATOM   602 O  O6    . DG  C 3 4  ? -4.978  -25.937 1.112   1.00 136.88 ? 4   DG  C O6    1 
ATOM   603 N  N1    . DG  C 3 4  ? -7.167  -25.379 1.432   1.00 141.23 ? 4   DG  C N1    1 
ATOM   604 C  C2    . DG  C 3 4  ? -8.423  -25.044 0.982   1.00 143.90 ? 4   DG  C C2    1 
ATOM   605 N  N2    . DG  C 3 4  ? -9.354  -24.824 1.920   1.00 141.03 ? 4   DG  C N2    1 
ATOM   606 N  N3    . DG  C 3 4  ? -8.747  -24.932 -0.297  1.00 143.59 ? 4   DG  C N3    1 
ATOM   607 C  C4    . DG  C 3 4  ? -7.691  -25.187 -1.107  1.00 146.50 ? 4   DG  C C4    1 
ATOM   608 P  P     . DA  C 3 5  ? -11.581 -23.066 -5.518  1.00 161.41 ? 5   DA  C P     1 
ATOM   609 O  OP1   . DA  C 3 5  ? -12.670 -24.054 -5.664  1.00 164.34 ? 5   DA  C OP1   1 
ATOM   610 O  OP2   . DA  C 3 5  ? -11.783 -21.690 -6.027  1.00 162.66 ? 5   DA  C OP2   1 
ATOM   611 O  "O5'" . DA  C 3 5  ? -11.190 -22.907 -3.976  1.00 156.03 ? 5   DA  C "O5'" 1 
ATOM   612 C  "C5'" . DA  C 3 5  ? -12.089 -23.371 -2.977  1.00 154.02 ? 5   DA  C "C5'" 1 
ATOM   613 C  "C4'" . DA  C 3 5  ? -12.576 -22.246 -2.068  1.00 151.60 ? 5   DA  C "C4'" 1 
ATOM   614 O  "O4'" . DA  C 3 5  ? -11.608 -21.979 -1.031  1.00 148.74 ? 5   DA  C "O4'" 1 
ATOM   615 C  "C3'" . DA  C 3 5  ? -12.847 -20.902 -2.721  1.00 148.74 ? 5   DA  C "C3'" 1 
ATOM   616 O  "O3'" . DA  C 3 5  ? -13.905 -20.255 -1.985  1.00 150.11 ? 5   DA  C "O3'" 1 
ATOM   617 C  "C2'" . DA  C 3 5  ? -11.497 -20.187 -2.589  1.00 142.94 ? 5   DA  C "C2'" 1 
ATOM   618 C  "C1'" . DA  C 3 5  ? -10.931 -20.760 -1.289  1.00 143.29 ? 5   DA  C "C1'" 1 
ATOM   619 N  N9    . DA  C 3 5  ? -9.513  -21.074 -1.334  1.00 140.71 ? 5   DA  C N9    1 
ATOM   620 C  C8    . DA  C 3 5  ? -8.757  -21.364 -2.441  1.00 143.80 ? 5   DA  C C8    1 
ATOM   621 N  N7    . DA  C 3 5  ? -7.501  -21.639 -2.167  1.00 140.57 ? 5   DA  C N7    1 
ATOM   622 C  C5    . DA  C 3 5  ? -7.437  -21.537 -0.780  1.00 137.22 ? 5   DA  C C5    1 
ATOM   623 C  C6    . DA  C 3 5  ? -6.379  -21.713 0.132   1.00 131.67 ? 5   DA  C C6    1 
ATOM   624 N  N6    . DA  C 3 5  ? -5.136  -22.037 -0.225  1.00 130.52 ? 5   DA  C N6    1 
ATOM   625 N  N1    . DA  C 3 5  ? -6.659  -21.537 1.449   1.00 128.29 ? 5   DA  C N1    1 
ATOM   626 C  C2    . DA  C 3 5  ? -7.906  -21.208 1.802   1.00 129.34 ? 5   DA  C C2    1 
ATOM   627 N  N3    . DA  C 3 5  ? -8.974  -21.017 1.033   1.00 132.33 ? 5   DA  C N3    1 
ATOM   628 C  C4    . DA  C 3 5  ? -8.666  -21.201 -0.266  1.00 137.39 ? 5   DA  C C4    1 
ATOM   629 P  P     . DG  C 3 6  ? -14.017 -18.657 -1.844  1.00 154.54 ? 6   DG  C P     1 
ATOM   630 O  OP1   . DG  C 3 6  ? -15.402 -18.393 -1.394  1.00 148.63 ? 6   DG  C OP1   1 
ATOM   631 O  OP2   . DG  C 3 6  ? -13.522 -18.000 -3.075  1.00 149.06 ? 6   DG  C OP2   1 
ATOM   632 O  "O5'" . DG  C 3 6  ? -13.060 -18.303 -0.610  1.00 142.73 ? 6   DG  C "O5'" 1 
ATOM   633 C  "C5'" . DG  C 3 6  ? -13.037 -16.976 -0.103  1.00 140.58 ? 6   DG  C "C5'" 1 
ATOM   634 C  "C4'" . DG  C 3 6  ? -12.792 -16.961 1.395   1.00 138.04 ? 6   DG  C "C4'" 1 
ATOM   635 O  "O4'" . DG  C 3 6  ? -11.652 -17.796 1.708   1.00 133.24 ? 6   DG  C "O4'" 1 
ATOM   636 C  "C3'" . DG  C 3 6  ? -12.446 -15.596 1.959   1.00 131.81 ? 6   DG  C "C3'" 1 
ATOM   637 O  "O3'" . DG  C 3 6  ? -12.789 -15.528 3.322   1.00 129.12 ? 6   DG  C "O3'" 1 
ATOM   638 C  "C2'" . DG  C 3 6  ? -10.940 -15.540 1.769   1.00 128.08 ? 6   DG  C "C2'" 1 
ATOM   639 C  "C1'" . DG  C 3 6  ? -10.534 -16.987 2.036   1.00 129.24 ? 6   DG  C "C1'" 1 
ATOM   640 N  N9    . DG  C 3 6  ? -9.403  -17.423 1.226   1.00 123.78 ? 6   DG  C N9    1 
ATOM   641 C  C8    . DG  C 3 6  ? -9.378  -17.586 -0.140  1.00 124.39 ? 6   DG  C C8    1 
ATOM   642 N  N7    . DG  C 3 6  ? -8.223  -17.989 -0.594  1.00 123.27 ? 6   DG  C N7    1 
ATOM   643 C  C5    . DG  C 3 6  ? -7.429  -18.099 0.544   1.00 122.24 ? 6   DG  C C5    1 
ATOM   644 C  C6    . DG  C 3 6  ? -6.076  -18.492 0.674   1.00 117.16 ? 6   DG  C C6    1 
ATOM   645 O  O6    . DG  C 3 6  ? -5.288  -18.832 -0.216  1.00 119.69 ? 6   DG  C O6    1 
ATOM   646 N  N1    . DG  C 3 6  ? -5.658  -18.466 2.004   1.00 112.57 ? 6   DG  C N1    1 
ATOM   647 C  C2    . DG  C 3 6  ? -6.450  -18.106 3.069   1.00 112.21 ? 6   DG  C C2    1 
ATOM   648 N  N2    . DG  C 3 6  ? -5.876  -18.137 4.279   1.00 112.80 ? 6   DG  C N2    1 
ATOM   649 N  N3    . DG  C 3 6  ? -7.721  -17.733 2.958   1.00 116.16 ? 6   DG  C N3    1 
ATOM   650 C  C4    . DG  C 3 6  ? -8.143  -17.753 1.669   1.00 121.27 ? 6   DG  C C4    1 
ATOM   651 P  P     . DT  C 3 7  ? -12.743 -14.110 4.070   1.00 135.61 ? 7   DT  C P     1 
ATOM   652 O  OP1   . DT  C 3 7  ? -13.590 -14.180 5.283   1.00 131.09 ? 7   DT  C OP1   1 
ATOM   653 O  OP2   . DT  C 3 7  ? -13.019 -13.097 3.028   1.00 127.31 ? 7   DT  C OP2   1 
ATOM   654 O  "O5'" . DT  C 3 7  ? -11.214 -13.955 4.509   1.00 124.57 ? 7   DT  C "O5'" 1 
ATOM   655 C  "C5'" . DT  C 3 7  ? -10.591 -14.952 5.315   1.00 119.75 ? 7   DT  C "C5'" 1 
ATOM   656 C  "C4'" . DT  C 3 7  ? -9.196  -14.516 5.740   1.00 118.05 ? 7   DT  C "C4'" 1 
ATOM   657 O  "O4'" . DT  C 3 7  ? -8.207  -15.059 4.818   1.00 118.42 ? 7   DT  C "O4'" 1 
ATOM   658 C  "C3'" . DT  C 3 7  ? -8.954  -13.000 5.733   1.00 114.25 ? 7   DT  C "C3'" 1 
ATOM   659 O  "O3'" . DT  C 3 7  ? -7.996  -12.678 6.704   1.00 111.28 ? 7   DT  C "O3'" 1 
ATOM   660 C  "C2'" . DT  C 3 7  ? -8.341  -12.810 4.359   1.00 106.37 ? 7   DT  C "C2'" 1 
ATOM   661 C  "C1'" . DT  C 3 7  ? -7.398  -13.990 4.388   1.00 106.38 ? 7   DT  C "C1'" 1 
ATOM   662 N  N1    . DT  C 3 7  ? -6.770  -14.312 3.086   1.00 104.19 ? 7   DT  C N1    1 
ATOM   663 C  C2    . DT  C 3 7  ? -5.489  -14.818 3.074   1.00 103.70 ? 7   DT  C C2    1 
ATOM   664 O  O2    . DT  C 3 7  ? -4.848  -15.038 4.089   1.00 110.59 ? 7   DT  C O2    1 
ATOM   665 N  N3    . DT  C 3 7  ? -4.990  -15.064 1.821   1.00 101.02 ? 7   DT  C N3    1 
ATOM   666 C  C4    . DT  C 3 7  ? -5.630  -14.852 0.615   1.00 107.00 ? 7   DT  C C4    1 
ATOM   667 O  O4    . DT  C 3 7  ? -5.105  -15.105 -0.461  1.00 117.55 ? 7   DT  C O4    1 
ATOM   668 C  C5    . DT  C 3 7  ? -6.961  -14.309 0.711   1.00 107.13 ? 7   DT  C C5    1 
ATOM   669 C  C7    . DT  C 3 7  ? -7.749  -14.034 -0.534  1.00 115.38 ? 7   DT  C C7    1 
ATOM   670 C  C6    . DT  C 3 7  ? -7.460  -14.064 1.925   1.00 106.30 ? 7   DT  C C6    1 
ATOM   671 P  P     . DG  C 3 8  ? -8.414  -12.191 8.172   1.00 136.74 ? 8   DG  C P     1 
ATOM   672 O  OP1   . DG  C 3 8  ? -9.517  -13.064 8.647   1.00 118.03 ? 8   DG  C OP1   1 
ATOM   673 O  OP2   . DG  C 3 8  ? -8.576  -10.721 8.122   1.00 124.66 ? 8   DG  C OP2   1 
ATOM   674 O  "O5'" . DG  C 3 8  ? -7.088  -12.502 9.007   1.00 118.41 ? 8   DG  C "O5'" 1 
ATOM   675 C  "C5'" . DG  C 3 8  ? -6.249  -13.568 8.560   1.00 107.10 ? 8   DG  C "C5'" 1 
ATOM   676 C  "C4'" . DG  C 3 8  ? -4.780  -13.326 8.872   1.00 97.89  ? 8   DG  C "C4'" 1 
ATOM   677 O  "O4'" . DG  C 3 8  ? -4.019  -13.165 7.649   1.00 95.24  ? 8   DG  C "O4'" 1 
ATOM   678 C  "C3'" . DG  C 3 8  ? -4.452  -12.097 9.677   1.00 95.80  ? 8   DG  C "C3'" 1 
ATOM   679 O  "O3'" . DG  C 3 8  ? -3.204  -12.320 10.284  1.00 90.07  ? 8   DG  C "O3'" 1 
ATOM   680 C  "C2'" . DG  C 3 8  ? -4.366  -11.023 8.588   1.00 90.69  ? 8   DG  C "C2'" 1 
ATOM   681 C  "C1'" . DG  C 3 8  ? -3.718  -11.788 7.438   1.00 89.16  ? 8   DG  C "C1'" 1 
ATOM   682 N  N9    . DG  C 3 8  ? -4.227  -11.460 6.111   1.00 85.83  ? 8   DG  C N9    1 
ATOM   683 C  C8    . DG  C 3 8  ? -5.474  -10.956 5.788   1.00 87.61  ? 8   DG  C C8    1 
ATOM   684 N  N7    . DG  C 3 8  ? -5.655  -10.809 4.502   1.00 81.84  ? 8   DG  C N7    1 
ATOM   685 C  C5    . DG  C 3 8  ? -4.461  -11.266 3.937   1.00 78.47  ? 8   DG  C C5    1 
ATOM   686 C  C6    . DG  C 3 8  ? -4.072  -11.356 2.580   1.00 84.79  ? 8   DG  C C6    1 
ATOM   687 O  O6    . DG  C 3 8  ? -4.712  -11.057 1.566   1.00 82.26  ? 8   DG  C O6    1 
ATOM   688 N  N1    . DG  C 3 8  ? -2.775  -11.876 2.452   1.00 84.77  ? 8   DG  C N1    1 
ATOM   689 C  C2    . DG  C 3 8  ? -1.975  -12.247 3.506   1.00 83.15  ? 8   DG  C C2    1 
ATOM   690 N  N2    . DG  C 3 8  ? -0.765  -12.712 3.191   1.00 89.02  ? 8   DG  C N2    1 
ATOM   691 N  N3    . DG  C 3 8  ? -2.331  -12.172 4.777   1.00 80.50  ? 8   DG  C N3    1 
ATOM   692 C  C4    . DG  C 3 8  ? -3.590  -11.672 4.918   1.00 82.97  ? 8   DG  C C4    1 
ATOM   693 P  P     . DG  C 3 9  ? -2.480  -11.172 11.136  1.00 96.76  ? 9   DG  C P     1 
ATOM   694 O  OP1   . DG  C 3 9  ? -1.529  -11.849 12.058  1.00 92.64  ? 9   DG  C OP1   1 
ATOM   695 O  OP2   . DG  C 3 9  ? -3.535  -10.307 11.706  1.00 86.19  ? 9   DG  C OP2   1 
ATOM   696 O  "O5'" . DG  C 3 9  ? -1.622  -10.385 10.034  1.00 90.04  ? 9   DG  C "O5'" 1 
ATOM   697 C  "C5'" . DG  C 3 9  ? -0.499  -11.016 9.456   1.00 80.20  ? 9   DG  C "C5'" 1 
ATOM   698 C  "C4'" . DG  C 3 9  ? 0.112   -10.167 8.363   1.00 84.35  ? 9   DG  C "C4'" 1 
ATOM   699 O  "O4'" . DG  C 3 9  ? -0.744  -10.159 7.189   1.00 85.64  ? 9   DG  C "O4'" 1 
ATOM   700 C  "C3'" . DG  C 3 9  ? 0.341   -8.681  8.720   1.00 90.02  ? 9   DG  C "C3'" 1 
ATOM   701 O  "O3'" . DG  C 3 9  ? 1.675   -8.312  8.408   1.00 77.00  ? 9   DG  C "O3'" 1 
ATOM   702 C  "C2'" . DG  C 3 9  ? -0.641  -7.956  7.807   1.00 82.81  ? 9   DG  C "C2'" 1 
ATOM   703 C  "C1'" . DG  C 3 9  ? -0.612  -8.891  6.620   1.00 77.25  ? 9   DG  C "C1'" 1 
ATOM   704 N  N9    . DG  C 3 9  ? -1.668  -8.646  5.661   1.00 77.95  ? 9   DG  C N9    1 
ATOM   705 C  C8    . DG  C 3 9  ? -2.939  -8.215  5.915   1.00 67.87  ? 9   DG  C C8    1 
ATOM   706 N  N7    . DG  C 3 9  ? -3.646  -8.050  4.831   1.00 69.66  ? 9   DG  C N7    1 
ATOM   707 C  C5    . DG  C 3 9  ? -2.766  -8.375  3.805   1.00 63.73  ? 9   DG  C C5    1 
ATOM   708 C  C6    . DG  C 3 9  ? -2.961  -8.379  2.413   1.00 71.00  ? 9   DG  C C6    1 
ATOM   709 O  O6    . DG  C 3 9  ? -3.978  -8.094  1.777   1.00 73.94  ? 9   DG  C O6    1 
ATOM   710 N  N1    . DG  C 3 9  ? -1.812  -8.780  1.741   1.00 73.71  ? 9   DG  C N1    1 
ATOM   711 C  C2    . DG  C 3 9  ? -0.631  -9.133  2.342   1.00 78.56  ? 9   DG  C C2    1 
ATOM   712 N  N2    . DG  C 3 9  ? 0.384   -9.485  1.532   1.00 83.99  ? 9   DG  C N2    1 
ATOM   713 N  N3    . DG  C 3 9  ? -0.446  -9.116  3.649   1.00 75.01  ? 9   DG  C N3    1 
ATOM   714 C  C4    . DG  C 3 9  ? -1.548  -8.733  4.311   1.00 70.98  ? 9   DG  C C4    1 
ATOM   715 P  P     . DC  D 4 1  ? -0.268  12.388  -11.021 1.00 97.18  ? 10  DC  D P     1 
ATOM   716 O  OP1   . DC  D 4 1  ? -0.970  12.702  -12.286 1.00 86.41  ? 10  DC  D OP1   1 
ATOM   717 O  OP2   . DC  D 4 1  ? 1.081   11.788  -11.058 1.00 84.08  ? 10  DC  D OP2   1 
ATOM   718 O  "O5'" . DC  D 4 1  ? -1.164  11.373  -10.191 1.00 92.50  ? 10  DC  D "O5'" 1 
ATOM   719 C  "C5'" . DC  D 4 1  ? -2.568  11.404  -10.328 1.00 86.42  ? 10  DC  D "C5'" 1 
ATOM   720 C  "C4'" . DC  D 4 1  ? -3.216  11.508  -8.972  1.00 82.04  ? 10  DC  D "C4'" 1 
ATOM   721 O  "O4'" . DC  D 4 1  ? -2.775  10.411  -8.154  1.00 83.27  ? 10  DC  D "O4'" 1 
ATOM   722 C  "C3'" . DC  D 4 1  ? -2.816  12.727  -8.177  1.00 87.70  ? 10  DC  D "C3'" 1 
ATOM   723 O  "O3'" . DC  D 4 1  ? -3.592  13.832  -8.576  1.00 95.96  ? 10  DC  D "O3'" 1 
ATOM   724 C  "C2'" . DC  D 4 1  ? -3.160  12.289  -6.764  1.00 84.92  ? 10  DC  D "C2'" 1 
ATOM   725 C  "C1'" . DC  D 4 1  ? -2.820  10.800  -6.797  1.00 81.01  ? 10  DC  D "C1'" 1 
ATOM   726 N  N1    . DC  D 4 1  ? -1.528  10.498  -6.189  1.00 76.02  ? 10  DC  D N1    1 
ATOM   727 C  C2    . DC  D 4 1  ? -1.405  10.518  -4.798  1.00 79.50  ? 10  DC  D C2    1 
ATOM   728 O  O2    . DC  D 4 1  ? -2.409  10.791  -4.117  1.00 88.49  ? 10  DC  D O2    1 
ATOM   729 N  N3    . DC  D 4 1  ? -0.207  10.243  -4.243  1.00 74.50  ? 10  DC  D N3    1 
ATOM   730 C  C4    . DC  D 4 1  ? 0.840   9.960   -5.031  1.00 77.52  ? 10  DC  D C4    1 
ATOM   731 N  N4    . DC  D 4 1  ? 2.015   9.700   -4.446  1.00 75.55  ? 10  DC  D N4    1 
ATOM   732 C  C5    . DC  D 4 1  ? 0.728   9.935   -6.450  1.00 75.50  ? 10  DC  D C5    1 
ATOM   733 C  C6    . DC  D 4 1  ? -0.464  10.208  -6.978  1.00 74.61  ? 10  DC  D C6    1 
ATOM   734 P  P     . DG  D 4 2  ? -3.046  15.320  -8.333  1.00 104.94 ? 11  DG  D P     1 
ATOM   735 O  OP1   . DG  D 4 2  ? -4.093  16.233  -8.844  1.00 103.62 ? 11  DG  D OP1   1 
ATOM   736 O  OP2   . DG  D 4 2  ? -1.660  15.385  -8.855  1.00 95.91  ? 11  DG  D OP2   1 
ATOM   737 O  "O5'" . DG  D 4 2  ? -2.998  15.468  -6.740  1.00 95.50  ? 11  DG  D "O5'" 1 
ATOM   738 C  "C5'" . DG  D 4 2  ? -4.207  15.677  -6.023  1.00 98.85  ? 11  DG  D "C5'" 1 
ATOM   739 C  "C4'" . DG  D 4 2  ? -3.991  15.474  -4.540  1.00 105.58 ? 11  DG  D "C4'" 1 
ATOM   740 O  "O4'" . DG  D 4 2  ? -3.194  14.292  -4.332  1.00 100.95 ? 11  DG  D "O4'" 1 
ATOM   741 C  "C3'" . DG  D 4 2  ? -3.204  16.570  -3.853  1.00 106.88 ? 11  DG  D "C3'" 1 
ATOM   742 O  "O3'" . DG  D 4 2  ? -4.062  17.645  -3.503  1.00 108.75 ? 11  DG  D "O3'" 1 
ATOM   743 C  "C2'" . DG  D 4 2  ? -2.676  15.851  -2.615  1.00 108.44 ? 11  DG  D "C2'" 1 
ATOM   744 C  "C1'" . DG  D 4 2  ? -2.489  14.412  -3.116  1.00 95.14  ? 11  DG  D "C1'" 1 
ATOM   745 N  N9    . DG  D 4 2  ? -1.103  14.050  -3.341  1.00 90.14  ? 11  DG  D N9    1 
ATOM   746 C  C8    . DG  D 4 2  ? -0.454  13.963  -4.555  1.00 88.20  ? 11  DG  D C8    1 
ATOM   747 N  N7    . DG  D 4 2  ? 0.800   13.610  -4.447  1.00 81.35  ? 11  DG  D N7    1 
ATOM   748 C  C5    . DG  D 4 2  ? 0.989   13.451  -3.073  1.00 81.85  ? 11  DG  D C5    1 
ATOM   749 C  C6    . DG  D 4 2  ? 2.142   13.078  -2.358  1.00 87.12  ? 11  DG  D C6    1 
ATOM   750 O  O6    . DG  D 4 2  ? 3.271   12.804  -2.787  1.00 87.77  ? 11  DG  D O6    1 
ATOM   751 N  N1    . DG  D 4 2  ? 1.895   13.035  -0.985  1.00 88.90  ? 11  DG  D N1    1 
ATOM   752 C  C2    . DG  D 4 2  ? 0.689   13.317  -0.394  1.00 93.81  ? 11  DG  D C2    1 
ATOM   753 N  N2    . DG  D 4 2  ? 0.638   13.222  0.947   1.00 91.79  ? 11  DG  D N2    1 
ATOM   754 N  N3    . DG  D 4 2  ? -0.397  13.672  -1.061  1.00 86.61  ? 11  DG  D N3    1 
ATOM   755 C  C4    . DG  D 4 2  ? -0.174  13.716  -2.398  1.00 84.81  ? 11  DG  D C4    1 
ATOM   756 P  P     . DT  D 4 3  ? -3.444  19.109  -3.266  1.00 119.94 ? 12  DT  D P     1 
ATOM   757 O  OP1   . DT  D 4 3  ? -4.562  20.068  -3.404  1.00 114.60 ? 12  DT  D OP1   1 
ATOM   758 O  OP2   . DT  D 4 3  ? -2.220  19.232  -4.097  1.00 115.03 ? 12  DT  D OP2   1 
ATOM   759 O  "O5'" . DT  D 4 3  ? -2.958  19.082  -1.747  1.00 108.51 ? 12  DT  D "O5'" 1 
ATOM   760 C  "C5'" . DT  D 4 3  ? -3.883  18.791  -0.722  1.00 110.08 ? 12  DT  D "C5'" 1 
ATOM   761 C  "C4'" . DT  D 4 3  ? -3.163  18.266  0.498   1.00 112.91 ? 12  DT  D "C4'" 1 
ATOM   762 O  "O4'" . DT  D 4 3  ? -2.107  17.374  0.077   1.00 109.45 ? 12  DT  D "O4'" 1 
ATOM   763 C  "C3'" . DT  D 4 3  ? -2.508  19.340  1.362   1.00 119.11 ? 12  DT  D "C3'" 1 
ATOM   764 O  "O3'" . DT  D 4 3  ? -2.997  19.247  2.693   1.00 129.09 ? 12  DT  D "O3'" 1 
ATOM   765 C  "C2'" . DT  D 4 3  ? -1.004  19.041  1.283   1.00 114.87 ? 12  DT  D "C2'" 1 
ATOM   766 C  "C1'" . DT  D 4 3  ? -0.963  17.581  0.860   1.00 101.72 ? 12  DT  D "C1'" 1 
ATOM   767 N  N1    . DT  D 4 3  ? 0.216   17.257  0.022   1.00 95.92  ? 12  DT  D N1    1 
ATOM   768 C  C2    . DT  D 4 3  ? 1.356   16.743  0.605   1.00 97.72  ? 12  DT  D C2    1 
ATOM   769 O  O2    . DT  D 4 3  ? 1.458   16.528  1.800   1.00 100.45 ? 12  DT  D O2    1 
ATOM   770 N  N3    . DT  D 4 3  ? 2.383   16.487  -0.271  1.00 94.95  ? 12  DT  D N3    1 
ATOM   771 C  C4    . DT  D 4 3  ? 2.371   16.693  -1.645  1.00 95.45  ? 12  DT  D C4    1 
ATOM   772 O  O4    . DT  D 4 3  ? 3.335   16.443  -2.361  1.00 95.35  ? 12  DT  D O4    1 
ATOM   773 C  C5    . DT  D 4 3  ? 1.152   17.231  -2.186  1.00 91.81  ? 12  DT  D C5    1 
ATOM   774 C  C7    . DT  D 4 3  ? 1.034   17.499  -3.654  1.00 88.17  ? 12  DT  D C7    1 
ATOM   775 C  C6    . DT  D 4 3  ? 0.147   17.486  -1.338  1.00 98.08  ? 12  DT  D C6    1 
ATOM   776 P  P     . DC  D 4 4  ? -2.521  20.302  3.805   1.00 137.29 ? 13  DC  D P     1 
ATOM   777 O  OP1   . DC  D 4 4  ? -3.521  20.306  4.899   1.00 132.72 ? 13  DC  D OP1   1 
ATOM   778 O  OP2   . DC  D 4 4  ? -2.184  21.560  3.103   1.00 131.79 ? 13  DC  D OP2   1 
ATOM   779 O  "O5'" . DC  D 4 4  ? -1.160  19.682  4.354   1.00 124.69 ? 13  DC  D "O5'" 1 
ATOM   780 C  "C5'" . DC  D 4 4  ? -0.259  20.499  5.048   1.00 131.33 ? 13  DC  D "C5'" 1 
ATOM   781 C  "C4'" . DC  D 4 4  ? 1.078   19.811  5.175   1.00 135.35 ? 13  DC  D "C4'" 1 
ATOM   782 O  "O4'" . DC  D 4 4  ? 1.553   19.442  3.870   1.00 121.36 ? 13  DC  D "O4'" 1 
ATOM   783 C  "C3'" . DC  D 4 4  ? 2.178   20.668  5.794   1.00 147.37 ? 13  DC  D "C3'" 1 
ATOM   784 O  "O3'" . DC  D 4 4  ? 2.483   20.184  7.090   1.00 158.90 ? 13  DC  D "O3'" 1 
ATOM   785 C  "C2'" . DC  D 4 4  ? 3.375   20.531  4.832   1.00 142.21 ? 13  DC  D "C2'" 1 
ATOM   786 C  "C1'" . DC  D 4 4  ? 2.952   19.393  3.913   1.00 126.43 ? 13  DC  D "C1'" 1 
ATOM   787 N  N1    . DC  D 4 4  ? 3.460   19.511  2.520   1.00 121.20 ? 13  DC  D N1    1 
ATOM   788 C  C2    . DC  D 4 4  ? 4.762   19.081  2.207   1.00 120.33 ? 13  DC  D C2    1 
ATOM   789 O  O2    . DC  D 4 4  ? 5.489   18.622  3.098   1.00 123.04 ? 13  DC  D O2    1 
ATOM   790 N  N3    . DC  D 4 4  ? 5.192   19.182  0.926   1.00 116.63 ? 13  DC  D N3    1 
ATOM   791 C  C4    . DC  D 4 4  ? 4.383   19.679  -0.011  1.00 116.42 ? 13  DC  D C4    1 
ATOM   792 N  N4    . DC  D 4 4  ? 4.857   19.758  -1.257  1.00 115.88 ? 13  DC  D N4    1 
ATOM   793 C  C5    . DC  D 4 4  ? 3.055   20.116  0.284   1.00 108.09 ? 13  DC  D C5    1 
ATOM   794 C  C6    . DC  D 4 4  ? 2.639   20.012  1.549   1.00 113.45 ? 13  DC  D C6    1 
ATOM   795 P  P     . DT  D 4 5  ? 2.949   21.205  8.238   1.00 169.47 ? 14  DT  D P     1 
ATOM   796 O  OP1   . DT  D 4 5  ? 2.729   20.552  9.549   1.00 182.93 ? 14  DT  D OP1   1 
ATOM   797 O  OP2   . DT  D 4 5  ? 2.299   22.504  7.949   1.00 163.98 ? 14  DT  D OP2   1 
ATOM   798 O  "O5'" . DT  D 4 5  ? 4.519   21.365  7.979   1.00 162.63 ? 14  DT  D "O5'" 1 
ATOM   799 C  "C5'" . DT  D 4 5  ? 5.340   20.211  7.894   1.00 161.21 ? 14  DT  D "C5'" 1 
ATOM   800 C  "C4'" . DT  D 4 5  ? 6.737   20.571  7.431   1.00 165.50 ? 14  DT  D "C4'" 1 
ATOM   801 O  "O4'" . DT  D 4 5  ? 6.792   20.580  5.979   1.00 159.56 ? 14  DT  D "O4'" 1 
ATOM   802 C  "C3'" . DT  D 4 5  ? 7.237   21.950  7.883   1.00 171.43 ? 14  DT  D "C3'" 1 
ATOM   803 O  "O3'" . DT  D 4 5  ? 8.547   21.837  8.417   1.00 176.42 ? 14  DT  D "O3'" 1 
ATOM   804 C  "C2'" . DT  D 4 5  ? 7.232   22.765  6.589   1.00 164.60 ? 14  DT  D "C2'" 1 
ATOM   805 C  "C1'" . DT  D 4 5  ? 7.558   21.686  5.577   1.00 160.44 ? 14  DT  D "C1'" 1 
ATOM   806 N  N1    . DT  D 4 5  ? 7.211   22.047  4.171   1.00 151.06 ? 14  DT  D N1    1 
ATOM   807 C  C2    . DT  D 4 5  ? 8.133   21.817  3.176   1.00 149.75 ? 14  DT  D C2    1 
ATOM   808 O  O2    . DT  D 4 5  ? 9.225   21.319  3.385   1.00 152.96 ? 14  DT  D O2    1 
ATOM   809 N  N3    . DT  D 4 5  ? 7.730   22.187  1.921   1.00 143.87 ? 14  DT  D N3    1 
ATOM   810 C  C4    . DT  D 4 5  ? 6.521   22.756  1.567   1.00 140.18 ? 14  DT  D C4    1 
ATOM   811 O  O4    . DT  D 4 5  ? 6.250   23.053  0.405   1.00 135.18 ? 14  DT  D O4    1 
ATOM   812 C  C5    . DT  D 4 5  ? 5.597   22.977  2.658   1.00 136.70 ? 14  DT  D C5    1 
ATOM   813 C  C7    . DT  D 4 5  ? 4.252   23.589  2.395   1.00 125.49 ? 14  DT  D C7    1 
ATOM   814 C  C6    . DT  D 4 5  ? 5.985   22.619  3.895   1.00 144.75 ? 14  DT  D C6    1 
ATOM   815 P  P     . DG  D 4 6  ? 9.143   23.004  9.348   1.00 181.60 ? 15  DG  D P     1 
ATOM   816 O  OP1   . DG  D 4 6  ? 9.414   22.398  10.670  1.00 184.64 ? 15  DG  D OP1   1 
ATOM   817 O  OP2   . DG  D 4 6  ? 8.243   24.176  9.245   1.00 178.51 ? 15  DG  D OP2   1 
ATOM   818 O  "O5'" . DG  D 4 6  ? 10.536  23.379  8.656   1.00 174.90 ? 15  DG  D "O5'" 1 
ATOM   819 C  "C5'" . DG  D 4 6  ? 11.689  22.594  8.921   1.00 176.59 ? 15  DG  D "C5'" 1 
ATOM   820 C  "C4'" . DG  D 4 6  ? 12.569  22.499  7.692   1.00 174.06 ? 15  DG  D "C4'" 1 
ATOM   821 O  "O4'" . DG  D 4 6  ? 11.754  22.117  6.555   1.00 172.52 ? 15  DG  D "O4'" 1 
ATOM   822 C  "C3'" . DG  D 4 6  ? 13.236  23.800  7.278   1.00 171.77 ? 15  DG  D "C3'" 1 
ATOM   823 O  "O3'" . DG  D 4 6  ? 14.493  23.968  7.971   1.00 174.38 ? 15  DG  D "O3'" 1 
ATOM   824 C  "C2'" . DG  D 4 6  ? 13.413  23.611  5.780   1.00 168.83 ? 15  DG  D "C2'" 1 
ATOM   825 C  "C1'" . DG  D 4 6  ? 12.159  22.838  5.404   1.00 171.20 ? 15  DG  D "C1'" 1 
ATOM   826 N  N9    . DG  D 4 6  ? 11.056  23.691  4.971   1.00 169.46 ? 15  DG  D N9    1 
ATOM   827 C  C8    . DG  D 4 6  ? 10.178  24.383  5.773   1.00 164.89 ? 15  DG  D C8    1 
ATOM   828 N  N7    . DG  D 4 6  ? 9.285   25.061  5.105   1.00 162.61 ? 15  DG  D N7    1 
ATOM   829 C  C5    . DG  D 4 6  ? 9.590   24.801  3.770   1.00 158.34 ? 15  DG  D C5    1 
ATOM   830 C  C6    . DG  D 4 6  ? 8.961   25.266  2.587   1.00 153.74 ? 15  DG  D C6    1 
ATOM   831 O  O6    . DG  D 4 6  ? 7.985   26.019  2.477   1.00 150.75 ? 15  DG  D O6    1 
ATOM   832 N  N1    . DG  D 4 6  ? 9.584   24.763  1.443   1.00 153.24 ? 15  DG  D N1    1 
ATOM   833 C  C2    . DG  D 4 6  ? 10.671  23.920  1.445   1.00 154.68 ? 15  DG  D C2    1 
ATOM   834 N  N2    . DG  D 4 6  ? 11.131  23.541  0.242   1.00 148.10 ? 15  DG  D N2    1 
ATOM   835 N  N3    . DG  D 4 6  ? 11.269  23.479  2.549   1.00 158.83 ? 15  DG  D N3    1 
ATOM   836 C  C4    . DG  D 4 6  ? 10.674  23.962  3.674   1.00 160.73 ? 15  DG  D C4    1 
ATOM   837 P  P     . DC  D 4 7  ? 15.886  23.411  7.376   1.00 179.07 ? 16  DC  D P     1 
ATOM   838 O  OP1   . DC  D 4 7  ? 15.714  22.015  6.908   1.00 173.46 ? 16  DC  D OP1   1 
ATOM   839 O  OP2   . DC  D 4 7  ? 16.904  23.693  8.413   1.00 175.05 ? 16  DC  D OP2   1 
ATOM   840 O  "O5'" . DC  D 4 7  ? 16.218  24.380  6.143   1.00 170.55 ? 16  DC  D "O5'" 1 
ATOM   841 C  "C5'" . DC  D 4 7  ? 17.362  24.138  5.333   1.00 166.91 ? 16  DC  D "C5'" 1 
ATOM   842 C  "C4'" . DC  D 4 7  ? 16.967  23.998  3.875   1.00 167.31 ? 16  DC  D "C4'" 1 
ATOM   843 O  "O4'" . DC  D 4 7  ? 15.584  24.347  3.722   1.00 164.29 ? 16  DC  D "O4'" 1 
ATOM   844 C  "C3'" . DC  D 4 7  ? 17.723  24.910  2.911   1.00 170.34 ? 16  DC  D "C3'" 1 
ATOM   845 O  "O3'" . DC  D 4 7  ? 18.733  24.170  2.238   1.00 174.54 ? 16  DC  D "O3'" 1 
ATOM   846 C  "C2'" . DC  D 4 7  ? 16.647  25.425  1.931   1.00 159.87 ? 16  DC  D "C2'" 1 
ATOM   847 C  "C1'" . DC  D 4 7  ? 15.368  24.720  2.389   1.00 161.74 ? 16  DC  D "C1'" 1 
ATOM   848 N  N1    . DC  D 4 7  ? 14.153  25.582  2.340   1.00 159.26 ? 16  DC  D N1    1 
ATOM   849 C  C2    . DC  D 4 7  ? 13.586  25.921  1.105   1.00 153.64 ? 16  DC  D C2    1 
ATOM   850 O  O2    . DC  D 4 7  ? 14.104  25.502  0.064   1.00 151.42 ? 16  DC  D O2    1 
ATOM   851 N  N3    . DC  D 4 7  ? 12.480  26.707  1.088   1.00 152.60 ? 16  DC  D N3    1 
ATOM   852 C  C4    . DC  D 4 7  ? 11.946  27.139  2.232   1.00 155.62 ? 16  DC  D C4    1 
ATOM   853 N  N4    . DC  D 4 7  ? 10.856  27.911  2.163   1.00 152.64 ? 16  DC  D N4    1 
ATOM   854 C  C5    . DC  D 4 7  ? 12.510  26.802  3.496   1.00 158.33 ? 16  DC  D C5    1 
ATOM   855 C  C6    . DC  D 4 7  ? 13.601  26.031  3.501   1.00 159.01 ? 16  DC  D C6    1 
HETATM 856 AS AS    . CAC E 5 .  ? -5.932  4.000   -14.399 1.00 126.40 ? 101 CAC B AS    1 
HETATM 857 AS AS    . CAC F 5 .  ? -1.465  -0.707  3.540   1.00 111.62 ? 102 CAC B AS    1 
HETATM 858 MG MG    . MG  G 6 .  ? -8.430  -7.896  4.757   1.00 115.86 ? 101 MG  C MG    1 
HETATM 859 AS AS    . CAC H 5 .  ? 4.786   13.848  -7.032  1.00 151.78 ? 101 CAC D AS    1 
# 
loop_
_pdbx_poly_seq_scheme.asym_id 
_pdbx_poly_seq_scheme.entity_id 
_pdbx_poly_seq_scheme.seq_id 
_pdbx_poly_seq_scheme.mon_id 
_pdbx_poly_seq_scheme.ndb_seq_num 
_pdbx_poly_seq_scheme.pdb_seq_num 
_pdbx_poly_seq_scheme.auth_seq_num 
_pdbx_poly_seq_scheme.pdb_mon_id 
_pdbx_poly_seq_scheme.auth_mon_id 
_pdbx_poly_seq_scheme.pdb_strand_id 
_pdbx_poly_seq_scheme.pdb_ins_code 
_pdbx_poly_seq_scheme.hetero 
A 1 1  DG 1  1  1  DG DG A . n 
A 1 2  DA 2  2  2  DA DA A . n 
A 1 3  DG 3  3  3  DG DG A . n 
A 1 4  DC 4  4  4  DC DC A . n 
A 1 5  DA 5  5  5  DA DA A . n 
A 1 6  DG 6  6  6  DG DG A . n 
A 1 7  DA 7  7  7  DA DA A . n 
A 1 8  DC 8  8  8  DC DC A . n 
A 1 9  DG 9  9  9  DG DG A . n 
A 1 10 DT 10 10 10 DT DT A . n 
A 1 11 DG 11 11 11 DG DG A . n 
A 1 12 DA 12 12 12 DA DA A . n 
A 1 13 DC 13 13 13 DC DC A . n 
A 1 14 DT 14 14 14 DT DT A . n 
A 1 15 DC 15 15 15 DC DC A . n 
A 1 16 DC 16 16 16 DC DC A . n 
A 1 17 DA 17 17 17 DA DA A . n 
A 1 18 DC 18 18 18 DC DC A . n 
A 1 19 DT 19 19 19 DT DT A . n 
A 1 20 DC 20 20 20 DC DC A . n 
A 1 21 DA 21 21 21 DA DA A . n 
B 2 1  DA 1  1  1  DA DA B . n 
B 2 2  DG 2  2  2  DG DG B . n 
B 2 3  DT 3  3  3  DT DT B . n 
B 2 4  DC 4  4  4  DC DC B . n 
B 2 5  DA 5  5  5  DA DA B . n 
C 3 1  DT 1  1  1  DT DT C . n 
C 3 2  DC 2  2  2  DC DC C . n 
C 3 3  DT 3  3  3  DT DT C . n 
C 3 4  DG 4  4  4  DG DG C . n 
C 3 5  DA 5  5  5  DA DA C . n 
C 3 6  DG 6  6  6  DG DG C . n 
C 3 7  DT 7  7  7  DT DT C . n 
C 3 8  DG 8  8  8  DG DG C . n 
C 3 9  DG 9  9  9  DG DG C . n 
D 4 1  DC 1  10 10 DC DC D . n 
D 4 2  DG 2  11 11 DG DG D . n 
D 4 3  DT 3  12 12 DT DT D . n 
D 4 4  DC 4  13 13 DC DC D . n 
D 4 5  DT 5  14 14 DT DT D . n 
D 4 6  DG 6  15 15 DG DG D . n 
D 4 7  DC 7  16 16 DC DC D . n 
# 
loop_
_pdbx_nonpoly_scheme.asym_id 
_pdbx_nonpoly_scheme.entity_id 
_pdbx_nonpoly_scheme.mon_id 
_pdbx_nonpoly_scheme.ndb_seq_num 
_pdbx_nonpoly_scheme.pdb_seq_num 
_pdbx_nonpoly_scheme.auth_seq_num 
_pdbx_nonpoly_scheme.pdb_mon_id 
_pdbx_nonpoly_scheme.auth_mon_id 
_pdbx_nonpoly_scheme.pdb_strand_id 
_pdbx_nonpoly_scheme.pdb_ins_code 
E 5 CAC 1 101 1 CAC AS B . 
F 5 CAC 1 102 2 CAC AS B . 
G 6 MG  1 101 1 MG  MG C . 
H 5 CAC 1 101 3 CAC AS D . 
# 
_pdbx_struct_assembly.id                   1 
_pdbx_struct_assembly.details              author_and_software_defined_assembly 
_pdbx_struct_assembly.method_details       PISA 
_pdbx_struct_assembly.oligomeric_details   tetrameric 
_pdbx_struct_assembly.oligomeric_count     4 
# 
_pdbx_struct_assembly_gen.assembly_id       1 
_pdbx_struct_assembly_gen.oper_expression   1 
_pdbx_struct_assembly_gen.asym_id_list      A,B,C,D,E,F,G,H 
# 
loop_
_pdbx_struct_assembly_prop.biol_id 
_pdbx_struct_assembly_prop.type 
_pdbx_struct_assembly_prop.value 
_pdbx_struct_assembly_prop.details 
1 'ABSA (A^2)' 2560 ? 
1 MORE         -14  ? 
1 'SSA (A^2)'  8000 ? 
# 
_pdbx_struct_oper_list.id                   1 
_pdbx_struct_oper_list.type                 'identity operation' 
_pdbx_struct_oper_list.name                 1_555 
_pdbx_struct_oper_list.symmetry_operation   x,y,z 
_pdbx_struct_oper_list.matrix[1][1]         1.0000000000 
_pdbx_struct_oper_list.matrix[1][2]         0.0000000000 
_pdbx_struct_oper_list.matrix[1][3]         0.0000000000 
_pdbx_struct_oper_list.vector[1]            0.0000000000 
_pdbx_struct_oper_list.matrix[2][1]         0.0000000000 
_pdbx_struct_oper_list.matrix[2][2]         1.0000000000 
_pdbx_struct_oper_list.matrix[2][3]         0.0000000000 
_pdbx_struct_oper_list.vector[2]            0.0000000000 
_pdbx_struct_oper_list.matrix[3][1]         0.0000000000 
_pdbx_struct_oper_list.matrix[3][2]         0.0000000000 
_pdbx_struct_oper_list.matrix[3][3]         1.0000000000 
_pdbx_struct_oper_list.vector[3]            0.0000000000 
# 
loop_
_pdbx_audit_revision_history.ordinal 
_pdbx_audit_revision_history.data_content_type 
_pdbx_audit_revision_history.major_revision 
_pdbx_audit_revision_history.minor_revision 
_pdbx_audit_revision_history.revision_date 
1 'Structure model' 1 0 2021-07-14 
2 'Structure model' 1 1 2022-07-06 
3 'Structure model' 1 2 2023-10-18 
# 
_pdbx_audit_revision_details.ordinal             1 
_pdbx_audit_revision_details.revision_ordinal    1 
_pdbx_audit_revision_details.data_content_type   'Structure model' 
_pdbx_audit_revision_details.provider            repository 
_pdbx_audit_revision_details.type                'Initial release' 
_pdbx_audit_revision_details.description         ? 
_pdbx_audit_revision_details.details             ? 
# 
loop_
_pdbx_audit_revision_group.ordinal 
_pdbx_audit_revision_group.revision_ordinal 
_pdbx_audit_revision_group.data_content_type 
_pdbx_audit_revision_group.group 
1 2 'Structure model' 'Database references'    
2 3 'Structure model' 'Data collection'        
3 3 'Structure model' 'Refinement description' 
# 
loop_
_pdbx_audit_revision_category.ordinal 
_pdbx_audit_revision_category.revision_ordinal 
_pdbx_audit_revision_category.data_content_type 
_pdbx_audit_revision_category.category 
1 2 'Structure model' citation                      
2 2 'Structure model' citation_author               
3 2 'Structure model' database_2                    
4 3 'Structure model' chem_comp_atom                
5 3 'Structure model' chem_comp_bond                
6 3 'Structure model' pdbx_initial_refinement_model 
# 
loop_
_pdbx_audit_revision_item.ordinal 
_pdbx_audit_revision_item.revision_ordinal 
_pdbx_audit_revision_item.data_content_type 
_pdbx_audit_revision_item.item 
1  2 'Structure model' '_citation.country'                   
2  2 'Structure model' '_citation.journal_abbrev'            
3  2 'Structure model' '_citation.journal_id_CSD'            
4  2 'Structure model' '_citation.journal_id_ISSN'           
5  2 'Structure model' '_citation.journal_volume'            
6  2 'Structure model' '_citation.page_first'                
7  2 'Structure model' '_citation.page_last'                 
8  2 'Structure model' '_citation.pdbx_database_id_DOI'      
9  2 'Structure model' '_citation.pdbx_database_id_PubMed'   
10 2 'Structure model' '_citation.title'                     
11 2 'Structure model' '_citation.year'                      
12 2 'Structure model' '_database_2.pdbx_DOI'                
13 2 'Structure model' '_database_2.pdbx_database_accession' 
# 
loop_
_software.citation_id 
_software.classification 
_software.compiler_name 
_software.compiler_version 
_software.contact_author 
_software.contact_author_email 
_software.date 
_software.description 
_software.dependencies 
_software.hardware 
_software.language 
_software.location 
_software.mods 
_software.name 
_software.os 
_software.os_version 
_software.type 
_software.version 
_software.pdbx_ordinal 
? 'data reduction'  ? ? ? ? ? ? ? ? ? ? ? HKL-2000    ? ? ? .           1 
? 'data scaling'    ? ? ? ? ? ? ? ? ? ? ? HKL-2000    ? ? ? .           2 
? refinement        ? ? ? ? ? ? ? ? ? ? ? PHENIX      ? ? ? 1.11.1_2575 3 
? 'data extraction' ? ? ? ? ? ? ? ? ? ? ? PDB_EXTRACT ? ? ? 3.25        4 
? phasing           ? ? ? ? ? ? ? ? ? ? ? PHASER      ? ? ? .           5 
# 
_pdbx_entry_details.entry_id                 6WQG 
_pdbx_entry_details.has_ligand_of_interest   N 
_pdbx_entry_details.compound_details         ? 
_pdbx_entry_details.source_details           ? 
_pdbx_entry_details.nonpolymer_details       ? 
_pdbx_entry_details.sequence_details         ? 
# 
loop_
_pdbx_validate_rmsd_angle.id 
_pdbx_validate_rmsd_angle.PDB_model_num 
_pdbx_validate_rmsd_angle.auth_atom_id_1 
_pdbx_validate_rmsd_angle.auth_asym_id_1 
_pdbx_validate_rmsd_angle.auth_comp_id_1 
_pdbx_validate_rmsd_angle.auth_seq_id_1 
_pdbx_validate_rmsd_angle.PDB_ins_code_1 
_pdbx_validate_rmsd_angle.label_alt_id_1 
_pdbx_validate_rmsd_angle.auth_atom_id_2 
_pdbx_validate_rmsd_angle.auth_asym_id_2 
_pdbx_validate_rmsd_angle.auth_comp_id_2 
_pdbx_validate_rmsd_angle.auth_seq_id_2 
_pdbx_validate_rmsd_angle.PDB_ins_code_2 
_pdbx_validate_rmsd_angle.label_alt_id_2 
_pdbx_validate_rmsd_angle.auth_atom_id_3 
_pdbx_validate_rmsd_angle.auth_asym_id_3 
_pdbx_validate_rmsd_angle.auth_comp_id_3 
_pdbx_validate_rmsd_angle.auth_seq_id_3 
_pdbx_validate_rmsd_angle.PDB_ins_code_3 
_pdbx_validate_rmsd_angle.label_alt_id_3 
_pdbx_validate_rmsd_angle.angle_value 
_pdbx_validate_rmsd_angle.angle_target_value 
_pdbx_validate_rmsd_angle.angle_deviation 
_pdbx_validate_rmsd_angle.angle_standard_deviation 
_pdbx_validate_rmsd_angle.linker_flag 
1 1 "O4'" C DT 7 ? ? "C1'" C DT 7 ? ? N1 C DT 7 ? ? 110.35 108.30 2.05 0.30 N 
2 1 "O4'" C DG 9 ? ? "C1'" C DG 9 ? ? N9 C DG 9 ? ? 110.77 108.30 2.47 0.30 N 
# 
loop_
_pdbx_unobs_or_zero_occ_atoms.id 
_pdbx_unobs_or_zero_occ_atoms.PDB_model_num 
_pdbx_unobs_or_zero_occ_atoms.polymer_flag 
_pdbx_unobs_or_zero_occ_atoms.occupancy_flag 
_pdbx_unobs_or_zero_occ_atoms.auth_asym_id 
_pdbx_unobs_or_zero_occ_atoms.auth_comp_id 
_pdbx_unobs_or_zero_occ_atoms.auth_seq_id 
_pdbx_unobs_or_zero_occ_atoms.PDB_ins_code 
_pdbx_unobs_or_zero_occ_atoms.auth_atom_id 
_pdbx_unobs_or_zero_occ_atoms.label_alt_id 
_pdbx_unobs_or_zero_occ_atoms.label_asym_id 
_pdbx_unobs_or_zero_occ_atoms.label_comp_id 
_pdbx_unobs_or_zero_occ_atoms.label_seq_id 
_pdbx_unobs_or_zero_occ_atoms.label_atom_id 
1  1 N 1 B CAC 101 ? O1 ? E CAC 1 O1 
2  1 N 1 B CAC 101 ? O2 ? E CAC 1 O2 
3  1 N 1 B CAC 101 ? C1 ? E CAC 1 C1 
4  1 N 1 B CAC 101 ? C2 ? E CAC 1 C2 
5  1 N 1 B CAC 102 ? O1 ? F CAC 1 O1 
6  1 N 1 B CAC 102 ? O2 ? F CAC 1 O2 
7  1 N 1 B CAC 102 ? C1 ? F CAC 1 C1 
8  1 N 1 B CAC 102 ? C2 ? F CAC 1 C2 
9  1 N 1 D CAC 101 ? O1 ? H CAC 1 O1 
10 1 N 1 D CAC 101 ? O2 ? H CAC 1 O2 
11 1 N 1 D CAC 101 ? C1 ? H CAC 1 C1 
12 1 N 1 D CAC 101 ? C2 ? H CAC 1 C2 
# 
loop_
_chem_comp_atom.comp_id 
_chem_comp_atom.atom_id 
_chem_comp_atom.type_symbol 
_chem_comp_atom.pdbx_aromatic_flag 
_chem_comp_atom.pdbx_stereo_config 
_chem_comp_atom.pdbx_ordinal 
CAC AS     AS N N 1   
CAC O1     O  N N 2   
CAC O2     O  N N 3   
CAC C1     C  N N 4   
CAC C2     C  N N 5   
CAC H11    H  N N 6   
CAC H12    H  N N 7   
CAC H13    H  N N 8   
CAC H21    H  N N 9   
CAC H22    H  N N 10  
CAC H23    H  N N 11  
DA  OP3    O  N N 12  
DA  P      P  N N 13  
DA  OP1    O  N N 14  
DA  OP2    O  N N 15  
DA  "O5'"  O  N N 16  
DA  "C5'"  C  N N 17  
DA  "C4'"  C  N R 18  
DA  "O4'"  O  N N 19  
DA  "C3'"  C  N S 20  
DA  "O3'"  O  N N 21  
DA  "C2'"  C  N N 22  
DA  "C1'"  C  N R 23  
DA  N9     N  Y N 24  
DA  C8     C  Y N 25  
DA  N7     N  Y N 26  
DA  C5     C  Y N 27  
DA  C6     C  Y N 28  
DA  N6     N  N N 29  
DA  N1     N  Y N 30  
DA  C2     C  Y N 31  
DA  N3     N  Y N 32  
DA  C4     C  Y N 33  
DA  HOP3   H  N N 34  
DA  HOP2   H  N N 35  
DA  "H5'"  H  N N 36  
DA  "H5''" H  N N 37  
DA  "H4'"  H  N N 38  
DA  "H3'"  H  N N 39  
DA  "HO3'" H  N N 40  
DA  "H2'"  H  N N 41  
DA  "H2''" H  N N 42  
DA  "H1'"  H  N N 43  
DA  H8     H  N N 44  
DA  H61    H  N N 45  
DA  H62    H  N N 46  
DA  H2     H  N N 47  
DC  OP3    O  N N 48  
DC  P      P  N N 49  
DC  OP1    O  N N 50  
DC  OP2    O  N N 51  
DC  "O5'"  O  N N 52  
DC  "C5'"  C  N N 53  
DC  "C4'"  C  N R 54  
DC  "O4'"  O  N N 55  
DC  "C3'"  C  N S 56  
DC  "O3'"  O  N N 57  
DC  "C2'"  C  N N 58  
DC  "C1'"  C  N R 59  
DC  N1     N  N N 60  
DC  C2     C  N N 61  
DC  O2     O  N N 62  
DC  N3     N  N N 63  
DC  C4     C  N N 64  
DC  N4     N  N N 65  
DC  C5     C  N N 66  
DC  C6     C  N N 67  
DC  HOP3   H  N N 68  
DC  HOP2   H  N N 69  
DC  "H5'"  H  N N 70  
DC  "H5''" H  N N 71  
DC  "H4'"  H  N N 72  
DC  "H3'"  H  N N 73  
DC  "HO3'" H  N N 74  
DC  "H2'"  H  N N 75  
DC  "H2''" H  N N 76  
DC  "H1'"  H  N N 77  
DC  H41    H  N N 78  
DC  H42    H  N N 79  
DC  H5     H  N N 80  
DC  H6     H  N N 81  
DG  OP3    O  N N 82  
DG  P      P  N N 83  
DG  OP1    O  N N 84  
DG  OP2    O  N N 85  
DG  "O5'"  O  N N 86  
DG  "C5'"  C  N N 87  
DG  "C4'"  C  N R 88  
DG  "O4'"  O  N N 89  
DG  "C3'"  C  N S 90  
DG  "O3'"  O  N N 91  
DG  "C2'"  C  N N 92  
DG  "C1'"  C  N R 93  
DG  N9     N  Y N 94  
DG  C8     C  Y N 95  
DG  N7     N  Y N 96  
DG  C5     C  Y N 97  
DG  C6     C  N N 98  
DG  O6     O  N N 99  
DG  N1     N  N N 100 
DG  C2     C  N N 101 
DG  N2     N  N N 102 
DG  N3     N  N N 103 
DG  C4     C  Y N 104 
DG  HOP3   H  N N 105 
DG  HOP2   H  N N 106 
DG  "H5'"  H  N N 107 
DG  "H5''" H  N N 108 
DG  "H4'"  H  N N 109 
DG  "H3'"  H  N N 110 
DG  "HO3'" H  N N 111 
DG  "H2'"  H  N N 112 
DG  "H2''" H  N N 113 
DG  "H1'"  H  N N 114 
DG  H8     H  N N 115 
DG  H1     H  N N 116 
DG  H21    H  N N 117 
DG  H22    H  N N 118 
DT  OP3    O  N N 119 
DT  P      P  N N 120 
DT  OP1    O  N N 121 
DT  OP2    O  N N 122 
DT  "O5'"  O  N N 123 
DT  "C5'"  C  N N 124 
DT  "C4'"  C  N R 125 
DT  "O4'"  O  N N 126 
DT  "C3'"  C  N S 127 
DT  "O3'"  O  N N 128 
DT  "C2'"  C  N N 129 
DT  "C1'"  C  N R 130 
DT  N1     N  N N 131 
DT  C2     C  N N 132 
DT  O2     O  N N 133 
DT  N3     N  N N 134 
DT  C4     C  N N 135 
DT  O4     O  N N 136 
DT  C5     C  N N 137 
DT  C7     C  N N 138 
DT  C6     C  N N 139 
DT  HOP3   H  N N 140 
DT  HOP2   H  N N 141 
DT  "H5'"  H  N N 142 
DT  "H5''" H  N N 143 
DT  "H4'"  H  N N 144 
DT  "H3'"  H  N N 145 
DT  "HO3'" H  N N 146 
DT  "H2'"  H  N N 147 
DT  "H2''" H  N N 148 
DT  "H1'"  H  N N 149 
DT  H3     H  N N 150 
DT  H71    H  N N 151 
DT  H72    H  N N 152 
DT  H73    H  N N 153 
DT  H6     H  N N 154 
MG  MG     MG N N 155 
# 
loop_
_chem_comp_bond.comp_id 
_chem_comp_bond.atom_id_1 
_chem_comp_bond.atom_id_2 
_chem_comp_bond.value_order 
_chem_comp_bond.pdbx_aromatic_flag 
_chem_comp_bond.pdbx_stereo_config 
_chem_comp_bond.pdbx_ordinal 
CAC AS    O1     doub N N 1   
CAC AS    O2     sing N N 2   
CAC AS    C1     sing N N 3   
CAC AS    C2     sing N N 4   
CAC C1    H11    sing N N 5   
CAC C1    H12    sing N N 6   
CAC C1    H13    sing N N 7   
CAC C2    H21    sing N N 8   
CAC C2    H22    sing N N 9   
CAC C2    H23    sing N N 10  
DA  OP3   P      sing N N 11  
DA  OP3   HOP3   sing N N 12  
DA  P     OP1    doub N N 13  
DA  P     OP2    sing N N 14  
DA  P     "O5'"  sing N N 15  
DA  OP2   HOP2   sing N N 16  
DA  "O5'" "C5'"  sing N N 17  
DA  "C5'" "C4'"  sing N N 18  
DA  "C5'" "H5'"  sing N N 19  
DA  "C5'" "H5''" sing N N 20  
DA  "C4'" "O4'"  sing N N 21  
DA  "C4'" "C3'"  sing N N 22  
DA  "C4'" "H4'"  sing N N 23  
DA  "O4'" "C1'"  sing N N 24  
DA  "C3'" "O3'"  sing N N 25  
DA  "C3'" "C2'"  sing N N 26  
DA  "C3'" "H3'"  sing N N 27  
DA  "O3'" "HO3'" sing N N 28  
DA  "C2'" "C1'"  sing N N 29  
DA  "C2'" "H2'"  sing N N 30  
DA  "C2'" "H2''" sing N N 31  
DA  "C1'" N9     sing N N 32  
DA  "C1'" "H1'"  sing N N 33  
DA  N9    C8     sing Y N 34  
DA  N9    C4     sing Y N 35  
DA  C8    N7     doub Y N 36  
DA  C8    H8     sing N N 37  
DA  N7    C5     sing Y N 38  
DA  C5    C6     sing Y N 39  
DA  C5    C4     doub Y N 40  
DA  C6    N6     sing N N 41  
DA  C6    N1     doub Y N 42  
DA  N6    H61    sing N N 43  
DA  N6    H62    sing N N 44  
DA  N1    C2     sing Y N 45  
DA  C2    N3     doub Y N 46  
DA  C2    H2     sing N N 47  
DA  N3    C4     sing Y N 48  
DC  OP3   P      sing N N 49  
DC  OP3   HOP3   sing N N 50  
DC  P     OP1    doub N N 51  
DC  P     OP2    sing N N 52  
DC  P     "O5'"  sing N N 53  
DC  OP2   HOP2   sing N N 54  
DC  "O5'" "C5'"  sing N N 55  
DC  "C5'" "C4'"  sing N N 56  
DC  "C5'" "H5'"  sing N N 57  
DC  "C5'" "H5''" sing N N 58  
DC  "C4'" "O4'"  sing N N 59  
DC  "C4'" "C3'"  sing N N 60  
DC  "C4'" "H4'"  sing N N 61  
DC  "O4'" "C1'"  sing N N 62  
DC  "C3'" "O3'"  sing N N 63  
DC  "C3'" "C2'"  sing N N 64  
DC  "C3'" "H3'"  sing N N 65  
DC  "O3'" "HO3'" sing N N 66  
DC  "C2'" "C1'"  sing N N 67  
DC  "C2'" "H2'"  sing N N 68  
DC  "C2'" "H2''" sing N N 69  
DC  "C1'" N1     sing N N 70  
DC  "C1'" "H1'"  sing N N 71  
DC  N1    C2     sing N N 72  
DC  N1    C6     sing N N 73  
DC  C2    O2     doub N N 74  
DC  C2    N3     sing N N 75  
DC  N3    C4     doub N N 76  
DC  C4    N4     sing N N 77  
DC  C4    C5     sing N N 78  
DC  N4    H41    sing N N 79  
DC  N4    H42    sing N N 80  
DC  C5    C6     doub N N 81  
DC  C5    H5     sing N N 82  
DC  C6    H6     sing N N 83  
DG  OP3   P      sing N N 84  
DG  OP3   HOP3   sing N N 85  
DG  P     OP1    doub N N 86  
DG  P     OP2    sing N N 87  
DG  P     "O5'"  sing N N 88  
DG  OP2   HOP2   sing N N 89  
DG  "O5'" "C5'"  sing N N 90  
DG  "C5'" "C4'"  sing N N 91  
DG  "C5'" "H5'"  sing N N 92  
DG  "C5'" "H5''" sing N N 93  
DG  "C4'" "O4'"  sing N N 94  
DG  "C4'" "C3'"  sing N N 95  
DG  "C4'" "H4'"  sing N N 96  
DG  "O4'" "C1'"  sing N N 97  
DG  "C3'" "O3'"  sing N N 98  
DG  "C3'" "C2'"  sing N N 99  
DG  "C3'" "H3'"  sing N N 100 
DG  "O3'" "HO3'" sing N N 101 
DG  "C2'" "C1'"  sing N N 102 
DG  "C2'" "H2'"  sing N N 103 
DG  "C2'" "H2''" sing N N 104 
DG  "C1'" N9     sing N N 105 
DG  "C1'" "H1'"  sing N N 106 
DG  N9    C8     sing Y N 107 
DG  N9    C4     sing Y N 108 
DG  C8    N7     doub Y N 109 
DG  C8    H8     sing N N 110 
DG  N7    C5     sing Y N 111 
DG  C5    C6     sing N N 112 
DG  C5    C4     doub Y N 113 
DG  C6    O6     doub N N 114 
DG  C6    N1     sing N N 115 
DG  N1    C2     sing N N 116 
DG  N1    H1     sing N N 117 
DG  C2    N2     sing N N 118 
DG  C2    N3     doub N N 119 
DG  N2    H21    sing N N 120 
DG  N2    H22    sing N N 121 
DG  N3    C4     sing N N 122 
DT  OP3   P      sing N N 123 
DT  OP3   HOP3   sing N N 124 
DT  P     OP1    doub N N 125 
DT  P     OP2    sing N N 126 
DT  P     "O5'"  sing N N 127 
DT  OP2   HOP2   sing N N 128 
DT  "O5'" "C5'"  sing N N 129 
DT  "C5'" "C4'"  sing N N 130 
DT  "C5'" "H5'"  sing N N 131 
DT  "C5'" "H5''" sing N N 132 
DT  "C4'" "O4'"  sing N N 133 
DT  "C4'" "C3'"  sing N N 134 
DT  "C4'" "H4'"  sing N N 135 
DT  "O4'" "C1'"  sing N N 136 
DT  "C3'" "O3'"  sing N N 137 
DT  "C3'" "C2'"  sing N N 138 
DT  "C3'" "H3'"  sing N N 139 
DT  "O3'" "HO3'" sing N N 140 
DT  "C2'" "C1'"  sing N N 141 
DT  "C2'" "H2'"  sing N N 142 
DT  "C2'" "H2''" sing N N 143 
DT  "C1'" N1     sing N N 144 
DT  "C1'" "H1'"  sing N N 145 
DT  N1    C2     sing N N 146 
DT  N1    C6     sing N N 147 
DT  C2    O2     doub N N 148 
DT  C2    N3     sing N N 149 
DT  N3    C4     sing N N 150 
DT  N3    H3     sing N N 151 
DT  C4    O4     doub N N 152 
DT  C4    C5     sing N N 153 
DT  C5    C7     sing N N 154 
DT  C5    C6     doub N N 155 
DT  C7    H71    sing N N 156 
DT  C7    H72    sing N N 157 
DT  C7    H73    sing N N 158 
DT  C6    H6     sing N N 159 
# 
loop_
_ndb_struct_conf_na.entry_id 
_ndb_struct_conf_na.feature 
6WQG 'double helix'        
6WQG 'a-form double helix' 
6WQG 'b-form double helix' 
# 
loop_
_ndb_struct_na_base_pair.model_number 
_ndb_struct_na_base_pair.i_label_asym_id 
_ndb_struct_na_base_pair.i_label_comp_id 
_ndb_struct_na_base_pair.i_label_seq_id 
_ndb_struct_na_base_pair.i_symmetry 
_ndb_struct_na_base_pair.j_label_asym_id 
_ndb_struct_na_base_pair.j_label_comp_id 
_ndb_struct_na_base_pair.j_label_seq_id 
_ndb_struct_na_base_pair.j_symmetry 
_ndb_struct_na_base_pair.shear 
_ndb_struct_na_base_pair.stretch 
_ndb_struct_na_base_pair.stagger 
_ndb_struct_na_base_pair.buckle 
_ndb_struct_na_base_pair.propeller 
_ndb_struct_na_base_pair.opening 
_ndb_struct_na_base_pair.pair_number 
_ndb_struct_na_base_pair.pair_name 
_ndb_struct_na_base_pair.i_auth_asym_id 
_ndb_struct_na_base_pair.i_auth_seq_id 
_ndb_struct_na_base_pair.i_PDB_ins_code 
_ndb_struct_na_base_pair.j_auth_asym_id 
_ndb_struct_na_base_pair.j_auth_seq_id 
_ndb_struct_na_base_pair.j_PDB_ins_code 
_ndb_struct_na_base_pair.hbond_type_28 
_ndb_struct_na_base_pair.hbond_type_12 
1 A DG 3  1_555 D DC 7 1_555 -0.112 -0.190 0.558  7.023  -9.601  -1.172 1  A_DG3:DC16_D A 3  ? D 16 ? 19 1 
1 A DC 4  1_555 D DG 6 1_555 -0.874 1.372  0.734  7.491  -18.528 19.182 2  A_DC4:DG15_D A 4  ? D 15 ? ?  1 
1 A DA 5  1_555 D DT 5 1_555 0.776  0.480  1.591  9.546  -10.211 2.687  3  A_DA5:DT14_D A 5  ? D 14 ? ?  ? 
1 A DG 6  1_555 D DC 4 1_555 -0.081 -0.272 0.962  5.215  -9.381  -5.376 4  A_DG6:DC13_D A 6  ? D 13 ? 19 1 
1 A DA 7  1_555 D DT 3 1_555 0.109  -0.065 0.267  -0.736 -6.318  -7.871 5  A_DA7:DT12_D A 7  ? D 12 ? 20 1 
1 A DC 8  1_555 D DG 2 1_555 0.181  -0.195 0.550  -1.584 -6.387  0.090  6  A_DC8:DG11_D A 8  ? D 11 ? 19 1 
1 A DG 9  1_555 D DC 1 1_555 -0.276 -0.176 0.429  -0.584 -4.678  0.105  7  A_DG9:DC10_D A 9  ? D 10 ? 19 1 
1 A DT 10 1_555 B DA 5 1_555 -0.195 -0.237 0.408  -1.480 -1.383  -3.832 8  A_DT10:DA5_B A 10 ? B 5  ? 20 1 
1 A DG 11 1_555 B DC 4 1_555 -0.144 -0.128 0.263  6.316  -1.494  0.631  9  A_DG11:DC4_B A 11 ? B 4  ? 19 1 
1 A DA 12 1_555 B DT 3 1_555 0.192  -0.150 0.404  5.337  -7.054  -3.291 10 A_DA12:DT3_B A 12 ? B 3  ? 20 1 
1 A DC 13 1_555 B DG 2 1_555 0.011  -0.350 1.030  -0.762 -12.524 -2.863 11 A_DC13:DG2_B A 13 ? B 2  ? 19 1 
1 A DT 14 1_555 B DA 1 1_555 -0.289 -0.184 0.905  -0.931 -10.955 -8.820 12 A_DT14:DA1_B A 14 ? B 1  ? 20 1 
1 A DC 15 1_555 C DG 9 1_555 0.141  -0.212 0.734  1.550  -2.048  1.168  13 A_DC15:DG9_C A 15 ? C 9  ? 19 1 
1 A DC 16 1_555 C DG 8 1_555 0.172  -0.241 0.970  6.921  -1.869  2.144  14 A_DC16:DG8_C A 16 ? C 8  ? 19 1 
1 A DA 17 1_555 C DT 7 1_555 0.193  -0.070 0.418  -0.487 -11.483 -3.698 15 A_DA17:DT7_C A 17 ? C 7  ? 20 1 
1 A DC 18 1_555 C DG 6 1_555 0.205  -0.113 0.033  5.088  -4.176  -0.202 16 A_DC18:DG6_C A 18 ? C 6  ? 19 1 
1 A DT 19 1_555 C DA 5 1_555 -0.166 -0.054 -0.188 15.971 -8.650  0.302  17 A_DT19:DA5_C A 19 ? C 5  ? 20 1 
1 A DA 21 1_555 C DG 4 1_555 1.372  2.713  2.419  17.055 -23.934 41.241 18 A_DA21:DG4_C A 21 ? C 4  ? ?  ? 
# 
loop_
_ndb_struct_na_base_pair_step.model_number 
_ndb_struct_na_base_pair_step.i_label_asym_id_1 
_ndb_struct_na_base_pair_step.i_label_comp_id_1 
_ndb_struct_na_base_pair_step.i_label_seq_id_1 
_ndb_struct_na_base_pair_step.i_symmetry_1 
_ndb_struct_na_base_pair_step.j_label_asym_id_1 
_ndb_struct_na_base_pair_step.j_label_comp_id_1 
_ndb_struct_na_base_pair_step.j_label_seq_id_1 
_ndb_struct_na_base_pair_step.j_symmetry_1 
_ndb_struct_na_base_pair_step.i_label_asym_id_2 
_ndb_struct_na_base_pair_step.i_label_comp_id_2 
_ndb_struct_na_base_pair_step.i_label_seq_id_2 
_ndb_struct_na_base_pair_step.i_symmetry_2 
_ndb_struct_na_base_pair_step.j_label_asym_id_2 
_ndb_struct_na_base_pair_step.j_label_comp_id_2 
_ndb_struct_na_base_pair_step.j_label_seq_id_2 
_ndb_struct_na_base_pair_step.j_symmetry_2 
_ndb_struct_na_base_pair_step.shift 
_ndb_struct_na_base_pair_step.slide 
_ndb_struct_na_base_pair_step.rise 
_ndb_struct_na_base_pair_step.tilt 
_ndb_struct_na_base_pair_step.roll 
_ndb_struct_na_base_pair_step.twist 
_ndb_struct_na_base_pair_step.x_displacement 
_ndb_struct_na_base_pair_step.y_displacement 
_ndb_struct_na_base_pair_step.helical_rise 
_ndb_struct_na_base_pair_step.inclination 
_ndb_struct_na_base_pair_step.tip 
_ndb_struct_na_base_pair_step.helical_twist 
_ndb_struct_na_base_pair_step.step_number 
_ndb_struct_na_base_pair_step.step_name 
_ndb_struct_na_base_pair_step.i_auth_asym_id_1 
_ndb_struct_na_base_pair_step.i_auth_seq_id_1 
_ndb_struct_na_base_pair_step.i_PDB_ins_code_1 
_ndb_struct_na_base_pair_step.j_auth_asym_id_1 
_ndb_struct_na_base_pair_step.j_auth_seq_id_1 
_ndb_struct_na_base_pair_step.j_PDB_ins_code_1 
_ndb_struct_na_base_pair_step.i_auth_asym_id_2 
_ndb_struct_na_base_pair_step.i_auth_seq_id_2 
_ndb_struct_na_base_pair_step.i_PDB_ins_code_2 
_ndb_struct_na_base_pair_step.j_auth_asym_id_2 
_ndb_struct_na_base_pair_step.j_auth_seq_id_2 
_ndb_struct_na_base_pair_step.j_PDB_ins_code_2 
1 A DG 3  1_555 D DC 7 1_555 A DC 4  1_555 D DG 6 1_555 0.784  -0.440 3.254 1.285  -0.945 27.466 -0.694 -1.332 3.299 -1.989 -2.703 
27.512 1  AA_DG3DC4:DG15DC16_DD A 3  ? D 16 ? A 4  ? D 15 ? 
1 A DC 4  1_555 D DG 6 1_555 A DA 5  1_555 D DT 5 1_555 -0.711 1.221  3.314 -5.794 -4.868 46.736 1.920  0.412  3.240 -6.089 7.248 
47.311 2  AA_DC4DA5:DT14DG15_DD A 4  ? D 15 ? A 5  ? D 14 ? 
1 A DA 5  1_555 D DT 5 1_555 A DG 6  1_555 D DC 4 1_555 -0.287 -0.643 3.415 -3.134 2.699  28.955 -1.881 -0.139 3.354 5.363  6.229 
29.243 3  AA_DA5DG6:DC13DT14_DD A 5  ? D 14 ? A 6  ? D 13 ? 
1 A DG 6  1_555 D DC 4 1_555 A DA 7  1_555 D DT 3 1_555 -0.506 -1.276 3.409 -0.016 -0.767 37.573 -1.876 0.783  3.434 -1.191 0.025 
37.580 4  AA_DG6DA7:DT12DC13_DD A 6  ? D 13 ? A 7  ? D 12 ? 
1 A DA 7  1_555 D DT 3 1_555 A DC 8  1_555 D DG 2 1_555 0.567  -1.166 3.441 -4.926 -0.792 31.428 -1.975 -1.974 3.344 -1.451 9.022 
31.812 5  AA_DA7DC8:DG11DT12_DD A 7  ? D 12 ? A 8  ? D 11 ? 
1 A DC 8  1_555 D DG 2 1_555 A DG 9  1_555 D DC 1 1_555 -0.779 -1.528 3.112 -4.389 -1.128 31.931 -2.556 0.641  3.238 -2.037 7.928 
32.243 6  AA_DC8DG9:DC10DG11_DD A 8  ? D 11 ? A 9  ? D 10 ? 
1 A DG 9  1_555 D DC 1 1_555 A DT 10 1_555 B DA 5 1_555 -1.023 -1.111 3.355 -0.376 -0.318 30.589 -2.041 1.863  3.378 -0.603 0.713 
30.593 7  AA_DG9DT10:DA5DC10_BD A 9  ? D 10 ? A 10 ? B 5  ? 
1 A DT 10 1_555 B DA 5 1_555 A DG 11 1_555 B DC 4 1_555 -0.293 0.151  3.199 -1.077 2.641  30.444 -0.226 0.345  3.209 5.016  2.045 
30.574 8  AA_DT10DG11:DC4DA5_BB A 10 ? B 5  ? A 11 ? B 4  ? 
1 A DG 11 1_555 B DC 4 1_555 A DA 12 1_555 B DT 3 1_555 0.323  -0.510 3.172 -0.806 3.339  37.771 -1.196 -0.596 3.110 5.145  1.242 
37.921 9  AA_DG11DA12:DT3DC4_BB A 11 ? B 4  ? A 12 ? B 3  ? 
1 A DA 12 1_555 B DT 3 1_555 A DC 13 1_555 B DG 2 1_555 0.879  -1.291 3.319 -6.026 -0.643 31.193 -2.242 -2.705 3.124 -1.183 11.075 
31.762 10 AA_DA12DC13:DG2DT3_BB A 12 ? B 3  ? A 13 ? B 2  ? 
1 A DC 13 1_555 B DG 2 1_555 A DT 14 1_555 B DA 1 1_555 -0.803 -1.307 3.146 -0.656 -2.785 34.969 -1.760 1.236  3.251 -4.626 1.089 
35.082 11 AA_DC13DT14:DA1DG2_BB A 13 ? B 2  ? A 14 ? B 1  ? 
1 A DT 14 1_555 B DA 1 1_555 A DC 15 1_555 C DG 9 1_555 -0.410 -1.106 3.022 -0.785 -1.807 35.031 -1.583 0.571  3.082 -2.999 1.302 
35.085 12 AA_DT14DC15:DG9DA1_CB A 14 ? B 1  ? A 15 ? C 9  ? 
1 A DC 15 1_555 C DG 9 1_555 A DC 16 1_555 C DG 8 1_555 -0.487 -0.208 3.257 -0.432 6.823  24.038 -2.493 0.999  3.088 15.973 1.011 
24.978 13 AA_DC15DC16:DG8DG9_CC A 15 ? C 9  ? A 16 ? C 8  ? 
1 A DC 16 1_555 C DG 8 1_555 A DA 17 1_555 C DT 7 1_555 -0.418 1.948  3.545 1.745  -6.814 48.078 2.916  0.648  3.241 -8.311 -2.128 
48.559 14 AA_DC16DA17:DT7DG8_CC A 16 ? C 8  ? A 17 ? C 7  ? 
1 A DA 17 1_555 C DT 7 1_555 A DC 18 1_555 C DG 6 1_555 -0.008 -0.911 3.163 -0.698 0.144  30.479 -1.761 -0.119 3.158 0.274  1.328 
30.488 15 AA_DA17DC18:DG6DT7_CC A 17 ? C 7  ? A 18 ? C 6  ? 
1 A DC 18 1_555 C DG 6 1_555 A DT 19 1_555 C DA 5 1_555 0.207  -0.022 2.995 5.374  4.085  33.117 -0.646 0.445  2.967 7.075  -9.308 
33.780 16 AA_DC18DT19:DA5DG6_CC A 18 ? C 6  ? A 19 ? C 5  ? 
1 A DT 19 1_555 C DA 5 1_555 A DA 21 1_555 C DG 4 1_555 0.737  2.483  5.190 14.161 1.146  56.315 2.464  0.466  5.267 1.193  
-14.745 57.937 17 AA_DT19DA21:DG4DA5_CC A 19 ? C 5  ? A 21 ? C 4  ? 
# 
loop_
_pdbx_audit_support.funding_organization 
_pdbx_audit_support.country 
_pdbx_audit_support.grant_number 
_pdbx_audit_support.ordinal 
'National Science Foundation (NSF, United States)'                                         'United States' 1360635     1 
'National Institutes of Health/National Institute of General Medical Sciences (NIH/NIGMS)' 'United States' R01GM104960 2 
'National Science Foundation (NSF, United States)'                                         'United States' NSF2004250  3 
# 
loop_
_pdbx_entity_nonpoly.entity_id 
_pdbx_entity_nonpoly.name 
_pdbx_entity_nonpoly.comp_id 
5 'CACODYLATE ION' CAC 
6 'MAGNESIUM ION'  MG  
# 
_pdbx_initial_refinement_model.id               1 
_pdbx_initial_refinement_model.entity_id_list   ? 
_pdbx_initial_refinement_model.type             'experimental model' 
_pdbx_initial_refinement_model.source_name      PDB 
_pdbx_initial_refinement_model.accession_code   5KEK 
_pdbx_initial_refinement_model.details          ? 
# 
_pdbx_struct_assembly_auth_evidence.id                     1 
_pdbx_struct_assembly_auth_evidence.assembly_id            1 
_pdbx_struct_assembly_auth_evidence.experimental_support   none 
_pdbx_struct_assembly_auth_evidence.details                ? 
# 
